data_2FSG
#
_entry.id   2FSG
#
_cell.length_a   75.382
_cell.length_b   89.478
_cell.length_c   163.349
_cell.angle_alpha   90.00
_cell.angle_beta   100.73
_cell.angle_gamma   90.00
#
_symmetry.space_group_name_H-M   'P 1 21 1'
#
loop_
_entity.id
_entity.type
_entity.pdbx_description
1 polymer 'Preprotein translocase secA subunit'
2 non-polymer "ADENOSINE-5'-TRIPHOSPHATE"
3 water water
#
_entity_poly.entity_id   1
_entity_poly.type   'polypeptide(L)'
_entity_poly.pdbx_seq_one_letter_code
;VFGSRNDRTLRR(MSE)RKVVNIINA(MSE)EPE(MSE)EKLSDEELKGKTAEFRARLEKGEVLENLIPEAFAVVREASK
RVFG(MSE)RHFDVQLLGG(MSE)VLNERCIAE(MSE)RTGEGKTLTATLPAYLNALTGKGVHVVTVNDYLAQRDAENNR
PLFEFLGLTVGINLPG(MSE)PAPAKREAYAADITYGTNNEYGFDYLRDN(MSE)AFSPEERVQRKLHYALVDEVDSILI
DEARTPLIISGPAEDSSE(MSE)YKRVNKIIPHLIRQEKEDSETFQGEGHFSVDEKSRQVNLTERGLVLIEELLVKEGI
(MSE)DEGESLYSPANI(MSE)L(MSE)HHVTAALRAHALFTRDVDYIVKDGEVIIVDEHTGRT(MSE)QGRRWSDGLHQ
AVEAKEGVQIQNENQTLASITFQNYFRLYEKLAG(MSE)TGTADTEAFEFSSIYKLDTVVVPTNRP(MSE)IRKDLPDLV
Y(MSE)TEAEKIQAIIEDIKERTAKGQPVLVGTISIEKSELVSNELTKAGIKHNVLNAKFHANEAAIVAQAGYPAAVTIA
TN(MSE)AGRGTDIVLGGSWQAEVAALENPTAEQIEKIKADWQVRHDAVLEAGGLHIIGTERHESRRIDNQLRGRSGRQG
DAGSSRFYLS(MSE)EDAL(MSE)RIFASDRVSG(MSE)(MSE)RKLG(MSE)KPGEAIEHPWVTKAIANAQRKVESRNF
DIRKQLLEYDDVANDQRRAIYSQRNELLDVSDVSETINSIREDVFKATIDAYIPPQSLEE(MSE)WDIPGLQERLKNDFD
LDLPIAEWLDKEPELHEETLRERILAQSIEVYQRKEEVVGAE(MSE)(MSE)RHFEKGV(MSE)LQTLDSLWKEHLAA
(MSE)DYLRQGIHLRGYAQKDPKQEYKRESFS(MSE)FAA(MSE)LESLKYEVISTLSKVQVR(MSE)PEEVEELEQQRR
(MSE)EAERLAQ(MSE)QQLSHQD
;
_entity_poly.pdbx_strand_id   A,B
#
loop_
_chem_comp.id
_chem_comp.type
_chem_comp.name
_chem_comp.formula
ATP non-polymer ADENOSINE-5'-TRIPHOSPHATE 'C10 H16 N5 O13 P3'
#
# COMPACT_ATOMS: atom_id res chain seq x y z
N ARG A 8 -19.98 -40.45 -9.30
CA ARG A 8 -19.19 -41.67 -8.98
C ARG A 8 -17.79 -41.36 -8.38
N THR A 9 -17.12 -40.32 -8.89
CA THR A 9 -15.64 -40.19 -8.74
C THR A 9 -15.22 -40.11 -7.24
N LEU A 10 -15.89 -39.25 -6.51
CA LEU A 10 -15.80 -39.16 -5.05
C LEU A 10 -16.10 -40.42 -4.29
N ARG A 11 -17.23 -41.08 -4.56
CA ARG A 11 -17.57 -42.33 -3.86
C ARG A 11 -16.67 -43.50 -4.23
N ARG A 12 -16.11 -43.40 -5.42
CA ARG A 12 -15.19 -44.37 -5.94
C ARG A 12 -13.79 -44.12 -5.39
N MSE A 13 -13.41 -42.84 -5.26
CA MSE A 13 -12.20 -42.47 -4.62
C MSE A 13 -12.19 -42.88 -3.15
O MSE A 13 -11.19 -43.27 -2.61
CB MSE A 13 -11.98 -40.99 -4.80
CG MSE A 13 -11.64 -40.59 -6.26
SE MSE A 13 -11.05 -38.69 -6.43
CE MSE A 13 -10.28 -38.60 -8.45
N ARG A 14 -13.32 -42.80 -2.49
CA ARG A 14 -13.41 -43.18 -1.10
C ARG A 14 -13.08 -44.63 -0.85
N LYS A 15 -13.32 -45.45 -1.85
CA LYS A 15 -13.01 -46.90 -1.79
C LYS A 15 -11.51 -47.11 -1.71
N VAL A 16 -10.86 -46.35 -2.54
CA VAL A 16 -9.41 -46.31 -2.59
C VAL A 16 -8.79 -45.88 -1.26
N VAL A 17 -9.32 -44.80 -0.69
CA VAL A 17 -8.96 -44.34 0.63
C VAL A 17 -9.10 -45.44 1.67
N ASN A 18 -10.20 -46.17 1.63
CA ASN A 18 -10.32 -47.34 2.48
C ASN A 18 -9.22 -48.32 2.32
N ILE A 19 -8.71 -48.47 1.09
CA ILE A 19 -7.58 -49.37 0.81
C ILE A 19 -6.27 -48.83 1.43
N ILE A 20 -5.94 -47.62 1.06
CA ILE A 20 -4.87 -46.95 1.73
C ILE A 20 -4.99 -46.99 3.27
N ASN A 21 -6.14 -46.71 3.87
CA ASN A 21 -6.20 -46.78 5.32
C ASN A 21 -5.85 -48.19 5.79
N ALA A 22 -6.24 -49.18 5.05
CA ALA A 22 -6.07 -50.56 5.52
C ALA A 22 -4.61 -51.09 5.41
N MSE A 23 -3.78 -50.38 4.63
CA MSE A 23 -2.37 -50.70 4.42
C MSE A 23 -1.38 -50.09 5.44
O MSE A 23 -0.16 -50.29 5.32
CB MSE A 23 -1.97 -50.20 3.06
CG MSE A 23 -2.76 -50.77 1.86
SE MSE A 23 -1.83 -50.08 0.21
CE MSE A 23 -0.16 -51.39 0.41
N GLU A 24 -1.87 -49.31 6.39
CA GLU A 24 -1.01 -48.49 7.23
C GLU A 24 -0.24 -49.34 8.23
N PRO A 25 -0.93 -50.33 8.82
CA PRO A 25 -0.20 -51.33 9.64
C PRO A 25 0.99 -51.94 8.90
N GLU A 26 0.79 -52.36 7.66
CA GLU A 26 1.87 -52.82 6.80
C GLU A 26 3.05 -51.81 6.83
N MSE A 27 2.79 -50.58 6.38
CA MSE A 27 3.78 -49.52 6.25
C MSE A 27 4.48 -49.12 7.52
O MSE A 27 5.66 -48.78 7.50
CB MSE A 27 3.08 -48.25 5.77
CG MSE A 27 2.33 -48.35 4.46
SE MSE A 27 3.45 -48.82 2.89
CE MSE A 27 3.13 -50.90 2.90
N GLU A 28 3.76 -49.15 8.66
CA GLU A 28 4.37 -48.88 9.97
C GLU A 28 5.52 -49.88 10.27
N LYS A 29 5.48 -51.02 9.58
CA LYS A 29 6.36 -52.19 9.84
C LYS A 29 7.65 -52.08 9.06
N LEU A 30 7.57 -51.39 7.94
CA LEU A 30 8.71 -50.99 7.15
C LEU A 30 9.73 -50.09 7.82
N SER A 31 11.00 -50.37 7.59
CA SER A 31 12.04 -49.44 7.95
C SER A 31 12.02 -48.30 6.95
N ASP A 32 12.75 -47.25 7.30
CA ASP A 32 12.94 -46.12 6.43
C ASP A 32 13.56 -46.55 5.09
N GLU A 33 14.55 -47.45 5.15
CA GLU A 33 15.22 -47.95 3.93
C GLU A 33 14.27 -48.78 3.06
N GLU A 34 13.40 -49.55 3.71
CA GLU A 34 12.31 -50.27 3.04
C GLU A 34 11.38 -49.30 2.35
N LEU A 35 10.86 -48.33 3.12
CA LEU A 35 10.18 -47.23 2.50
C LEU A 35 10.96 -46.52 1.34
N LYS A 36 12.20 -46.14 1.51
CA LYS A 36 12.93 -45.61 0.36
C LYS A 36 12.86 -46.57 -0.86
N GLY A 37 12.95 -47.85 -0.52
CA GLY A 37 12.88 -48.89 -1.51
C GLY A 37 11.65 -48.96 -2.41
N LYS A 38 10.48 -48.61 -1.87
CA LYS A 38 9.21 -48.73 -2.62
C LYS A 38 9.24 -47.96 -3.94
N THR A 39 10.03 -46.88 -3.96
CA THR A 39 10.14 -46.06 -5.16
C THR A 39 10.77 -46.85 -6.30
N ALA A 40 11.87 -47.56 -6.04
CA ALA A 40 12.46 -48.52 -7.04
C ALA A 40 11.58 -49.65 -7.43
N GLU A 41 10.85 -50.15 -6.48
CA GLU A 41 9.82 -51.19 -6.75
C GLU A 41 8.68 -50.73 -7.70
N PHE A 42 8.11 -49.57 -7.36
CA PHE A 42 7.06 -48.98 -8.18
C PHE A 42 7.55 -48.83 -9.65
N ARG A 43 8.73 -48.23 -9.83
CA ARG A 43 9.37 -47.99 -11.13
C ARG A 43 9.65 -49.20 -11.99
N ALA A 44 10.08 -50.26 -11.32
CA ALA A 44 10.26 -51.54 -11.94
C ALA A 44 8.96 -52.18 -12.47
N ARG A 45 7.92 -52.13 -11.62
CA ARG A 45 6.53 -52.51 -11.99
C ARG A 45 6.09 -51.69 -13.20
N LEU A 46 6.36 -50.43 -13.13
CA LEU A 46 6.08 -49.54 -14.25
C LEU A 46 6.85 -49.93 -15.50
N GLU A 47 8.12 -50.27 -15.35
CA GLU A 47 8.91 -50.71 -16.50
C GLU A 47 8.25 -51.92 -17.17
N LYS A 48 7.70 -52.80 -16.33
CA LYS A 48 7.06 -54.05 -16.78
C LYS A 48 5.60 -53.85 -17.23
N GLY A 49 5.11 -52.60 -17.33
CA GLY A 49 3.81 -52.35 -17.95
C GLY A 49 2.63 -51.95 -17.03
N GLU A 50 2.87 -51.76 -15.73
CA GLU A 50 1.84 -51.48 -14.76
C GLU A 50 1.26 -50.16 -15.04
N VAL A 51 -0.06 -50.00 -14.89
CA VAL A 51 -0.66 -48.64 -15.01
C VAL A 51 -0.48 -47.79 -13.76
N LEU A 52 -0.03 -46.54 -13.95
CA LEU A 52 0.26 -45.66 -12.83
C LEU A 52 -0.87 -45.59 -11.74
N GLU A 53 -2.10 -45.54 -12.20
CA GLU A 53 -3.23 -45.44 -11.30
C GLU A 53 -3.38 -46.65 -10.41
N ASN A 54 -2.90 -47.79 -10.87
CA ASN A 54 -2.91 -48.99 -10.02
C ASN A 54 -2.03 -48.84 -8.81
N LEU A 55 -1.08 -47.92 -8.82
CA LEU A 55 -0.12 -47.72 -7.72
C LEU A 55 -0.68 -46.77 -6.62
N ILE A 56 -1.82 -46.13 -6.89
CA ILE A 56 -2.18 -44.94 -6.04
C ILE A 56 -2.24 -45.46 -4.59
N PRO A 57 -2.91 -46.57 -4.38
CA PRO A 57 -3.05 -47.06 -2.94
C PRO A 57 -1.72 -47.22 -2.20
N GLU A 58 -0.81 -47.99 -2.78
CA GLU A 58 0.52 -48.17 -2.23
C GLU A 58 1.39 -46.95 -2.19
N ALA A 59 1.34 -46.15 -3.25
CA ALA A 59 2.22 -45.01 -3.30
C ALA A 59 1.87 -43.95 -2.26
N PHE A 60 0.57 -43.59 -2.27
CA PHE A 60 -0.03 -42.64 -1.29
C PHE A 60 0.16 -43.13 0.18
N ALA A 61 -0.01 -44.39 0.43
CA ALA A 61 0.20 -44.93 1.80
C ALA A 61 1.73 -44.83 2.18
N VAL A 62 2.61 -45.05 1.21
CA VAL A 62 4.00 -44.84 1.46
C VAL A 62 4.26 -43.35 1.74
N VAL A 63 3.60 -42.46 1.01
CA VAL A 63 3.91 -41.02 1.10
C VAL A 63 3.38 -40.54 2.49
N ARG A 64 2.24 -41.06 2.92
CA ARG A 64 1.69 -40.76 4.24
C ARG A 64 2.61 -41.20 5.42
N GLU A 65 3.23 -42.40 5.32
CA GLU A 65 4.11 -42.94 6.33
C GLU A 65 5.44 -42.21 6.35
N ALA A 66 5.97 -41.97 5.14
CA ALA A 66 7.15 -41.11 4.95
C ALA A 66 6.93 -39.72 5.59
N SER A 67 5.76 -39.11 5.34
CA SER A 67 5.40 -37.82 5.98
C SER A 67 5.28 -37.97 7.48
N LYS A 68 4.72 -39.06 7.98
CA LYS A 68 4.57 -39.20 9.44
C LYS A 68 5.95 -39.17 10.09
N ARG A 69 6.89 -39.89 9.49
CA ARG A 69 8.21 -40.01 10.00
C ARG A 69 9.00 -38.71 9.77
N VAL A 70 8.88 -38.08 8.60
CA VAL A 70 9.75 -36.97 8.25
C VAL A 70 9.17 -35.63 8.75
N PHE A 71 7.86 -35.50 8.69
CA PHE A 71 7.19 -34.27 9.04
C PHE A 71 6.56 -34.29 10.30
N GLY A 72 6.19 -35.47 10.79
CA GLY A 72 5.36 -35.49 11.95
C GLY A 72 3.92 -35.21 11.58
N MSE A 73 3.58 -35.40 10.31
CA MSE A 73 2.22 -35.20 9.74
C MSE A 73 1.74 -36.36 8.91
O MSE A 73 2.45 -36.82 7.99
CB MSE A 73 2.19 -33.97 8.84
CG MSE A 73 2.43 -32.75 9.63
SE MSE A 73 2.47 -31.15 8.48
CE MSE A 73 3.69 -31.53 7.17
N ARG A 74 0.54 -36.81 9.23
CA ARG A 74 -0.19 -37.89 8.53
C ARG A 74 -1.29 -37.23 7.72
N HIS A 75 -1.18 -37.29 6.39
CA HIS A 75 -2.27 -36.88 5.51
C HIS A 75 -3.58 -37.42 5.97
N PHE A 76 -4.55 -36.53 6.08
CA PHE A 76 -5.94 -36.93 6.35
C PHE A 76 -6.65 -37.55 5.13
N ASP A 77 -7.73 -38.28 5.36
CA ASP A 77 -8.44 -38.86 4.22
C ASP A 77 -8.76 -37.84 3.08
N VAL A 78 -9.31 -36.68 3.42
CA VAL A 78 -9.71 -35.70 2.42
C VAL A 78 -8.53 -35.26 1.61
N GLN A 79 -7.35 -35.35 2.23
CA GLN A 79 -6.09 -35.04 1.55
C GLN A 79 -5.65 -36.11 0.55
N LEU A 80 -5.98 -37.37 0.81
CA LEU A 80 -5.81 -38.47 -0.19
C LEU A 80 -6.76 -38.25 -1.38
N LEU A 81 -8.02 -37.94 -1.04
CA LEU A 81 -8.98 -37.53 -2.09
C LEU A 81 -8.41 -36.42 -2.88
N GLY A 82 -7.98 -35.36 -2.22
CA GLY A 82 -7.46 -34.26 -3.07
C GLY A 82 -6.35 -34.70 -4.02
N GLY A 83 -5.39 -35.49 -3.53
CA GLY A 83 -4.23 -35.86 -4.28
C GLY A 83 -4.59 -36.72 -5.49
N MSE A 84 -5.63 -37.55 -5.36
CA MSE A 84 -6.19 -38.32 -6.42
C MSE A 84 -6.79 -37.48 -7.48
O MSE A 84 -6.64 -37.74 -8.63
CB MSE A 84 -7.32 -39.19 -5.86
CG MSE A 84 -6.81 -40.57 -5.47
SE MSE A 84 -8.17 -41.71 -4.49
CE MSE A 84 -7.57 -41.51 -2.68
N VAL A 85 -7.58 -36.51 -7.09
CA VAL A 85 -8.15 -35.53 -7.99
C VAL A 85 -7.04 -34.89 -8.84
N LEU A 86 -5.95 -34.57 -8.19
CA LEU A 86 -4.90 -33.82 -8.78
C LEU A 86 -4.08 -34.74 -9.74
N ASN A 87 -4.32 -36.08 -9.69
CA ASN A 87 -3.71 -36.94 -10.66
C ASN A 87 -4.42 -36.85 -12.00
N GLU A 88 -5.67 -36.40 -11.99
CA GLU A 88 -6.50 -36.28 -13.18
C GLU A 88 -6.37 -34.86 -13.79
N ARG A 89 -6.93 -34.62 -14.99
CA ARG A 89 -6.85 -33.30 -15.60
C ARG A 89 -7.93 -32.42 -14.95
N CYS A 90 -7.54 -31.95 -13.77
CA CYS A 90 -8.54 -31.49 -12.86
C CYS A 90 -8.04 -30.50 -11.80
N ILE A 91 -8.96 -29.61 -11.42
CA ILE A 91 -8.80 -28.60 -10.39
C ILE A 91 -9.43 -29.17 -9.10
N ALA A 92 -8.58 -29.29 -8.04
CA ALA A 92 -9.05 -29.52 -6.64
C ALA A 92 -9.36 -28.21 -5.89
N GLU A 93 -10.65 -28.13 -5.53
CA GLU A 93 -11.10 -27.12 -4.63
C GLU A 93 -11.06 -27.62 -3.21
N MSE A 94 -10.17 -27.01 -2.46
CA MSE A 94 -10.05 -27.24 -1.04
C MSE A 94 -10.14 -25.96 -0.28
O MSE A 94 -9.45 -25.01 -0.59
CB MSE A 94 -8.71 -27.88 -0.75
CG MSE A 94 -8.74 -29.29 -1.14
SE MSE A 94 -6.91 -30.08 -1.37
CE MSE A 94 -6.27 -28.88 -2.75
N ARG A 95 -10.98 -25.93 0.75
CA ARG A 95 -11.10 -24.77 1.57
C ARG A 95 -9.76 -24.39 2.26
N THR A 96 -9.62 -23.10 2.51
CA THR A 96 -8.50 -22.55 3.29
C THR A 96 -8.34 -23.29 4.62
N GLY A 97 -7.08 -23.64 4.82
CA GLY A 97 -6.65 -24.27 6.05
C GLY A 97 -6.61 -25.75 5.90
N GLU A 98 -6.98 -26.28 4.74
CA GLU A 98 -7.15 -27.74 4.58
C GLU A 98 -5.87 -28.47 4.26
N GLY A 99 -4.80 -27.75 4.00
CA GLY A 99 -3.47 -28.34 3.86
C GLY A 99 -3.15 -28.72 2.42
N LYS A 100 -3.40 -27.75 1.54
CA LYS A 100 -3.11 -27.90 0.13
C LYS A 100 -1.71 -28.25 -0.15
N THR A 101 -0.83 -27.73 0.69
CA THR A 101 0.61 -27.86 0.42
C THR A 101 1.10 -29.27 0.69
N LEU A 102 0.63 -29.82 1.79
CA LEU A 102 0.89 -31.24 2.08
C LEU A 102 0.15 -32.15 1.09
N THR A 103 -1.11 -31.85 0.84
CA THR A 103 -1.91 -32.60 -0.15
C THR A 103 -1.13 -32.82 -1.52
N ALA A 104 -0.49 -31.74 -1.99
CA ALA A 104 0.17 -31.71 -3.26
C ALA A 104 1.37 -32.69 -3.37
N THR A 105 1.98 -33.08 -2.23
CA THR A 105 3.09 -34.00 -2.17
C THR A 105 2.66 -35.34 -2.68
N LEU A 106 1.38 -35.66 -2.52
CA LEU A 106 0.91 -36.96 -3.04
C LEU A 106 0.97 -37.13 -4.59
N PRO A 107 0.31 -36.24 -5.35
CA PRO A 107 0.38 -36.39 -6.81
C PRO A 107 1.75 -36.11 -7.36
N ALA A 108 2.53 -35.34 -6.62
CA ALA A 108 3.85 -34.98 -7.14
C ALA A 108 4.68 -36.21 -7.08
N TYR A 109 4.69 -36.83 -5.93
CA TYR A 109 5.29 -38.13 -5.85
C TYR A 109 4.85 -39.12 -6.95
N LEU A 110 3.54 -39.38 -7.09
CA LEU A 110 3.07 -40.33 -8.04
C LEU A 110 3.59 -40.03 -9.46
N ASN A 111 3.48 -38.75 -9.83
CA ASN A 111 3.74 -38.35 -11.20
C ASN A 111 5.24 -38.12 -11.45
N ALA A 112 6.07 -38.32 -10.43
CA ALA A 112 7.48 -38.34 -10.59
C ALA A 112 8.02 -39.76 -10.97
N LEU A 113 7.27 -40.76 -10.56
CA LEU A 113 7.66 -42.11 -10.72
C LEU A 113 8.05 -42.54 -12.14
N THR A 114 7.35 -42.11 -13.20
CA THR A 114 7.81 -42.53 -14.58
C THR A 114 9.11 -41.87 -15.05
N GLY A 115 9.69 -40.98 -14.28
CA GLY A 115 10.96 -40.45 -14.65
C GLY A 115 10.91 -39.39 -15.71
N LYS A 116 9.76 -38.70 -15.83
CA LYS A 116 9.55 -37.66 -16.81
C LYS A 116 9.48 -36.27 -16.21
N GLY A 117 9.43 -36.22 -14.89
CA GLY A 117 9.50 -34.98 -14.17
C GLY A 117 8.20 -34.40 -13.78
N VAL A 118 8.26 -33.48 -12.84
CA VAL A 118 7.07 -32.80 -12.30
C VAL A 118 7.37 -31.34 -12.14
N HIS A 119 6.49 -30.48 -12.62
CA HIS A 119 6.60 -29.07 -12.33
C HIS A 119 5.50 -28.57 -11.39
N VAL A 120 5.88 -28.32 -10.15
CA VAL A 120 5.05 -27.62 -9.22
C VAL A 120 5.18 -26.10 -9.51
N VAL A 121 4.03 -25.46 -9.79
CA VAL A 121 3.97 -24.10 -10.16
C VAL A 121 3.47 -23.19 -9.04
N THR A 122 4.32 -22.24 -8.66
CA THR A 122 4.10 -21.30 -7.53
C THR A 122 3.96 -19.92 -8.06
N VAL A 123 3.36 -19.14 -7.23
CA VAL A 123 2.96 -17.80 -7.60
C VAL A 123 4.17 -16.88 -7.48
N ASN A 124 5.24 -17.29 -6.79
CA ASN A 124 6.38 -16.41 -6.50
C ASN A 124 7.62 -17.22 -6.07
N ASP A 125 8.79 -16.59 -6.08
CA ASP A 125 10.09 -17.27 -5.91
C ASP A 125 10.30 -17.69 -4.45
N TYR A 126 9.80 -16.90 -3.50
CA TYR A 126 9.82 -17.29 -2.07
C TYR A 126 9.20 -18.69 -1.82
N LEU A 127 8.00 -18.91 -2.37
CA LEU A 127 7.31 -20.18 -2.16
C LEU A 127 7.98 -21.33 -2.93
N ALA A 128 8.50 -21.08 -4.11
CA ALA A 128 9.18 -22.13 -4.81
C ALA A 128 10.35 -22.65 -3.97
N GLN A 129 11.17 -21.75 -3.38
CA GLN A 129 12.31 -22.16 -2.57
C GLN A 129 11.89 -22.72 -1.24
N ARG A 130 10.95 -22.02 -0.61
CA ARG A 130 10.40 -22.48 0.64
C ARG A 130 9.98 -23.96 0.54
N ASP A 131 9.16 -24.28 -0.43
CA ASP A 131 8.60 -25.66 -0.60
C ASP A 131 9.54 -26.68 -1.21
N ALA A 132 10.38 -26.32 -2.14
CA ALA A 132 11.47 -27.27 -2.51
C ALA A 132 12.31 -27.62 -1.29
N GLU A 133 12.66 -26.64 -0.47
CA GLU A 133 13.42 -27.02 0.73
C GLU A 133 12.67 -27.67 1.82
N ASN A 134 11.44 -27.31 2.05
CA ASN A 134 10.66 -28.02 3.03
C ASN A 134 10.43 -29.51 2.64
N ASN A 135 10.27 -29.75 1.35
CA ASN A 135 9.88 -31.04 0.86
C ASN A 135 11.05 -31.88 0.47
N ARG A 136 12.20 -31.30 0.20
CA ARG A 136 13.36 -32.04 -0.17
C ARG A 136 13.65 -33.22 0.74
N PRO A 137 13.60 -33.03 2.07
CA PRO A 137 13.88 -34.29 2.83
C PRO A 137 12.78 -35.37 2.80
N LEU A 138 11.53 -34.97 2.63
CA LEU A 138 10.49 -35.97 2.45
C LEU A 138 10.81 -36.78 1.24
N PHE A 139 11.05 -36.06 0.14
CA PHE A 139 11.32 -36.69 -1.15
C PHE A 139 12.68 -37.42 -1.21
N GLU A 140 13.69 -36.92 -0.53
CA GLU A 140 14.95 -37.64 -0.41
C GLU A 140 14.76 -38.93 0.40
N PHE A 141 14.01 -38.87 1.49
CA PHE A 141 13.61 -40.05 2.24
C PHE A 141 13.07 -41.16 1.32
N LEU A 142 12.40 -40.77 0.25
CA LEU A 142 11.79 -41.72 -0.70
C LEU A 142 12.54 -41.92 -1.99
N GLY A 143 13.81 -41.56 -2.03
CA GLY A 143 14.64 -41.77 -3.25
C GLY A 143 14.39 -40.89 -4.45
N LEU A 144 13.89 -39.67 -4.21
CA LEU A 144 13.63 -38.74 -5.25
C LEU A 144 14.45 -37.47 -4.98
N THR A 145 14.76 -36.75 -6.02
CA THR A 145 15.41 -35.50 -5.88
C THR A 145 14.45 -34.37 -6.21
N VAL A 146 14.86 -33.19 -5.77
CA VAL A 146 14.14 -31.92 -5.88
C VAL A 146 14.99 -30.83 -6.55
N GLY A 147 14.35 -30.13 -7.47
CA GLY A 147 15.00 -29.10 -8.23
C GLY A 147 14.31 -27.79 -7.91
N ILE A 148 15.07 -26.73 -7.94
CA ILE A 148 14.50 -25.40 -7.81
C ILE A 148 14.96 -24.43 -8.98
N ASN A 149 13.98 -23.82 -9.65
CA ASN A 149 14.21 -22.94 -10.80
C ASN A 149 13.94 -21.47 -10.45
N LEU A 150 14.97 -20.64 -10.61
CA LEU A 150 14.85 -19.24 -10.35
C LEU A 150 15.26 -18.39 -11.55
N PRO A 151 14.70 -17.16 -11.61
CA PRO A 151 15.27 -16.18 -12.53
C PRO A 151 16.72 -15.84 -12.22
N GLY A 152 17.53 -15.72 -13.29
CA GLY A 152 18.95 -15.47 -13.15
C GLY A 152 19.81 -16.71 -12.96
N MSE A 153 19.20 -17.88 -12.68
CA MSE A 153 19.95 -19.11 -12.47
C MSE A 153 20.70 -19.53 -13.79
O MSE A 153 20.09 -19.68 -14.79
CB MSE A 153 18.95 -20.22 -12.14
CG MSE A 153 19.63 -21.46 -11.69
SE MSE A 153 18.27 -22.71 -11.05
CE MSE A 153 18.50 -22.04 -9.04
N PRO A 154 22.01 -19.75 -13.75
CA PRO A 154 22.65 -20.25 -14.97
C PRO A 154 22.04 -21.51 -15.55
N ALA A 155 21.96 -21.52 -16.85
CA ALA A 155 21.56 -22.65 -17.59
C ALA A 155 21.99 -23.99 -17.08
N PRO A 156 23.30 -24.21 -16.69
CA PRO A 156 23.58 -25.55 -16.18
C PRO A 156 22.80 -25.90 -14.93
N ALA A 157 22.70 -24.94 -14.02
CA ALA A 157 21.90 -25.15 -12.82
C ALA A 157 20.45 -25.28 -13.10
N LYS A 158 19.90 -24.54 -14.03
CA LYS A 158 18.47 -24.78 -14.44
C LYS A 158 18.22 -26.20 -15.04
N ARG A 159 19.09 -26.58 -15.93
CA ARG A 159 19.13 -27.89 -16.53
C ARG A 159 19.09 -28.99 -15.47
N GLU A 160 19.94 -28.85 -14.49
CA GLU A 160 19.83 -29.63 -13.31
C GLU A 160 18.52 -29.57 -12.55
N ALA A 161 17.95 -28.39 -12.35
CA ALA A 161 16.68 -28.30 -11.64
C ALA A 161 15.59 -29.09 -12.42
N TYR A 162 15.67 -29.05 -13.76
CA TYR A 162 14.73 -29.70 -14.57
C TYR A 162 15.00 -31.17 -14.69
N ALA A 163 16.19 -31.62 -14.36
CA ALA A 163 16.51 -33.07 -14.43
C ALA A 163 16.12 -33.70 -13.10
N ALA A 164 15.71 -32.93 -12.08
CA ALA A 164 15.35 -33.55 -10.81
C ALA A 164 14.02 -34.21 -10.97
N ASP A 165 13.68 -35.08 -10.05
CA ASP A 165 12.38 -35.80 -10.10
C ASP A 165 11.18 -34.90 -10.04
N ILE A 166 11.30 -33.84 -9.24
CA ILE A 166 10.29 -32.88 -8.98
C ILE A 166 10.94 -31.48 -8.92
N THR A 167 10.34 -30.56 -9.66
CA THR A 167 10.90 -29.26 -9.80
C THR A 167 9.87 -28.31 -9.25
N TYR A 168 10.39 -27.17 -8.74
CA TYR A 168 9.58 -26.10 -8.20
C TYR A 168 10.01 -24.72 -8.77
N GLY A 169 9.03 -23.88 -9.13
CA GLY A 169 9.28 -22.52 -9.71
C GLY A 169 8.00 -21.82 -10.06
N THR A 170 8.12 -20.54 -10.46
CA THR A 170 6.98 -19.80 -10.86
C THR A 170 6.66 -20.12 -12.25
N ASN A 171 5.42 -19.78 -12.56
CA ASN A 171 4.85 -19.86 -13.86
C ASN A 171 5.65 -19.05 -14.89
N ASN A 172 5.95 -17.84 -14.51
CA ASN A 172 6.75 -16.99 -15.25
C ASN A 172 8.07 -17.58 -15.69
N GLU A 173 8.84 -18.07 -14.79
CA GLU A 173 10.13 -18.61 -15.13
C GLU A 173 10.02 -19.91 -15.97
N TYR A 174 8.91 -20.65 -15.79
CA TYR A 174 8.73 -21.93 -16.53
C TYR A 174 8.51 -21.56 -18.02
N GLY A 175 7.61 -20.62 -18.18
CA GLY A 175 7.18 -20.11 -19.49
C GLY A 175 8.31 -19.44 -20.23
N PHE A 176 8.97 -18.46 -19.59
CA PHE A 176 10.26 -17.98 -20.11
C PHE A 176 11.33 -18.99 -20.60
N ASP A 177 11.67 -19.97 -19.76
CA ASP A 177 12.49 -21.12 -20.17
C ASP A 177 12.08 -21.78 -21.43
N TYR A 178 10.79 -21.86 -21.65
CA TYR A 178 10.27 -22.59 -22.79
C TYR A 178 10.57 -21.82 -24.08
N LEU A 179 10.43 -20.50 -24.00
CA LEU A 179 10.62 -19.62 -25.14
C LEU A 179 12.07 -19.50 -25.48
N ARG A 180 12.92 -19.42 -24.43
CA ARG A 180 14.33 -19.38 -24.62
C ARG A 180 14.72 -20.73 -25.14
N ASP A 181 14.12 -21.84 -24.69
CA ASP A 181 14.49 -23.14 -25.27
C ASP A 181 14.19 -23.16 -26.79
N ASN A 182 13.18 -22.41 -27.16
CA ASN A 182 12.74 -22.34 -28.57
C ASN A 182 13.43 -21.21 -29.29
N MSE A 183 14.47 -20.68 -28.69
CA MSE A 183 15.45 -19.84 -29.35
C MSE A 183 16.85 -20.42 -29.43
O MSE A 183 17.75 -19.76 -30.01
CB MSE A 183 15.49 -18.48 -28.69
CG MSE A 183 14.16 -17.73 -28.94
SE MSE A 183 14.12 -16.09 -27.75
CE MSE A 183 15.21 -14.93 -28.96
N ALA A 184 16.96 -21.64 -28.98
CA ALA A 184 18.20 -22.44 -28.97
C ALA A 184 18.64 -22.81 -30.37
N PHE A 185 19.96 -22.98 -30.53
CA PHE A 185 20.58 -23.26 -31.78
C PHE A 185 21.20 -24.58 -31.71
N SER A 186 21.21 -25.20 -30.54
CA SER A 186 21.61 -26.60 -30.38
C SER A 186 20.70 -27.17 -29.32
N PRO A 187 20.31 -28.45 -29.46
CA PRO A 187 19.39 -29.04 -28.50
C PRO A 187 20.00 -29.14 -27.14
N GLU A 188 21.36 -29.20 -27.05
CA GLU A 188 22.06 -29.34 -25.76
C GLU A 188 21.92 -28.11 -24.94
N GLU A 189 21.51 -27.01 -25.59
CA GLU A 189 21.27 -25.78 -24.88
C GLU A 189 19.97 -25.74 -24.12
N ARG A 190 18.96 -26.51 -24.54
CA ARG A 190 17.68 -26.51 -23.86
C ARG A 190 17.89 -26.76 -22.35
N VAL A 191 17.06 -26.13 -21.49
CA VAL A 191 17.02 -26.37 -20.05
C VAL A 191 15.91 -27.32 -19.59
N GLN A 192 14.78 -27.23 -20.29
CA GLN A 192 13.66 -28.06 -19.97
C GLN A 192 13.70 -29.35 -20.73
N ARG A 193 12.98 -30.35 -20.17
CA ARG A 193 12.75 -31.66 -20.75
C ARG A 193 11.35 -31.56 -21.34
N LYS A 194 10.87 -32.58 -22.03
CA LYS A 194 9.43 -32.64 -22.42
C LYS A 194 8.51 -32.26 -21.23
N LEU A 195 7.48 -31.44 -21.53
CA LEU A 195 6.53 -30.90 -20.59
C LEU A 195 5.55 -31.97 -20.22
N HIS A 196 5.74 -32.45 -19.00
CA HIS A 196 5.14 -33.68 -18.65
C HIS A 196 3.90 -33.36 -17.75
N TYR A 197 4.16 -32.82 -16.60
CA TYR A 197 3.09 -32.62 -15.64
C TYR A 197 3.29 -31.27 -14.93
N ALA A 198 2.27 -30.40 -14.95
CA ALA A 198 2.29 -29.13 -14.29
C ALA A 198 1.19 -29.25 -13.19
N LEU A 199 1.63 -29.06 -11.92
CA LEU A 199 0.73 -28.93 -10.76
C LEU A 199 0.71 -27.46 -10.29
N VAL A 200 -0.39 -26.81 -10.54
CA VAL A 200 -0.49 -25.38 -10.42
C VAL A 200 -1.09 -24.99 -9.08
N ASP A 201 -0.36 -24.18 -8.30
CA ASP A 201 -0.75 -24.01 -6.86
C ASP A 201 -1.93 -23.10 -6.57
N GLU A 202 -2.08 -22.03 -7.36
CA GLU A 202 -3.16 -21.10 -7.10
C GLU A 202 -3.66 -20.84 -8.49
N VAL A 203 -4.60 -21.66 -8.91
CA VAL A 203 -5.01 -21.60 -10.29
C VAL A 203 -5.82 -20.35 -10.66
N ASP A 204 -6.41 -19.66 -9.71
CA ASP A 204 -7.17 -18.47 -10.04
C ASP A 204 -6.22 -17.43 -10.53
N SER A 205 -5.10 -17.24 -9.87
CA SER A 205 -4.24 -16.19 -10.33
C SER A 205 -3.51 -16.77 -11.59
N ILE A 206 -2.94 -17.94 -11.44
CA ILE A 206 -2.02 -18.53 -12.41
C ILE A 206 -2.59 -18.94 -13.78
N LEU A 207 -3.76 -19.56 -13.74
CA LEU A 207 -4.47 -19.96 -14.94
C LEU A 207 -5.61 -19.13 -15.43
N ILE A 208 -6.41 -18.50 -14.57
CA ILE A 208 -7.48 -17.76 -15.04
C ILE A 208 -7.10 -16.30 -15.23
N ASP A 209 -6.89 -15.55 -14.14
CA ASP A 209 -6.62 -14.12 -14.20
C ASP A 209 -5.54 -13.86 -15.22
N GLU A 210 -4.49 -14.70 -15.24
CA GLU A 210 -3.40 -14.55 -16.16
C GLU A 210 -3.37 -15.34 -17.49
N ALA A 211 -4.42 -16.11 -17.76
CA ALA A 211 -4.48 -16.91 -18.97
C ALA A 211 -3.89 -16.26 -20.27
N ARG A 212 -4.26 -15.03 -20.54
CA ARG A 212 -4.11 -14.40 -21.83
C ARG A 212 -2.92 -13.47 -21.82
N THR A 213 -2.27 -13.33 -20.65
CA THR A 213 -1.11 -12.47 -20.49
C THR A 213 0.08 -13.05 -21.33
N PRO A 214 0.71 -12.24 -22.26
CA PRO A 214 1.82 -12.76 -23.01
C PRO A 214 3.16 -12.68 -22.25
N LEU A 215 3.86 -13.82 -22.32
CA LEU A 215 5.26 -13.88 -21.96
C LEU A 215 6.01 -13.57 -23.21
N ILE A 216 6.83 -12.52 -23.15
CA ILE A 216 7.61 -12.00 -24.27
C ILE A 216 9.08 -12.00 -24.02
N ILE A 217 9.86 -12.30 -25.04
CA ILE A 217 11.25 -11.99 -25.07
C ILE A 217 11.43 -11.07 -26.21
N SER A 218 12.06 -9.92 -25.95
CA SER A 218 12.43 -8.99 -26.99
C SER A 218 13.91 -8.81 -27.09
N GLY A 219 14.26 -8.15 -28.15
CA GLY A 219 15.62 -7.84 -28.37
C GLY A 219 15.64 -6.72 -29.35
N PRO A 220 16.79 -6.02 -29.41
CA PRO A 220 17.01 -4.93 -30.38
C PRO A 220 17.81 -5.46 -31.56
N ASN A 361 12.14 -1.61 -29.37
CA ASN A 361 12.59 -3.01 -29.47
C ASN A 361 11.50 -4.06 -29.61
N GLN A 362 11.86 -5.19 -30.20
CA GLN A 362 10.85 -6.05 -30.77
C GLN A 362 10.72 -7.46 -30.20
N THR A 363 9.51 -7.98 -30.34
CA THR A 363 9.14 -9.28 -29.79
C THR A 363 9.79 -10.35 -30.67
N LEU A 364 10.50 -11.22 -30.01
CA LEU A 364 11.26 -12.25 -30.69
C LEU A 364 10.58 -13.58 -30.50
N ALA A 365 9.89 -13.75 -29.35
CA ALA A 365 9.21 -14.97 -28.96
C ALA A 365 8.03 -14.59 -28.04
N SER A 366 6.93 -15.25 -28.20
CA SER A 366 5.78 -14.96 -27.35
C SER A 366 4.96 -16.16 -27.13
N ILE A 367 4.37 -16.26 -25.94
CA ILE A 367 3.34 -17.30 -25.64
C ILE A 367 2.48 -16.81 -24.51
N THR A 368 1.18 -16.97 -24.59
CA THR A 368 0.38 -16.69 -23.40
C THR A 368 0.48 -17.82 -22.36
N PHE A 369 0.07 -17.46 -21.11
CA PHE A 369 0.10 -18.49 -20.00
C PHE A 369 -0.85 -19.59 -20.36
N GLN A 370 -1.94 -19.28 -21.01
CA GLN A 370 -2.84 -20.35 -21.30
C GLN A 370 -2.21 -21.37 -22.14
N ASN A 371 -1.55 -20.89 -23.17
CA ASN A 371 -1.07 -21.77 -24.19
C ASN A 371 0.24 -22.49 -23.79
N TYR A 372 0.96 -21.88 -22.85
CA TYR A 372 2.08 -22.55 -22.11
C TYR A 372 1.62 -23.78 -21.40
N PHE A 373 0.56 -23.64 -20.61
CA PHE A 373 0.07 -24.79 -19.78
C PHE A 373 -0.66 -25.78 -20.59
N ARG A 374 -1.21 -25.32 -21.71
CA ARG A 374 -1.90 -26.28 -22.61
C ARG A 374 -0.83 -27.21 -23.28
N LEU A 375 0.48 -26.93 -23.13
CA LEU A 375 1.47 -27.81 -23.82
C LEU A 375 1.72 -29.02 -22.99
N TYR A 376 1.41 -28.97 -21.73
CA TYR A 376 1.76 -30.09 -20.87
C TYR A 376 0.90 -31.27 -21.23
N GLU A 377 1.43 -32.48 -21.09
CA GLU A 377 0.64 -33.66 -21.10
C GLU A 377 -0.39 -33.85 -20.01
N LYS A 378 -0.03 -33.57 -18.73
CA LYS A 378 -0.91 -33.63 -17.59
C LYS A 378 -0.92 -32.25 -16.94
N LEU A 379 -2.11 -31.78 -16.60
CA LEU A 379 -2.30 -30.43 -15.96
C LEU A 379 -3.33 -30.60 -14.90
N ALA A 380 -3.03 -29.92 -13.80
CA ALA A 380 -3.87 -29.94 -12.67
C ALA A 380 -3.52 -28.78 -11.82
N GLY A 381 -4.37 -28.56 -10.81
CA GLY A 381 -4.22 -27.40 -9.94
C GLY A 381 -5.20 -27.34 -8.76
N MSE A 382 -4.87 -26.43 -7.85
CA MSE A 382 -5.55 -26.21 -6.65
C MSE A 382 -6.06 -24.76 -6.46
O MSE A 382 -5.43 -23.76 -6.89
CB MSE A 382 -4.63 -26.57 -5.48
CG MSE A 382 -4.39 -27.96 -5.33
SE MSE A 382 -3.11 -28.42 -3.78
CE MSE A 382 -1.71 -27.28 -4.47
N THR A 383 -7.19 -24.67 -5.81
CA THR A 383 -7.74 -23.37 -5.37
C THR A 383 -8.63 -23.51 -4.18
N GLY A 384 -9.08 -22.35 -3.70
CA GLY A 384 -10.11 -22.28 -2.64
C GLY A 384 -11.48 -22.63 -3.17
N THR A 385 -12.34 -23.17 -2.27
CA THR A 385 -13.76 -23.47 -2.59
C THR A 385 -14.62 -22.15 -2.69
N ALA A 386 -13.97 -20.97 -2.49
CA ALA A 386 -14.55 -19.59 -2.73
C ALA A 386 -15.09 -19.26 -4.20
N ASP A 387 -15.66 -20.34 -4.75
CA ASP A 387 -15.63 -20.80 -6.15
C ASP A 387 -15.54 -19.76 -7.38
N THR A 388 -16.63 -19.77 -8.20
CA THR A 388 -17.09 -18.74 -9.22
C THR A 388 -16.50 -18.79 -10.69
N GLU A 389 -15.82 -19.89 -11.04
CA GLU A 389 -14.98 -19.94 -12.24
C GLU A 389 -14.80 -21.31 -12.88
N ALA A 390 -15.55 -22.31 -12.44
CA ALA A 390 -15.45 -23.68 -12.96
C ALA A 390 -15.73 -23.90 -14.46
N PHE A 391 -16.76 -23.23 -14.95
CA PHE A 391 -17.13 -23.24 -16.40
C PHE A 391 -15.98 -22.65 -17.23
N GLU A 392 -15.26 -21.74 -16.60
CA GLU A 392 -14.12 -21.12 -17.23
C GLU A 392 -12.93 -22.06 -17.38
N PHE A 393 -12.77 -22.97 -16.45
CA PHE A 393 -11.61 -23.83 -16.48
C PHE A 393 -11.71 -24.86 -17.57
N SER A 394 -12.92 -25.34 -17.73
CA SER A 394 -13.30 -26.26 -18.76
C SER A 394 -13.08 -25.64 -20.18
N SER A 395 -13.45 -24.38 -20.35
CA SER A 395 -13.38 -23.71 -21.60
C SER A 395 -11.91 -23.32 -21.88
N ILE A 396 -11.27 -22.64 -20.94
CA ILE A 396 -9.87 -22.29 -21.15
C ILE A 396 -8.97 -23.50 -21.28
N TYR A 397 -9.19 -24.54 -20.48
CA TYR A 397 -8.23 -25.64 -20.31
C TYR A 397 -8.70 -27.03 -20.46
N LYS A 398 -10.00 -27.25 -20.51
CA LYS A 398 -10.42 -28.64 -20.43
C LYS A 398 -10.07 -29.30 -19.06
N LEU A 399 -10.04 -28.50 -18.02
CA LEU A 399 -9.98 -29.06 -16.65
C LEU A 399 -11.34 -29.23 -16.02
N ASP A 400 -11.64 -30.42 -15.53
CA ASP A 400 -12.64 -30.64 -14.57
C ASP A 400 -12.26 -29.95 -13.25
N THR A 401 -13.28 -29.76 -12.42
CA THR A 401 -13.13 -29.23 -11.08
C THR A 401 -13.85 -30.16 -10.12
N VAL A 402 -13.23 -30.32 -8.97
CA VAL A 402 -13.78 -31.33 -7.96
C VAL A 402 -13.69 -30.59 -6.67
N VAL A 403 -14.82 -30.59 -5.95
CA VAL A 403 -14.84 -29.88 -4.71
C VAL A 403 -14.44 -30.87 -3.65
N VAL A 404 -13.40 -30.55 -2.87
CA VAL A 404 -12.94 -31.59 -1.96
C VAL A 404 -13.65 -31.38 -0.60
N PRO A 405 -14.28 -32.42 0.00
CA PRO A 405 -14.90 -32.27 1.38
C PRO A 405 -13.89 -31.92 2.43
N THR A 406 -14.29 -31.09 3.42
CA THR A 406 -13.39 -30.62 4.44
C THR A 406 -13.24 -31.82 5.42
N ASN A 407 -12.09 -31.82 6.09
CA ASN A 407 -11.73 -32.88 7.02
C ASN A 407 -12.80 -32.88 8.05
N ARG A 408 -13.05 -31.73 8.66
CA ARG A 408 -14.21 -31.59 9.56
C ARG A 408 -15.34 -30.86 8.84
N PRO A 409 -16.60 -31.24 9.16
CA PRO A 409 -17.78 -30.54 8.74
C PRO A 409 -17.77 -28.99 8.95
N MSE A 410 -18.14 -28.37 7.89
CA MSE A 410 -18.46 -26.96 7.82
C MSE A 410 -19.76 -26.67 8.53
O MSE A 410 -20.77 -27.31 8.25
CB MSE A 410 -18.64 -26.64 6.38
CG MSE A 410 -17.34 -26.67 5.65
SE MSE A 410 -16.25 -25.20 6.40
CE MSE A 410 -17.68 -23.54 6.36
N ILE A 411 -19.76 -25.72 9.46
CA ILE A 411 -20.99 -25.42 10.22
C ILE A 411 -21.15 -23.92 10.30
N ARG A 412 -20.30 -23.19 9.62
CA ARG A 412 -20.51 -21.74 9.60
C ARG A 412 -21.93 -21.44 9.11
N LYS A 413 -22.64 -20.56 9.81
CA LYS A 413 -24.02 -20.14 9.45
C LYS A 413 -23.96 -18.83 8.62
N ASP A 414 -24.24 -18.94 7.35
CA ASP A 414 -24.15 -17.81 6.47
C ASP A 414 -25.57 -17.38 6.42
N LEU A 415 -25.85 -16.28 7.04
CA LEU A 415 -27.22 -15.84 7.18
C LEU A 415 -27.70 -15.11 5.97
N PRO A 416 -29.01 -14.99 5.80
CA PRO A 416 -29.49 -14.22 4.65
C PRO A 416 -29.00 -12.78 4.61
N ASP A 417 -28.74 -12.28 3.41
CA ASP A 417 -28.30 -10.88 3.14
C ASP A 417 -29.38 -9.95 3.58
N LEU A 418 -29.02 -8.72 3.97
CA LEU A 418 -30.07 -7.78 4.48
C LEU A 418 -30.04 -6.50 3.71
N VAL A 419 -31.17 -6.03 3.22
CA VAL A 419 -31.31 -4.75 2.48
C VAL A 419 -31.99 -3.63 3.28
N TYR A 420 -31.36 -2.45 3.17
CA TYR A 420 -31.85 -1.26 3.80
C TYR A 420 -32.01 -0.18 2.77
N MSE A 421 -32.81 0.81 3.13
CA MSE A 421 -33.09 1.93 2.20
C MSE A 421 -31.84 2.78 2.00
O MSE A 421 -31.37 3.04 0.89
CB MSE A 421 -34.12 2.80 2.85
CG MSE A 421 -35.46 2.11 3.00
SE MSE A 421 -36.22 2.10 1.17
CE MSE A 421 -37.35 3.90 1.31
N THR A 422 -31.30 3.12 3.17
CA THR A 422 -30.20 4.04 3.30
C THR A 422 -29.01 3.39 3.96
N GLU A 423 -27.86 3.88 3.53
CA GLU A 423 -26.61 3.67 4.24
C GLU A 423 -26.69 3.95 5.74
N ALA A 424 -27.32 5.04 6.16
CA ALA A 424 -27.45 5.25 7.58
C ALA A 424 -28.16 4.10 8.30
N GLU A 425 -29.23 3.61 7.72
CA GLU A 425 -30.03 2.55 8.34
C GLU A 425 -29.22 1.29 8.35
N LYS A 426 -28.45 1.06 7.29
CA LYS A 426 -27.53 -0.05 7.20
C LYS A 426 -26.52 -0.08 8.40
N ILE A 427 -25.85 1.05 8.64
CA ILE A 427 -24.95 1.16 9.76
C ILE A 427 -25.61 0.92 11.06
N GLN A 428 -26.74 1.57 11.31
CA GLN A 428 -27.41 1.29 12.57
C GLN A 428 -27.72 -0.24 12.79
N ALA A 429 -28.05 -0.91 11.71
CA ALA A 429 -28.28 -2.37 11.81
C ALA A 429 -26.94 -3.04 12.05
N ILE A 430 -25.91 -2.64 11.36
CA ILE A 430 -24.59 -3.24 11.65
C ILE A 430 -24.18 -3.06 13.17
N ILE A 431 -24.20 -1.80 13.66
CA ILE A 431 -23.85 -1.42 15.02
C ILE A 431 -24.59 -2.32 15.96
N GLU A 432 -25.84 -2.56 15.64
CA GLU A 432 -26.69 -3.18 16.59
C GLU A 432 -26.42 -4.70 16.64
N ASP A 433 -26.06 -5.26 15.53
CA ASP A 433 -25.60 -6.66 15.39
C ASP A 433 -24.31 -6.86 16.21
N ILE A 434 -23.40 -5.96 16.03
CA ILE A 434 -22.15 -5.98 16.81
C ILE A 434 -22.43 -5.94 18.30
N LYS A 435 -23.26 -4.94 18.67
CA LYS A 435 -23.64 -4.69 20.04
C LYS A 435 -24.16 -5.98 20.64
N GLU A 436 -25.10 -6.66 20.01
CA GLU A 436 -25.62 -7.79 20.65
C GLU A 436 -24.63 -8.91 20.71
N ARG A 437 -23.83 -8.97 19.66
CA ARG A 437 -22.97 -10.13 19.52
C ARG A 437 -21.82 -10.03 20.51
N THR A 438 -21.15 -8.88 20.55
CA THR A 438 -20.14 -8.61 21.56
C THR A 438 -20.58 -8.66 23.03
N ALA A 439 -21.81 -8.23 23.37
CA ALA A 439 -22.34 -8.38 24.72
C ALA A 439 -22.40 -9.88 25.13
N LYS A 440 -22.65 -10.76 24.18
CA LYS A 440 -22.52 -12.21 24.43
C LYS A 440 -21.09 -12.87 24.27
N GLY A 441 -20.01 -12.05 24.12
CA GLY A 441 -18.62 -12.63 24.02
C GLY A 441 -18.08 -12.97 22.63
N GLN A 442 -18.93 -12.79 21.61
CA GLN A 442 -18.60 -13.25 20.26
C GLN A 442 -17.72 -12.23 19.57
N PRO A 443 -16.63 -12.64 18.87
CA PRO A 443 -15.86 -11.64 18.20
C PRO A 443 -16.41 -11.40 16.80
N VAL A 444 -16.11 -10.20 16.30
CA VAL A 444 -16.63 -9.73 15.05
C VAL A 444 -15.53 -9.28 14.19
N LEU A 445 -15.54 -9.79 12.98
CA LEU A 445 -14.71 -9.15 11.98
C LEU A 445 -15.65 -8.50 10.92
N VAL A 446 -15.32 -7.25 10.59
CA VAL A 446 -16.14 -6.44 9.76
C VAL A 446 -15.41 -6.04 8.48
N GLY A 447 -15.92 -6.43 7.36
CA GLY A 447 -15.26 -5.97 6.12
C GLY A 447 -16.03 -4.99 5.29
N THR A 448 -15.31 -3.96 4.90
CA THR A 448 -15.90 -2.89 4.15
C THR A 448 -15.22 -2.77 2.80
N ILE A 449 -15.78 -1.87 1.96
CA ILE A 449 -15.20 -1.69 0.59
C ILE A 449 -14.34 -0.44 0.38
N SER A 450 -14.27 0.46 1.34
CA SER A 450 -13.25 1.46 1.34
C SER A 450 -12.79 1.93 2.75
N ILE A 451 -11.61 2.55 2.75
CA ILE A 451 -11.10 3.32 3.87
C ILE A 451 -12.17 4.22 4.51
N GLU A 452 -12.90 4.91 3.68
CA GLU A 452 -13.85 5.87 4.12
C GLU A 452 -15.04 5.22 4.78
N LYS A 453 -15.45 4.11 4.21
CA LYS A 453 -16.52 3.28 4.79
C LYS A 453 -16.06 2.58 6.08
N SER A 454 -14.79 2.26 6.17
CA SER A 454 -14.16 1.74 7.43
C SER A 454 -14.20 2.76 8.56
N GLU A 455 -13.79 4.00 8.18
CA GLU A 455 -13.91 5.16 9.09
C GLU A 455 -15.29 5.39 9.64
N LEU A 456 -16.28 5.37 8.74
CA LEU A 456 -17.65 5.68 9.09
C LEU A 456 -18.21 4.58 10.05
N VAL A 457 -17.93 3.38 9.69
CA VAL A 457 -18.33 2.28 10.54
C VAL A 457 -17.52 2.38 11.85
N SER A 458 -16.20 2.67 11.77
CA SER A 458 -15.42 2.91 12.98
C SER A 458 -15.96 4.03 13.92
N ASN A 459 -16.15 5.25 13.39
CA ASN A 459 -16.72 6.36 14.21
C ASN A 459 -18.06 6.14 14.81
N GLU A 460 -18.91 5.46 14.08
CA GLU A 460 -20.19 5.11 14.60
C GLU A 460 -20.15 4.05 15.71
N LEU A 461 -19.25 3.07 15.60
CA LEU A 461 -19.01 2.13 16.77
C LEU A 461 -18.50 2.84 17.97
N THR A 462 -17.63 3.78 17.72
CA THR A 462 -17.12 4.55 18.82
C THR A 462 -18.27 5.40 19.44
N LYS A 463 -19.08 5.95 18.58
CA LYS A 463 -20.17 6.80 18.98
C LYS A 463 -21.09 6.00 19.83
N ALA A 464 -21.12 4.74 19.56
CA ALA A 464 -21.86 3.74 20.31
C ALA A 464 -21.12 3.06 21.45
N GLY A 465 -19.89 3.44 21.73
CA GLY A 465 -19.16 2.94 22.88
C GLY A 465 -18.60 1.54 22.71
N ILE A 466 -18.47 1.09 21.48
CA ILE A 466 -17.95 -0.26 21.12
C ILE A 466 -16.51 -0.12 20.66
N LYS A 467 -15.62 -0.63 21.52
CA LYS A 467 -14.19 -0.68 21.24
C LYS A 467 -13.82 -1.71 20.12
N HIS A 468 -12.85 -1.37 19.32
CA HIS A 468 -12.60 -2.14 18.15
C HIS A 468 -11.30 -1.64 17.64
N ASN A 469 -10.83 -2.18 16.53
CA ASN A 469 -9.60 -1.67 15.92
C ASN A 469 -9.76 -1.78 14.38
N VAL A 470 -9.36 -0.74 13.67
CA VAL A 470 -9.30 -0.76 12.25
C VAL A 470 -7.97 -1.33 11.84
N LEU A 471 -7.98 -2.15 10.84
CA LEU A 471 -6.75 -2.52 10.14
C LEU A 471 -6.38 -1.47 9.12
N ASN A 472 -5.26 -0.78 9.34
CA ASN A 472 -4.80 0.33 8.54
C ASN A 472 -3.48 -0.04 7.85
N ALA A 473 -3.62 -0.20 6.53
CA ALA A 473 -2.60 -0.64 5.55
C ALA A 473 -1.35 0.13 5.66
N LYS A 474 -1.46 1.32 6.21
CA LYS A 474 -0.29 2.13 6.57
C LYS A 474 0.50 1.59 7.77
N PHE A 475 -0.09 0.71 8.59
CA PHE A 475 0.60 0.20 9.75
C PHE A 475 0.64 -1.32 9.88
N HIS A 476 1.58 -1.95 9.16
CA HIS A 476 1.71 -3.39 9.03
C HIS A 476 1.85 -4.13 10.34
N ALA A 477 2.68 -3.60 11.21
CA ALA A 477 3.01 -4.22 12.46
C ALA A 477 1.81 -4.14 13.31
N ASN A 478 1.11 -3.02 13.27
CA ASN A 478 -0.10 -2.90 14.10
C ASN A 478 -1.09 -3.92 13.62
N GLU A 479 -1.21 -4.05 12.29
CA GLU A 479 -2.19 -4.91 11.72
C GLU A 479 -2.00 -6.33 12.09
N ALA A 480 -0.77 -6.80 12.01
CA ALA A 480 -0.46 -8.18 12.44
C ALA A 480 -0.78 -8.37 14.00
N ALA A 481 -0.49 -7.37 14.80
CA ALA A 481 -0.80 -7.42 16.22
C ALA A 481 -2.28 -7.50 16.43
N ILE A 482 -3.02 -6.72 15.65
CA ILE A 482 -4.46 -6.73 15.80
C ILE A 482 -5.09 -8.07 15.42
N VAL A 483 -4.66 -8.55 14.27
CA VAL A 483 -5.07 -9.84 13.74
C VAL A 483 -4.85 -11.05 14.68
N ALA A 484 -3.75 -10.99 15.37
CA ALA A 484 -3.35 -12.06 16.16
C ALA A 484 -4.44 -12.27 17.18
N GLN A 485 -5.09 -11.20 17.64
CA GLN A 485 -6.06 -11.30 18.71
C GLN A 485 -7.52 -10.98 18.32
N ALA A 486 -7.84 -11.08 17.05
CA ALA A 486 -9.08 -10.70 16.51
C ALA A 486 -10.16 -11.73 16.80
N GLY A 487 -9.77 -12.91 17.35
CA GLY A 487 -10.66 -13.99 17.75
C GLY A 487 -10.87 -14.04 19.23
N TYR A 488 -10.37 -13.04 19.90
CA TYR A 488 -10.43 -12.95 21.30
C TYR A 488 -11.89 -12.54 21.73
N PRO A 489 -12.37 -13.00 22.91
CA PRO A 489 -13.77 -12.66 23.17
C PRO A 489 -14.13 -11.18 22.96
N ALA A 490 -15.18 -10.96 22.18
CA ALA A 490 -15.83 -9.68 22.00
C ALA A 490 -14.98 -8.68 21.27
N ALA A 491 -13.95 -9.17 20.58
CA ALA A 491 -13.09 -8.37 19.85
C ALA A 491 -13.92 -7.90 18.63
N VAL A 492 -13.57 -6.70 18.15
CA VAL A 492 -14.19 -6.15 17.01
C VAL A 492 -13.14 -5.51 16.19
N THR A 493 -13.11 -5.96 14.96
CA THR A 493 -12.02 -5.65 14.00
C THR A 493 -12.64 -5.22 12.66
N ILE A 494 -12.14 -4.13 12.10
CA ILE A 494 -12.60 -3.62 10.82
C ILE A 494 -11.46 -3.65 9.80
N ALA A 495 -11.75 -4.17 8.61
CA ALA A 495 -10.80 -4.43 7.55
C ALA A 495 -11.33 -3.83 6.29
N THR A 496 -10.46 -3.20 5.49
CA THR A 496 -10.84 -2.55 4.25
C THR A 496 -10.36 -3.37 3.09
N ASN A 497 -11.32 -3.78 2.25
CA ASN A 497 -11.08 -4.62 1.06
C ASN A 497 -10.12 -5.74 1.41
N MSE A 498 -10.60 -6.55 2.35
CA MSE A 498 -9.85 -7.65 2.90
C MSE A 498 -9.32 -8.46 1.74
O MSE A 498 -10.11 -8.85 0.84
CB MSE A 498 -10.75 -8.56 3.71
CG MSE A 498 -10.99 -8.12 5.11
SE MSE A 498 -10.17 -9.45 6.43
CE MSE A 498 -8.08 -8.96 6.17
N ALA A 499 -8.01 -8.71 1.76
CA ALA A 499 -7.32 -9.38 0.65
C ALA A 499 -7.03 -10.88 0.91
N GLY A 500 -7.96 -11.73 0.43
CA GLY A 500 -7.67 -13.13 0.02
C GLY A 500 -6.78 -13.97 0.95
N ARG A 501 -7.26 -15.17 1.29
CA ARG A 501 -6.74 -16.07 2.40
C ARG A 501 -6.48 -15.39 3.76
N GLY A 502 -5.57 -14.38 3.78
CA GLY A 502 -5.12 -13.72 4.99
C GLY A 502 -4.80 -14.69 6.12
N THR A 503 -4.25 -14.13 7.19
CA THR A 503 -3.92 -14.87 8.42
C THR A 503 -5.08 -15.47 9.21
N ASP A 504 -5.03 -16.77 9.49
CA ASP A 504 -5.95 -17.39 10.45
C ASP A 504 -6.31 -16.56 11.74
N ILE A 505 -7.59 -16.62 12.10
CA ILE A 505 -8.02 -15.97 13.30
C ILE A 505 -8.32 -17.10 14.20
N VAL A 506 -7.50 -17.14 15.25
CA VAL A 506 -7.66 -18.08 16.27
C VAL A 506 -8.66 -17.57 17.23
N LEU A 507 -9.66 -18.41 17.42
CA LEU A 507 -10.70 -18.27 18.39
C LEU A 507 -10.14 -18.45 19.80
N GLY A 508 -10.58 -17.50 20.64
CA GLY A 508 -10.08 -17.26 21.96
C GLY A 508 -8.90 -16.30 21.99
N GLY A 509 -8.20 -16.20 20.88
CA GLY A 509 -7.01 -15.38 20.71
C GLY A 509 -5.96 -16.36 20.20
N SER A 510 -4.85 -15.88 19.71
CA SER A 510 -3.65 -16.75 19.56
C SER A 510 -2.93 -16.77 20.92
N TRP A 511 -2.62 -17.98 21.38
CA TRP A 511 -1.81 -18.18 22.59
C TRP A 511 -0.34 -18.38 22.17
N GLN A 512 -0.15 -18.75 20.90
CA GLN A 512 1.20 -18.86 20.34
C GLN A 512 1.91 -17.46 20.35
N ALA A 513 1.18 -16.41 19.90
CA ALA A 513 1.62 -15.00 20.07
C ALA A 513 1.65 -14.55 21.52
N GLU A 514 1.40 -15.44 22.46
CA GLU A 514 1.55 -15.07 23.84
C GLU A 514 2.88 -15.62 24.24
N VAL A 515 3.11 -16.88 24.00
CA VAL A 515 4.44 -17.37 24.23
C VAL A 515 5.44 -16.54 23.34
N ALA A 516 5.04 -16.15 22.13
CA ALA A 516 5.93 -15.36 21.23
C ALA A 516 6.47 -14.14 21.97
N ALA A 517 5.61 -13.53 22.79
CA ALA A 517 5.88 -12.26 23.46
C ALA A 517 6.82 -12.36 24.65
N LEU A 518 7.04 -13.59 25.14
CA LEU A 518 7.86 -13.82 26.33
C LEU A 518 9.36 -13.64 26.03
N GLU A 519 10.08 -13.18 27.07
CA GLU A 519 11.53 -12.97 27.04
C GLU A 519 12.24 -14.32 27.18
N ASN A 520 11.58 -15.21 27.89
CA ASN A 520 12.20 -16.41 28.38
C ASN A 520 11.08 -17.30 28.90
N PRO A 521 10.31 -17.89 27.96
CA PRO A 521 9.09 -18.59 28.39
C PRO A 521 9.44 -19.95 29.05
N THR A 522 8.69 -20.31 30.09
CA THR A 522 8.97 -21.50 30.93
C THR A 522 7.78 -22.45 31.10
N ALA A 523 7.72 -23.50 30.25
CA ALA A 523 6.82 -24.67 30.46
C ALA A 523 5.43 -24.34 31.07
N GLU A 524 5.43 -23.90 32.32
CA GLU A 524 4.21 -23.66 33.11
C GLU A 524 3.81 -22.20 33.13
N GLN A 525 4.70 -21.37 32.61
CA GLN A 525 4.29 -20.06 32.10
C GLN A 525 3.24 -20.38 30.95
N ILE A 526 3.52 -21.45 30.18
CA ILE A 526 2.74 -21.88 29.03
C ILE A 526 1.43 -22.58 29.35
N GLU A 527 1.52 -23.59 30.20
CA GLU A 527 0.35 -24.40 30.54
C GLU A 527 -0.71 -23.48 31.11
N LYS A 528 -0.30 -22.55 31.95
CA LYS A 528 -1.24 -21.51 32.39
C LYS A 528 -1.76 -20.73 31.14
N ILE A 529 -0.88 -20.38 30.22
CA ILE A 529 -1.30 -19.73 28.97
C ILE A 529 -2.32 -20.62 28.19
N LYS A 530 -2.00 -21.90 27.99
CA LYS A 530 -2.79 -22.86 27.18
C LYS A 530 -4.11 -23.24 27.81
N ALA A 531 -4.12 -23.22 29.12
CA ALA A 531 -5.26 -23.63 29.84
C ALA A 531 -6.24 -22.49 29.93
N ASP A 532 -5.76 -21.29 30.26
CA ASP A 532 -6.55 -20.09 30.18
C ASP A 532 -7.09 -19.80 28.73
N TRP A 533 -6.25 -20.04 27.75
CA TRP A 533 -6.65 -19.95 26.40
C TRP A 533 -7.79 -20.94 26.06
N GLN A 534 -7.63 -22.21 26.43
CA GLN A 534 -8.65 -23.26 26.16
C GLN A 534 -10.06 -22.80 26.60
N VAL A 535 -10.10 -22.16 27.74
CA VAL A 535 -11.30 -21.55 28.30
C VAL A 535 -11.88 -20.43 27.39
N ARG A 536 -11.00 -19.62 26.75
CA ARG A 536 -11.41 -18.43 26.00
C ARG A 536 -11.90 -18.95 24.68
N HIS A 537 -11.15 -19.87 24.10
CA HIS A 537 -11.46 -20.54 22.85
C HIS A 537 -12.81 -21.25 22.82
N ASP A 538 -13.11 -21.89 23.90
CA ASP A 538 -14.31 -22.66 24.06
C ASP A 538 -15.42 -21.72 24.38
N ALA A 539 -15.13 -20.62 25.08
CA ALA A 539 -16.14 -19.63 25.28
C ALA A 539 -16.54 -18.87 23.94
N VAL A 540 -15.62 -18.67 23.04
CA VAL A 540 -15.90 -18.02 21.74
C VAL A 540 -16.63 -19.08 20.89
N LEU A 541 -16.25 -20.32 20.96
CA LEU A 541 -16.99 -21.32 20.24
C LEU A 541 -18.44 -21.38 20.70
N GLU A 542 -18.68 -21.40 22.00
CA GLU A 542 -20.01 -21.48 22.57
C GLU A 542 -20.84 -20.29 22.15
N ALA A 543 -20.19 -19.14 22.14
CA ALA A 543 -20.75 -17.90 21.73
C ALA A 543 -21.05 -17.86 20.22
N GLY A 544 -20.76 -18.89 19.45
CA GLY A 544 -20.96 -18.80 17.99
C GLY A 544 -19.71 -18.60 17.08
N GLY A 545 -18.52 -18.60 17.63
CA GLY A 545 -17.29 -18.48 16.81
C GLY A 545 -17.19 -17.08 16.25
N LEU A 546 -16.51 -16.88 15.12
CA LEU A 546 -16.27 -15.54 14.62
C LEU A 546 -17.44 -15.23 13.65
N HIS A 547 -17.97 -14.05 13.83
CA HIS A 547 -19.05 -13.51 13.05
C HIS A 547 -18.45 -12.64 12.06
N ILE A 548 -18.77 -12.87 10.80
CA ILE A 548 -18.27 -11.91 9.77
C ILE A 548 -19.39 -10.97 9.33
N ILE A 549 -19.15 -9.67 9.25
CA ILE A 549 -20.10 -8.70 8.65
C ILE A 549 -19.47 -8.11 7.41
N GLY A 550 -20.08 -8.40 6.26
CA GLY A 550 -19.87 -7.54 5.04
C GLY A 550 -20.65 -6.29 5.09
N THR A 551 -20.02 -5.14 5.15
CA THR A 551 -20.87 -3.86 5.12
C THR A 551 -21.42 -3.50 3.74
N GLU A 552 -20.93 -4.20 2.74
CA GLU A 552 -21.26 -4.04 1.34
C GLU A 552 -20.69 -5.30 0.68
N ARG A 553 -21.29 -5.72 -0.44
CA ARG A 553 -20.73 -6.76 -1.35
C ARG A 553 -19.97 -6.12 -2.45
N HIS A 554 -18.95 -6.84 -2.89
CA HIS A 554 -18.13 -6.49 -4.03
C HIS A 554 -18.88 -7.02 -5.20
N GLU A 555 -18.59 -6.44 -6.35
CA GLU A 555 -19.18 -6.95 -7.60
C GLU A 555 -18.71 -8.40 -7.85
N SER A 556 -17.46 -8.72 -7.51
CA SER A 556 -17.07 -10.13 -7.57
C SER A 556 -17.41 -10.89 -6.20
N ARG A 557 -18.29 -11.87 -6.27
CA ARG A 557 -18.56 -12.73 -5.15
C ARG A 557 -17.39 -13.53 -4.53
N ARG A 558 -16.33 -13.76 -5.30
CA ARG A 558 -15.09 -14.34 -4.83
C ARG A 558 -14.49 -13.51 -3.73
N ILE A 559 -14.50 -12.23 -3.89
CA ILE A 559 -14.13 -11.43 -2.81
C ILE A 559 -15.03 -11.59 -1.56
N ASP A 560 -16.34 -11.78 -1.74
CA ASP A 560 -17.23 -11.80 -0.58
C ASP A 560 -16.89 -13.11 0.14
N ASN A 561 -16.68 -14.14 -0.67
CA ASN A 561 -16.55 -15.49 -0.17
C ASN A 561 -15.27 -15.66 0.64
N GLN A 562 -14.25 -14.90 0.25
CA GLN A 562 -12.97 -14.84 0.95
C GLN A 562 -13.03 -14.10 2.26
N LEU A 563 -13.74 -12.98 2.31
CA LEU A 563 -14.03 -12.39 3.59
C LEU A 563 -14.71 -13.45 4.50
N ARG A 564 -15.88 -13.92 4.07
CA ARG A 564 -16.67 -14.94 4.75
C ARG A 564 -15.88 -16.14 5.32
N GLY A 565 -14.94 -16.64 4.47
CA GLY A 565 -14.19 -17.89 4.66
C GLY A 565 -13.19 -17.71 5.79
N ARG A 566 -12.98 -16.51 6.25
CA ARG A 566 -12.19 -16.25 7.40
C ARG A 566 -12.77 -16.79 8.65
N SER A 567 -14.09 -17.02 8.63
CA SER A 567 -14.79 -17.68 9.73
C SER A 567 -15.07 -19.14 9.46
N GLY A 568 -15.18 -19.97 10.53
CA GLY A 568 -15.64 -21.38 10.39
C GLY A 568 -14.60 -22.32 9.83
N ARG A 569 -13.32 -21.91 9.94
CA ARG A 569 -12.19 -22.75 9.41
C ARG A 569 -12.07 -23.96 10.24
N GLN A 570 -11.71 -25.06 9.60
CA GLN A 570 -11.49 -26.37 10.22
C GLN A 570 -12.57 -26.81 11.26
N GLY A 571 -13.83 -26.63 10.86
CA GLY A 571 -14.91 -27.11 11.70
C GLY A 571 -15.28 -26.16 12.80
N ASP A 572 -14.65 -25.00 12.89
CA ASP A 572 -15.09 -24.09 13.94
C ASP A 572 -16.47 -23.49 13.69
N ALA A 573 -17.13 -23.11 14.78
CA ALA A 573 -18.45 -22.54 14.74
C ALA A 573 -18.14 -21.21 14.14
N GLY A 574 -19.13 -20.69 13.43
CA GLY A 574 -18.97 -19.32 12.92
C GLY A 574 -20.22 -18.86 12.25
N SER A 575 -20.31 -17.60 11.89
CA SER A 575 -21.46 -17.03 11.07
C SER A 575 -21.01 -15.80 10.27
N SER A 576 -21.88 -15.41 9.33
CA SER A 576 -21.67 -14.22 8.45
C SER A 576 -22.99 -13.65 8.03
N ARG A 577 -22.95 -12.37 7.71
CA ARG A 577 -24.11 -11.59 7.23
C ARG A 577 -23.54 -10.52 6.29
N PHE A 578 -24.11 -10.33 5.12
CA PHE A 578 -23.78 -9.14 4.31
C PHE A 578 -24.93 -8.17 4.32
N TYR A 579 -24.53 -6.92 4.34
CA TYR A 579 -25.49 -5.75 4.42
C TYR A 579 -25.45 -5.02 3.10
N LEU A 580 -26.65 -4.66 2.62
CA LEU A 580 -26.78 -3.83 1.42
C LEU A 580 -27.76 -2.72 1.62
N SER A 581 -27.59 -1.65 0.88
CA SER A 581 -28.59 -0.59 0.91
C SER A 581 -28.96 -0.24 -0.51
N MSE A 582 -30.12 0.36 -0.65
CA MSE A 582 -30.51 0.93 -1.95
C MSE A 582 -29.49 1.97 -2.51
O MSE A 582 -29.32 2.07 -3.73
CB MSE A 582 -31.94 1.49 -1.89
CG MSE A 582 -33.07 0.42 -1.55
SE MSE A 582 -32.99 -1.39 -2.52
CE MSE A 582 -32.65 -0.58 -4.52
N GLU A 583 -28.81 2.69 -1.57
CA GLU A 583 -27.72 3.72 -1.83
C GLU A 583 -26.43 3.05 -2.26
N ASP A 584 -26.27 1.75 -1.92
CA ASP A 584 -25.08 0.97 -2.34
C ASP A 584 -24.83 0.92 -3.85
N ALA A 585 -23.53 0.97 -4.20
CA ALA A 585 -23.04 0.97 -5.61
C ALA A 585 -23.42 -0.32 -6.35
N LEU A 586 -23.47 -1.39 -5.59
CA LEU A 586 -23.78 -2.68 -6.18
C LEU A 586 -25.23 -2.78 -6.75
N MSE A 587 -26.14 -2.03 -6.19
CA MSE A 587 -27.48 -2.03 -6.71
C MSE A 587 -27.41 -1.87 -8.20
O MSE A 587 -28.29 -2.31 -8.92
CB MSE A 587 -28.30 -0.90 -6.10
CG MSE A 587 -28.93 -1.26 -4.74
SE MSE A 587 -29.77 -3.13 -4.44
CE MSE A 587 -28.16 -4.30 -4.07
N ARG A 588 -26.35 -1.23 -8.66
CA ARG A 588 -26.24 -0.88 -10.04
C ARG A 588 -25.96 -2.04 -11.01
N ILE A 589 -25.47 -3.17 -10.50
CA ILE A 589 -25.30 -4.44 -11.28
C ILE A 589 -26.53 -5.01 -11.91
N PHE A 590 -27.74 -4.61 -11.40
CA PHE A 590 -29.06 -5.03 -11.89
C PHE A 590 -29.41 -4.33 -13.19
N ALA A 591 -28.72 -3.24 -13.50
CA ALA A 591 -28.79 -2.60 -14.81
C ALA A 591 -30.14 -1.92 -15.06
N SER A 592 -31.00 -1.86 -14.02
CA SER A 592 -32.17 -1.01 -14.03
C SER A 592 -32.51 -0.29 -12.72
N ASP A 593 -32.43 1.03 -12.78
CA ASP A 593 -32.93 1.88 -11.71
C ASP A 593 -34.25 1.35 -11.16
N ARG A 594 -35.28 1.30 -12.01
CA ARG A 594 -36.65 1.08 -11.56
C ARG A 594 -36.82 -0.36 -10.98
N VAL A 595 -36.08 -1.37 -11.55
CA VAL A 595 -36.25 -2.79 -11.16
C VAL A 595 -35.75 -2.95 -9.73
N SER A 596 -34.44 -2.79 -9.55
CA SER A 596 -33.82 -2.35 -8.28
C SER A 596 -34.71 -1.47 -7.35
N GLY A 597 -35.15 -0.30 -7.79
CA GLY A 597 -35.85 0.65 -6.93
C GLY A 597 -37.20 0.17 -6.45
N MSE A 598 -37.63 -0.99 -6.97
CA MSE A 598 -38.94 -1.55 -6.56
C MSE A 598 -38.87 -2.03 -5.12
O MSE A 598 -39.83 -1.88 -4.34
CB MSE A 598 -39.36 -2.72 -7.49
CG MSE A 598 -40.63 -3.47 -7.09
SE MSE A 598 -42.03 -2.21 -6.83
CE MSE A 598 -42.34 -1.44 -8.73
N MSE A 599 -37.72 -2.62 -4.79
CA MSE A 599 -37.45 -3.16 -3.45
C MSE A 599 -37.51 -2.15 -2.33
O MSE A 599 -37.73 -2.51 -1.21
CB MSE A 599 -36.09 -3.81 -3.42
CG MSE A 599 -35.89 -4.87 -4.45
SE MSE A 599 -34.28 -5.78 -3.83
CE MSE A 599 -32.68 -4.70 -4.61
N ARG A 600 -37.32 -0.89 -2.64
CA ARG A 600 -37.73 0.14 -1.70
C ARG A 600 -39.19 -0.03 -1.17
N LYS A 601 -40.08 -0.71 -1.91
CA LYS A 601 -41.48 -0.94 -1.49
C LYS A 601 -41.69 -1.84 -0.24
N LEU A 602 -40.72 -2.74 0.01
CA LEU A 602 -40.63 -3.43 1.31
C LEU A 602 -40.62 -2.46 2.54
N GLY A 603 -40.13 -1.22 2.33
CA GLY A 603 -40.32 -0.08 3.28
C GLY A 603 -39.66 -0.32 4.63
N MSE A 604 -38.48 -0.94 4.53
CA MSE A 604 -37.88 -1.84 5.52
C MSE A 604 -38.05 -1.54 7.06
O MSE A 604 -38.48 -2.43 7.79
CB MSE A 604 -36.40 -2.10 5.11
CG MSE A 604 -36.16 -2.78 3.71
SE MSE A 604 -35.51 -1.61 2.14
CE MSE A 604 -35.11 -2.97 0.59
N LYS A 605 -37.70 -0.35 7.56
CA LYS A 605 -38.16 0.14 8.90
C LYS A 605 -37.43 -0.47 10.16
N PRO A 606 -36.68 0.36 10.93
CA PRO A 606 -35.68 -0.17 11.98
C PRO A 606 -36.21 -1.08 13.15
N GLY A 607 -35.47 -2.17 13.45
CA GLY A 607 -35.99 -3.31 14.28
C GLY A 607 -37.30 -3.93 13.76
N GLU A 608 -37.41 -4.01 12.43
CA GLU A 608 -38.54 -4.71 11.74
C GLU A 608 -38.05 -5.33 10.38
N ALA A 609 -36.74 -5.47 10.27
CA ALA A 609 -36.12 -6.15 9.14
C ALA A 609 -36.69 -7.55 9.11
N ILE A 610 -36.89 -8.08 7.91
CA ILE A 610 -37.64 -9.33 7.82
C ILE A 610 -36.74 -10.49 7.43
N GLU A 611 -36.07 -10.35 6.32
CA GLU A 611 -35.38 -11.49 5.74
C GLU A 611 -36.20 -12.09 4.60
N HIS A 612 -35.67 -11.85 3.43
CA HIS A 612 -36.12 -12.30 2.22
C HIS A 612 -34.90 -12.90 1.55
N PRO A 613 -34.74 -14.21 1.74
CA PRO A 613 -33.98 -15.19 1.04
C PRO A 613 -33.85 -15.05 -0.44
N TRP A 614 -35.00 -14.80 -1.13
CA TRP A 614 -34.99 -14.58 -2.52
C TRP A 614 -33.98 -13.48 -2.89
N VAL A 615 -33.82 -12.47 -2.04
CA VAL A 615 -32.90 -11.39 -2.26
C VAL A 615 -31.42 -11.84 -2.23
N THR A 616 -31.08 -12.74 -1.31
CA THR A 616 -29.72 -13.34 -1.32
C THR A 616 -29.37 -13.99 -2.66
N LYS A 617 -30.25 -14.86 -3.14
CA LYS A 617 -30.08 -15.57 -4.36
C LYS A 617 -30.17 -14.63 -5.59
N ALA A 618 -31.13 -13.68 -5.61
CA ALA A 618 -31.19 -12.65 -6.69
C ALA A 618 -29.86 -11.94 -6.82
N ILE A 619 -29.25 -11.61 -5.72
CA ILE A 619 -27.91 -11.00 -5.71
C ILE A 619 -26.80 -11.86 -6.26
N ALA A 620 -26.69 -13.06 -5.71
CA ALA A 620 -25.80 -14.10 -6.17
C ALA A 620 -25.96 -14.36 -7.68
N ASN A 621 -27.19 -14.48 -8.15
CA ASN A 621 -27.40 -14.59 -9.60
C ASN A 621 -26.88 -13.36 -10.38
N ALA A 622 -27.14 -12.14 -9.92
CA ALA A 622 -26.57 -10.95 -10.52
C ALA A 622 -24.98 -11.00 -10.65
N GLN A 623 -24.30 -11.18 -9.58
CA GLN A 623 -22.87 -11.39 -9.60
C GLN A 623 -22.47 -12.53 -10.59
N ARG A 624 -23.22 -13.63 -10.62
CA ARG A 624 -23.00 -14.72 -11.60
C ARG A 624 -23.14 -14.28 -13.06
N LYS A 625 -24.18 -13.52 -13.36
CA LYS A 625 -24.34 -12.93 -14.65
C LYS A 625 -23.23 -11.97 -15.08
N VAL A 626 -22.63 -11.25 -14.15
CA VAL A 626 -21.65 -10.27 -14.52
C VAL A 626 -20.39 -11.01 -14.95
N GLU A 627 -19.96 -11.97 -14.17
CA GLU A 627 -18.84 -12.86 -14.47
C GLU A 627 -18.96 -13.47 -15.87
N SER A 628 -20.13 -14.01 -16.09
CA SER A 628 -20.38 -14.82 -17.21
C SER A 628 -20.46 -13.95 -18.47
N ARG A 629 -21.10 -12.81 -18.34
CA ARG A 629 -20.91 -11.73 -19.28
C ARG A 629 -19.43 -11.49 -19.62
N ASN A 630 -18.67 -11.08 -18.64
CA ASN A 630 -17.25 -10.75 -18.81
C ASN A 630 -16.51 -11.94 -19.50
N PHE A 631 -16.90 -13.18 -19.17
CA PHE A 631 -16.29 -14.36 -19.78
C PHE A 631 -16.78 -14.64 -21.18
N ASP A 632 -18.03 -14.34 -21.48
CA ASP A 632 -18.51 -14.44 -22.82
C ASP A 632 -17.58 -13.57 -23.72
N ILE A 633 -17.33 -12.34 -23.33
CA ILE A 633 -16.43 -11.51 -24.07
C ILE A 633 -15.06 -12.20 -24.20
N ARG A 634 -14.55 -12.70 -23.08
CA ARG A 634 -13.21 -13.23 -23.01
C ARG A 634 -13.10 -14.49 -23.91
N LYS A 635 -14.11 -15.30 -23.90
CA LYS A 635 -14.14 -16.40 -24.79
C LYS A 635 -13.95 -15.97 -26.31
N GLN A 636 -14.64 -14.89 -26.79
CA GLN A 636 -14.39 -14.30 -28.12
C GLN A 636 -12.91 -13.95 -28.34
N LEU A 637 -12.28 -13.36 -27.32
CA LEU A 637 -10.89 -12.92 -27.41
C LEU A 637 -9.90 -14.08 -27.49
N LEU A 638 -10.32 -15.20 -26.92
CA LEU A 638 -9.58 -16.45 -26.99
C LEU A 638 -9.83 -17.21 -28.28
N GLU A 639 -10.97 -17.00 -28.93
CA GLU A 639 -11.15 -17.55 -30.24
C GLU A 639 -10.01 -16.91 -31.11
N TYR A 640 -9.63 -15.66 -30.90
CA TYR A 640 -8.54 -15.06 -31.67
C TYR A 640 -7.16 -15.53 -31.25
N ASP A 641 -7.00 -15.70 -29.95
CA ASP A 641 -5.76 -16.15 -29.40
C ASP A 641 -5.41 -17.55 -30.05
N ASP A 642 -6.43 -18.32 -30.32
CA ASP A 642 -6.24 -19.63 -30.82
C ASP A 642 -5.63 -19.67 -32.18
N VAL A 643 -5.87 -18.62 -32.96
CA VAL A 643 -5.29 -18.51 -34.30
C VAL A 643 -3.81 -18.53 -34.07
N ALA A 644 -3.34 -17.59 -33.26
CA ALA A 644 -1.92 -17.43 -33.13
C ALA A 644 -1.36 -18.67 -32.44
N ASN A 645 -2.13 -19.26 -31.54
CA ASN A 645 -1.68 -20.39 -30.80
C ASN A 645 -1.24 -21.47 -31.81
N ASP A 646 -2.13 -21.82 -32.73
CA ASP A 646 -1.92 -22.92 -33.65
C ASP A 646 -0.73 -22.71 -34.62
N GLN A 647 -0.51 -21.45 -34.90
CA GLN A 647 0.52 -21.01 -35.75
C GLN A 647 1.84 -21.19 -35.02
N ARG A 648 1.86 -20.81 -33.75
CA ARG A 648 3.04 -21.03 -32.93
C ARG A 648 3.28 -22.53 -32.70
N ARG A 649 2.25 -23.29 -32.34
CA ARG A 649 2.43 -24.74 -32.32
C ARG A 649 3.13 -25.28 -33.59
N ALA A 650 2.60 -24.91 -34.74
CA ALA A 650 3.12 -25.37 -36.00
C ALA A 650 4.55 -24.98 -36.26
N ILE A 651 4.87 -23.73 -36.04
CA ILE A 651 6.19 -23.20 -36.27
C ILE A 651 7.18 -23.67 -35.25
N TYR A 652 6.82 -23.74 -33.99
CA TYR A 652 7.73 -24.40 -33.01
C TYR A 652 8.00 -25.90 -33.23
N SER A 653 6.99 -26.62 -33.63
CA SER A 653 7.15 -27.98 -34.04
C SER A 653 8.19 -28.21 -35.14
N GLN A 654 8.02 -27.52 -36.19
CA GLN A 654 8.93 -27.51 -37.23
C GLN A 654 10.35 -27.24 -36.74
N ARG A 655 10.51 -26.10 -36.04
CA ARG A 655 11.79 -25.62 -35.52
C ARG A 655 12.50 -26.64 -34.65
N ASN A 656 11.71 -27.26 -33.80
CA ASN A 656 12.18 -28.35 -32.96
C ASN A 656 12.65 -29.62 -33.65
N GLU A 657 11.97 -29.96 -34.74
CA GLU A 657 12.36 -31.03 -35.62
C GLU A 657 13.71 -30.81 -36.23
N LEU A 658 13.94 -29.57 -36.65
CA LEU A 658 15.24 -29.14 -37.15
C LEU A 658 16.30 -29.15 -36.12
N LEU A 659 15.94 -28.63 -34.96
CA LEU A 659 16.87 -28.57 -33.81
C LEU A 659 17.42 -29.93 -33.40
N ASP A 660 16.54 -30.93 -33.45
CA ASP A 660 16.84 -32.25 -32.91
C ASP A 660 17.70 -33.09 -33.81
N VAL A 661 17.90 -32.57 -34.99
CA VAL A 661 18.70 -33.26 -35.95
C VAL A 661 20.01 -32.53 -36.31
N SER A 662 21.04 -33.31 -36.62
CA SER A 662 22.34 -32.69 -36.89
C SER A 662 22.63 -32.58 -38.37
N ASP A 663 21.69 -33.10 -39.17
CA ASP A 663 21.84 -33.14 -40.64
C ASP A 663 20.52 -32.83 -41.30
N VAL A 664 20.52 -31.76 -42.08
CA VAL A 664 19.31 -31.12 -42.59
C VAL A 664 19.27 -31.18 -44.15
N SER A 665 19.98 -32.16 -44.65
CA SER A 665 20.26 -32.27 -46.06
C SER A 665 19.10 -32.68 -46.95
N GLU A 666 18.30 -33.67 -46.52
CA GLU A 666 17.10 -34.11 -47.19
C GLU A 666 16.26 -32.87 -47.35
N THR A 667 16.01 -32.21 -46.24
CA THR A 667 15.21 -31.01 -46.32
C THR A 667 15.76 -29.93 -47.25
N ILE A 668 17.06 -29.65 -47.19
CA ILE A 668 17.65 -28.61 -48.05
C ILE A 668 17.44 -28.92 -49.54
N ASN A 669 17.82 -30.13 -49.91
CA ASN A 669 17.78 -30.56 -51.32
C ASN A 669 16.37 -30.42 -51.80
N SER A 670 15.48 -30.94 -50.94
CA SER A 670 14.11 -30.95 -51.23
C SER A 670 13.47 -29.55 -51.30
N ILE A 671 13.83 -28.61 -50.40
CA ILE A 671 13.30 -27.20 -50.58
C ILE A 671 14.01 -26.41 -51.71
N ARG A 672 15.22 -26.81 -52.05
CA ARG A 672 15.88 -26.22 -53.23
C ARG A 672 15.09 -26.41 -54.49
N GLU A 673 14.63 -27.64 -54.68
CA GLU A 673 13.71 -27.96 -55.78
C GLU A 673 12.50 -27.03 -55.68
N ASP A 674 11.82 -26.97 -54.51
CA ASP A 674 10.63 -26.13 -54.41
C ASP A 674 10.93 -24.73 -54.86
N VAL A 675 12.07 -24.20 -54.44
CA VAL A 675 12.33 -22.77 -54.58
C VAL A 675 12.63 -22.45 -56.03
N PHE A 676 13.47 -23.30 -56.64
CA PHE A 676 13.77 -23.22 -58.09
C PHE A 676 12.52 -23.32 -58.95
N LYS A 677 11.74 -24.34 -58.73
CA LYS A 677 10.45 -24.39 -59.43
C LYS A 677 9.69 -23.05 -59.34
N ALA A 678 9.37 -22.63 -58.12
CA ALA A 678 8.60 -21.42 -57.95
C ALA A 678 9.25 -20.18 -58.57
N THR A 679 10.55 -20.10 -58.48
CA THR A 679 11.26 -18.93 -59.00
C THR A 679 11.22 -18.94 -60.50
N ILE A 680 11.39 -20.13 -61.02
CA ILE A 680 11.34 -20.32 -62.47
C ILE A 680 9.93 -20.10 -62.98
N ASP A 681 8.95 -20.63 -62.27
CA ASP A 681 7.56 -20.45 -62.65
C ASP A 681 7.21 -19.01 -62.81
N ALA A 682 7.90 -18.16 -62.08
CA ALA A 682 7.60 -16.73 -62.18
C ALA A 682 7.98 -16.14 -63.50
N TYR A 683 8.89 -16.78 -64.22
CA TYR A 683 9.40 -16.28 -65.52
C TYR A 683 9.09 -17.16 -66.72
N ILE A 684 8.77 -18.42 -66.43
CA ILE A 684 8.42 -19.42 -67.41
C ILE A 684 7.16 -20.05 -66.89
N PRO A 685 6.01 -19.52 -67.33
CA PRO A 685 4.77 -20.12 -66.86
C PRO A 685 4.74 -21.55 -67.34
N PRO A 686 4.39 -22.46 -66.44
CA PRO A 686 4.54 -23.87 -66.84
C PRO A 686 3.71 -24.23 -68.09
N GLN A 687 4.31 -25.06 -68.95
CA GLN A 687 3.66 -25.59 -70.14
C GLN A 687 3.34 -24.51 -71.20
N SER A 688 3.86 -23.28 -70.98
CA SER A 688 3.65 -22.22 -72.00
C SER A 688 4.72 -22.26 -73.10
N LEU A 689 4.36 -21.65 -74.19
CA LEU A 689 5.25 -21.55 -75.31
C LEU A 689 6.35 -20.56 -74.97
N GLU A 690 7.46 -20.61 -75.76
CA GLU A 690 8.69 -19.84 -75.46
C GLU A 690 8.56 -18.33 -75.42
N GLU A 691 7.55 -17.88 -76.16
CA GLU A 691 7.14 -16.52 -76.30
C GLU A 691 6.79 -15.88 -75.04
N MSE A 692 6.19 -16.63 -74.11
CA MSE A 692 5.81 -16.02 -72.81
C MSE A 692 6.94 -16.00 -71.77
O MSE A 692 6.72 -15.50 -70.64
CB MSE A 692 4.67 -16.79 -72.11
CG MSE A 692 3.69 -17.38 -73.06
SE MSE A 692 2.65 -15.91 -73.79
CE MSE A 692 1.57 -15.39 -71.93
N TRP A 693 8.08 -16.57 -72.11
CA TRP A 693 9.12 -16.67 -71.14
C TRP A 693 9.83 -15.33 -71.09
N ASP A 694 10.19 -14.95 -69.84
CA ASP A 694 10.99 -13.78 -69.57
C ASP A 694 12.33 -14.34 -69.15
N ILE A 695 13.13 -14.70 -70.15
CA ILE A 695 14.41 -15.27 -69.89
C ILE A 695 15.42 -14.23 -69.37
N PRO A 696 15.38 -12.98 -69.89
CA PRO A 696 16.00 -11.81 -69.23
C PRO A 696 15.69 -11.62 -67.76
N GLY A 697 14.44 -11.73 -67.37
CA GLY A 697 14.01 -11.51 -65.97
C GLY A 697 14.60 -12.62 -65.11
N LEU A 698 14.66 -13.83 -65.69
CA LEU A 698 15.05 -15.00 -64.88
C LEU A 698 16.54 -15.00 -64.71
N GLN A 699 17.23 -14.54 -65.74
CA GLN A 699 18.66 -14.43 -65.72
C GLN A 699 19.13 -13.54 -64.56
N GLU A 700 18.48 -12.42 -64.41
CA GLU A 700 18.92 -11.45 -63.43
C GLU A 700 18.59 -11.92 -62.04
N ARG A 701 17.36 -12.41 -61.91
CA ARG A 701 16.85 -12.95 -60.67
C ARG A 701 17.73 -14.06 -60.05
N LEU A 702 18.21 -14.95 -60.92
CA LEU A 702 19.12 -15.99 -60.51
C LEU A 702 20.42 -15.28 -60.03
N LYS A 703 20.89 -14.26 -60.75
CA LYS A 703 22.15 -13.60 -60.37
C LYS A 703 21.98 -12.84 -59.09
N ASN A 704 20.88 -12.11 -58.96
CA ASN A 704 20.65 -11.26 -57.81
C ASN A 704 20.34 -12.01 -56.54
N ASP A 705 19.51 -13.05 -56.63
CA ASP A 705 19.12 -13.81 -55.44
C ASP A 705 19.84 -15.13 -55.20
N PHE A 706 20.57 -15.63 -56.20
CA PHE A 706 21.20 -16.94 -56.08
C PHE A 706 22.60 -16.93 -56.53
N ASP A 707 23.12 -15.73 -56.83
CA ASP A 707 24.46 -15.55 -57.41
C ASP A 707 24.69 -16.57 -58.43
N LEU A 708 23.72 -16.78 -59.30
CA LEU A 708 23.73 -17.88 -60.25
C LEU A 708 23.56 -17.27 -61.63
N ASP A 709 24.68 -17.20 -62.32
CA ASP A 709 24.81 -16.43 -63.56
C ASP A 709 24.98 -17.42 -64.73
N LEU A 710 23.82 -17.69 -65.37
CA LEU A 710 23.65 -18.67 -66.45
C LEU A 710 23.32 -17.93 -67.76
N PRO A 711 23.91 -18.40 -68.90
CA PRO A 711 23.60 -17.92 -70.25
C PRO A 711 22.46 -18.75 -70.86
N ILE A 712 21.31 -18.67 -70.18
CA ILE A 712 20.10 -19.30 -70.60
C ILE A 712 19.73 -18.88 -72.05
N ALA A 713 19.70 -17.59 -72.36
CA ALA A 713 19.43 -17.16 -73.74
C ALA A 713 20.33 -17.84 -74.80
N GLU A 714 21.59 -18.11 -74.45
CA GLU A 714 22.52 -18.79 -75.37
C GLU A 714 22.14 -20.26 -75.46
N TRP A 715 21.70 -20.86 -74.36
CA TRP A 715 21.39 -22.29 -74.40
C TRP A 715 20.33 -22.39 -75.38
N LEU A 716 19.25 -21.65 -75.11
CA LEU A 716 18.01 -21.80 -75.87
C LEU A 716 18.25 -21.62 -77.35
N ASP A 717 19.00 -20.57 -77.62
CA ASP A 717 19.21 -20.15 -78.95
C ASP A 717 20.00 -21.24 -79.72
N LYS A 718 20.84 -22.01 -79.00
CA LYS A 718 21.82 -22.95 -79.63
C LYS A 718 21.31 -24.38 -79.71
N GLU A 719 20.51 -24.78 -78.75
CA GLU A 719 19.77 -26.03 -78.86
C GLU A 719 18.30 -25.66 -79.07
N PRO A 720 17.90 -25.52 -80.35
CA PRO A 720 16.50 -25.64 -80.70
C PRO A 720 15.90 -26.90 -80.06
N GLU A 721 16.74 -27.92 -79.89
CA GLU A 721 16.47 -29.11 -79.03
C GLU A 721 15.69 -28.75 -77.74
N LEU A 722 16.38 -28.00 -76.86
CA LEU A 722 16.14 -27.90 -75.42
C LEU A 722 14.88 -27.14 -75.08
N HIS A 723 14.09 -27.81 -74.27
CA HIS A 723 12.76 -27.39 -73.87
C HIS A 723 12.70 -27.05 -72.36
N GLU A 724 11.49 -27.00 -71.81
CA GLU A 724 11.22 -26.37 -70.54
C GLU A 724 11.75 -27.20 -69.36
N GLU A 725 11.31 -28.45 -69.31
CA GLU A 725 11.65 -29.43 -68.28
C GLU A 725 13.16 -29.52 -68.13
N THR A 726 13.80 -29.79 -69.26
CA THR A 726 15.21 -30.01 -69.37
C THR A 726 15.96 -28.76 -68.97
N LEU A 727 15.41 -27.62 -69.32
CA LEU A 727 15.97 -26.34 -68.92
C LEU A 727 15.90 -26.17 -67.39
N ARG A 728 14.76 -26.50 -66.81
CA ARG A 728 14.59 -26.37 -65.36
C ARG A 728 15.64 -27.25 -64.63
N GLU A 729 15.96 -28.40 -65.21
CA GLU A 729 16.88 -29.39 -64.60
C GLU A 729 18.31 -28.87 -64.66
N ARG A 730 18.65 -28.18 -65.75
CA ARG A 730 19.99 -27.65 -65.87
C ARG A 730 20.22 -26.68 -64.75
N ILE A 731 19.24 -25.80 -64.60
CA ILE A 731 19.30 -24.77 -63.61
C ILE A 731 19.46 -25.35 -62.21
N LEU A 732 18.72 -26.38 -61.86
CA LEU A 732 18.91 -27.02 -60.59
C LEU A 732 20.36 -27.63 -60.47
N ALA A 733 20.65 -28.52 -61.43
CA ALA A 733 21.97 -29.15 -61.49
C ALA A 733 23.09 -28.15 -61.25
N GLN A 734 23.03 -27.00 -61.95
CA GLN A 734 24.10 -26.00 -61.77
C GLN A 734 24.19 -25.44 -60.38
N SER A 735 23.03 -25.11 -59.81
CA SER A 735 23.01 -24.50 -58.51
C SER A 735 23.75 -25.46 -57.56
N ILE A 736 23.45 -26.73 -57.68
CA ILE A 736 24.04 -27.80 -56.90
C ILE A 736 25.57 -27.98 -57.10
N GLU A 737 26.00 -28.08 -58.33
CA GLU A 737 27.39 -28.23 -58.61
C GLU A 737 28.15 -27.09 -57.96
N VAL A 738 27.57 -25.90 -58.02
CA VAL A 738 28.20 -24.73 -57.39
C VAL A 738 28.29 -24.93 -55.86
N TYR A 739 27.28 -25.62 -55.35
CA TYR A 739 27.15 -25.82 -53.90
C TYR A 739 28.11 -26.93 -53.45
N GLN A 740 28.22 -28.00 -54.28
CA GLN A 740 29.16 -29.11 -54.06
C GLN A 740 30.59 -28.61 -53.90
N ARG A 741 30.93 -27.64 -54.74
CA ARG A 741 32.25 -27.03 -54.80
C ARG A 741 32.56 -26.23 -53.56
N LYS A 742 31.59 -25.51 -53.01
CA LYS A 742 31.84 -24.73 -51.79
C LYS A 742 32.01 -25.69 -50.63
N GLU A 743 31.33 -26.81 -50.74
CA GLU A 743 31.36 -27.80 -49.69
C GLU A 743 32.72 -28.54 -49.68
N GLU A 744 33.34 -28.77 -50.85
CA GLU A 744 34.68 -29.39 -50.90
C GLU A 744 35.66 -28.45 -50.18
N VAL A 745 35.47 -27.13 -50.30
CA VAL A 745 36.33 -26.16 -49.58
C VAL A 745 36.08 -26.12 -48.10
N VAL A 746 34.82 -25.93 -47.79
CA VAL A 746 34.40 -25.65 -46.42
C VAL A 746 34.42 -26.87 -45.55
N GLY A 747 34.16 -28.05 -46.10
CA GLY A 747 34.03 -29.24 -45.31
C GLY A 747 32.57 -29.58 -45.05
N ALA A 748 32.33 -30.87 -44.84
CA ALA A 748 30.96 -31.39 -44.94
C ALA A 748 30.20 -31.09 -43.69
N GLU A 749 30.72 -31.55 -42.55
CA GLU A 749 30.12 -31.33 -41.27
C GLU A 749 29.98 -29.81 -40.95
N MSE A 750 30.89 -29.00 -41.47
CA MSE A 750 30.82 -27.57 -41.29
C MSE A 750 29.62 -27.07 -42.06
O MSE A 750 28.93 -26.16 -41.66
CB MSE A 750 32.11 -26.93 -41.83
CG MSE A 750 32.29 -25.46 -41.50
SE MSE A 750 32.16 -25.18 -39.54
CE MSE A 750 33.16 -23.44 -39.14
N MSE A 751 29.37 -27.72 -43.16
CA MSE A 751 28.29 -27.29 -44.06
C MSE A 751 26.92 -27.63 -43.59
O MSE A 751 26.03 -26.81 -43.71
CB MSE A 751 28.52 -27.86 -45.41
CG MSE A 751 29.25 -26.85 -46.23
SE MSE A 751 27.95 -25.42 -46.83
CE MSE A 751 29.00 -25.06 -48.65
N ARG A 752 26.82 -28.85 -43.03
CA ARG A 752 25.66 -29.42 -42.38
C ARG A 752 25.30 -28.46 -41.31
N HIS A 753 26.23 -28.12 -40.45
CA HIS A 753 25.92 -27.20 -39.38
C HIS A 753 25.63 -25.77 -39.83
N PHE A 754 26.27 -25.30 -40.91
CA PHE A 754 25.91 -24.04 -41.51
C PHE A 754 24.39 -24.07 -41.98
N GLU A 755 24.06 -25.13 -42.66
CA GLU A 755 22.72 -25.20 -43.19
C GLU A 755 21.68 -25.21 -42.05
N LYS A 756 21.92 -25.97 -40.99
CA LYS A 756 21.00 -25.97 -39.90
C LYS A 756 20.85 -24.56 -39.32
N GLY A 757 21.98 -23.92 -39.00
CA GLY A 757 21.96 -22.59 -38.36
C GLY A 757 21.25 -21.60 -39.23
N VAL A 758 21.36 -21.72 -40.52
CA VAL A 758 20.67 -20.81 -41.43
C VAL A 758 19.16 -20.98 -41.47
N MSE A 759 18.70 -22.22 -41.42
CA MSE A 759 17.33 -22.54 -41.38
C MSE A 759 16.71 -21.96 -40.14
O MSE A 759 15.66 -21.31 -40.21
CB MSE A 759 17.18 -24.05 -41.39
CG MSE A 759 17.72 -24.80 -42.68
SE MSE A 759 16.58 -26.39 -43.18
CE MSE A 759 14.81 -25.44 -43.50
N LEU A 760 17.34 -22.22 -38.96
CA LEU A 760 16.87 -21.71 -37.68
C LEU A 760 16.85 -20.21 -37.64
N GLN A 761 17.92 -19.61 -38.13
CA GLN A 761 17.95 -18.20 -38.01
C GLN A 761 16.97 -17.55 -38.95
N THR A 762 16.77 -18.16 -40.11
CA THR A 762 15.88 -17.59 -41.13
C THR A 762 14.44 -17.72 -40.59
N LEU A 763 14.09 -18.90 -40.05
CA LEU A 763 12.82 -19.13 -39.33
C LEU A 763 12.55 -18.09 -38.27
N ASP A 764 13.54 -17.78 -37.46
CA ASP A 764 13.36 -16.96 -36.28
C ASP A 764 13.11 -15.52 -36.79
N SER A 765 13.83 -15.08 -37.81
CA SER A 765 13.58 -13.77 -38.44
C SER A 765 12.21 -13.69 -39.05
N LEU A 766 11.83 -14.65 -39.86
CA LEU A 766 10.46 -14.54 -40.42
C LEU A 766 9.35 -14.57 -39.34
N TRP A 767 9.62 -15.24 -38.25
CA TRP A 767 8.61 -15.43 -37.25
C TRP A 767 8.37 -14.16 -36.46
N LYS A 768 9.46 -13.56 -36.05
CA LYS A 768 9.50 -12.31 -35.47
C LYS A 768 8.74 -11.36 -36.40
N GLU A 769 9.08 -11.33 -37.70
CA GLU A 769 8.30 -10.46 -38.61
C GLU A 769 6.83 -10.83 -38.61
N HIS A 770 6.54 -12.13 -38.60
CA HIS A 770 5.18 -12.58 -38.70
C HIS A 770 4.40 -12.17 -37.45
N LEU A 771 5.04 -12.19 -36.30
CA LEU A 771 4.32 -11.88 -35.00
C LEU A 771 3.92 -10.41 -35.02
N ALA A 772 4.84 -9.59 -35.51
CA ALA A 772 4.60 -8.18 -35.69
C ALA A 772 3.39 -7.89 -36.60
N ALA A 773 3.29 -8.63 -37.68
CA ALA A 773 2.26 -8.38 -38.66
C ALA A 773 0.96 -9.02 -38.26
N MSE A 774 1.01 -10.11 -37.51
CA MSE A 774 -0.18 -10.68 -36.95
C MSE A 774 -0.73 -9.70 -35.88
O MSE A 774 -1.91 -9.57 -35.68
CB MSE A 774 0.12 -11.97 -36.26
CG MSE A 774 0.24 -13.08 -37.12
SE MSE A 774 -1.38 -13.52 -38.14
CE MSE A 774 -2.56 -14.36 -36.46
N ASP A 775 0.17 -9.04 -35.19
CA ASP A 775 -0.25 -8.03 -34.27
C ASP A 775 -0.98 -6.92 -34.97
N TYR A 776 -0.35 -6.35 -35.96
CA TYR A 776 -0.94 -5.26 -36.67
C TYR A 776 -2.35 -5.63 -37.23
N LEU A 777 -2.41 -6.78 -37.88
CA LEU A 777 -3.64 -7.29 -38.49
C LEU A 777 -4.79 -7.42 -37.47
N ARG A 778 -4.46 -7.88 -36.26
CA ARG A 778 -5.43 -8.10 -35.22
C ARG A 778 -5.97 -6.81 -34.60
N GLN A 779 -5.16 -5.78 -34.43
CA GLN A 779 -5.60 -4.53 -33.79
C GLN A 779 -6.33 -3.62 -34.79
N GLY A 780 -6.23 -3.98 -36.06
CA GLY A 780 -7.06 -3.41 -37.10
C GLY A 780 -8.42 -4.06 -37.10
N ILE A 781 -8.62 -4.97 -36.13
CA ILE A 781 -9.89 -5.68 -35.98
C ILE A 781 -10.98 -4.73 -35.48
N HIS A 782 -11.73 -4.21 -36.45
CA HIS A 782 -12.92 -3.40 -36.22
C HIS A 782 -13.50 -3.04 -37.63
N LEU A 783 -12.73 -2.31 -38.45
CA LEU A 783 -13.24 -1.77 -39.73
C LEU A 783 -12.64 -2.38 -41.08
N ARG A 784 -11.73 -3.35 -41.00
CA ARG A 784 -11.34 -4.21 -42.16
C ARG A 784 -12.47 -5.23 -42.53
N GLY A 785 -12.91 -6.01 -41.51
CA GLY A 785 -14.20 -6.78 -41.51
C GLY A 785 -15.44 -6.02 -40.96
N TYR A 786 -16.48 -5.90 -41.80
CA TYR A 786 -17.46 -4.78 -41.72
C TYR A 786 -18.98 -5.12 -41.70
N ALA A 787 -19.58 -5.46 -42.86
CA ALA A 787 -21.06 -5.61 -43.04
C ALA A 787 -21.61 -7.03 -43.40
N GLN A 788 -21.77 -7.86 -42.36
CA GLN A 788 -22.43 -9.20 -42.43
C GLN A 788 -21.58 -10.41 -42.94
N LYS A 789 -20.27 -10.21 -43.13
CA LYS A 789 -19.32 -11.32 -42.91
C LYS A 789 -19.09 -11.33 -41.38
N ASP A 790 -18.41 -12.38 -40.92
CA ASP A 790 -17.81 -12.43 -39.59
C ASP A 790 -16.38 -11.89 -39.81
N PRO A 791 -15.92 -10.94 -38.95
CA PRO A 791 -14.49 -10.56 -38.97
C PRO A 791 -13.80 -11.67 -38.16
N LYS A 792 -12.78 -12.37 -38.60
CA LYS A 792 -12.55 -13.74 -37.96
C LYS A 792 -13.51 -14.52 -38.72
N GLN A 793 -13.14 -15.70 -39.13
CA GLN A 793 -13.53 -16.13 -40.48
C GLN A 793 -12.59 -15.33 -41.37
N GLU A 794 -12.70 -13.99 -41.42
CA GLU A 794 -11.80 -13.22 -42.33
C GLU A 794 -10.37 -13.13 -41.79
N TYR A 795 -10.28 -12.97 -40.50
CA TYR A 795 -9.04 -12.82 -39.82
C TYR A 795 -8.31 -14.17 -39.91
N LYS A 796 -9.08 -15.23 -39.66
CA LYS A 796 -8.67 -16.57 -39.79
C LYS A 796 -8.16 -16.81 -41.25
N ARG A 797 -8.93 -16.43 -42.20
CA ARG A 797 -8.49 -16.44 -43.61
C ARG A 797 -7.22 -15.63 -43.88
N GLU A 798 -7.13 -14.41 -43.37
CA GLU A 798 -5.97 -13.60 -43.70
C GLU A 798 -4.78 -14.21 -42.99
N SER A 799 -4.97 -14.66 -41.75
CA SER A 799 -3.94 -15.28 -40.98
C SER A 799 -3.30 -16.47 -41.63
N PHE A 800 -4.18 -17.33 -42.15
CA PHE A 800 -3.85 -18.58 -42.77
C PHE A 800 -2.99 -18.33 -44.03
N SER A 801 -3.50 -17.42 -44.87
CA SER A 801 -2.73 -16.92 -46.00
C SER A 801 -1.35 -16.35 -45.64
N MSE A 802 -1.32 -15.49 -44.67
CA MSE A 802 -0.07 -14.91 -44.29
C MSE A 802 0.86 -15.95 -43.73
O MSE A 802 2.06 -15.84 -43.94
CB MSE A 802 -0.31 -13.73 -43.34
CG MSE A 802 0.99 -13.06 -42.81
SE MSE A 802 0.61 -12.19 -41.04
CE MSE A 802 -0.96 -11.07 -41.87
N PHE A 803 0.38 -16.94 -42.95
CA PHE A 803 1.30 -18.00 -42.45
C PHE A 803 1.85 -18.95 -43.60
N ALA A 804 0.96 -19.28 -44.53
CA ALA A 804 1.28 -20.10 -45.72
C ALA A 804 2.37 -19.44 -46.61
N ALA A 805 2.32 -18.11 -46.65
CA ALA A 805 3.22 -17.33 -47.47
C ALA A 805 4.56 -17.26 -46.78
N MSE A 806 4.54 -17.22 -45.43
CA MSE A 806 5.76 -17.15 -44.70
C MSE A 806 6.61 -18.43 -44.92
O MSE A 806 7.84 -18.37 -45.01
CB MSE A 806 5.48 -16.98 -43.21
CG MSE A 806 6.71 -17.00 -42.38
SE MSE A 806 6.24 -17.25 -40.45
CE MSE A 806 5.66 -19.10 -40.49
N LEU A 807 5.95 -19.60 -44.93
CA LEU A 807 6.66 -20.85 -45.09
C LEU A 807 7.32 -21.01 -46.45
N GLU A 808 6.68 -20.47 -47.47
CA GLU A 808 7.23 -20.43 -48.81
C GLU A 808 8.37 -19.43 -48.84
N SER A 809 8.13 -18.31 -48.22
CA SER A 809 9.16 -17.30 -48.07
C SER A 809 10.42 -17.70 -47.14
N LEU A 810 10.19 -18.55 -46.19
CA LEU A 810 11.27 -19.23 -45.49
C LEU A 810 12.13 -20.15 -46.39
N LYS A 811 11.48 -20.84 -47.27
CA LYS A 811 12.17 -21.78 -48.13
C LYS A 811 13.06 -20.99 -48.97
N TYR A 812 12.49 -19.96 -49.57
CA TYR A 812 13.19 -19.03 -50.45
C TYR A 812 14.50 -18.48 -49.88
N GLU A 813 14.39 -17.90 -48.68
CA GLU A 813 15.51 -17.20 -48.03
C GLU A 813 16.65 -18.11 -47.59
N VAL A 814 16.29 -19.29 -47.12
CA VAL A 814 17.26 -20.36 -46.83
C VAL A 814 18.07 -20.72 -48.06
N ILE A 815 17.39 -20.99 -49.19
CA ILE A 815 18.09 -21.36 -50.34
C ILE A 815 18.80 -20.16 -51.02
N SER A 816 18.24 -18.96 -50.93
CA SER A 816 18.96 -17.76 -51.40
C SER A 816 20.26 -17.57 -50.56
N THR A 817 20.16 -17.87 -49.29
CA THR A 817 21.35 -17.69 -48.41
C THR A 817 22.43 -18.70 -48.78
N LEU A 818 22.03 -19.93 -48.95
CA LEU A 818 22.93 -21.05 -49.21
C LEU A 818 23.52 -20.94 -50.59
N SER A 819 22.69 -20.48 -51.49
CA SER A 819 23.16 -20.07 -52.77
C SER A 819 24.23 -18.95 -52.83
N LYS A 820 24.03 -17.90 -52.07
CA LYS A 820 24.84 -16.72 -52.21
C LYS A 820 26.05 -16.66 -51.27
N VAL A 821 26.22 -17.65 -50.38
CA VAL A 821 27.31 -17.68 -49.44
C VAL A 821 28.63 -17.66 -50.19
N GLN A 822 29.47 -16.68 -49.87
CA GLN A 822 30.77 -16.56 -50.52
C GLN A 822 31.74 -17.43 -49.74
N VAL A 823 32.64 -18.04 -50.50
CA VAL A 823 33.63 -18.96 -50.00
C VAL A 823 34.88 -18.66 -50.86
N ARG A 824 36.06 -18.59 -50.29
CA ARG A 824 37.22 -18.27 -51.15
C ARG A 824 37.76 -19.56 -51.80
N MSE A 825 37.69 -19.61 -53.13
CA MSE A 825 38.09 -20.80 -53.89
C MSE A 825 39.59 -20.84 -53.89
O MSE A 825 40.21 -19.80 -54.14
CB MSE A 825 37.54 -20.75 -55.32
CG MSE A 825 35.98 -20.76 -55.41
SE MSE A 825 35.02 -22.04 -54.09
CE MSE A 825 35.69 -23.94 -55.06
N PRO A 826 40.19 -21.98 -53.49
CA PRO A 826 41.67 -22.09 -53.49
C PRO A 826 42.19 -23.06 -54.53
N ARG B 5 27.32 21.92 24.13
CA ARG B 5 25.88 22.01 24.34
C ARG B 5 25.31 20.61 24.81
N ASN B 6 25.01 19.69 23.88
CA ASN B 6 24.58 18.29 24.20
C ASN B 6 25.47 17.67 25.29
N ASP B 7 26.78 17.86 25.17
CA ASP B 7 27.79 17.34 26.13
C ASP B 7 27.60 17.81 27.61
N ARG B 8 27.35 19.11 27.83
CA ARG B 8 27.18 19.64 29.17
C ARG B 8 25.80 19.44 29.76
N THR B 9 24.74 19.53 28.94
CA THR B 9 23.41 19.09 29.31
C THR B 9 23.42 17.63 29.77
N LEU B 10 24.05 16.76 28.96
CA LEU B 10 24.14 15.33 29.28
C LEU B 10 24.90 15.06 30.63
N ARG B 11 26.00 15.77 30.83
CA ARG B 11 26.74 15.77 32.09
C ARG B 11 25.88 16.16 33.27
N ARG B 12 25.16 17.25 33.12
CA ARG B 12 24.33 17.69 34.18
C ARG B 12 23.22 16.68 34.48
N MSE B 13 22.72 16.03 33.44
CA MSE B 13 21.71 15.01 33.60
C MSE B 13 22.20 13.68 34.13
O MSE B 13 21.40 12.99 34.80
CB MSE B 13 20.98 14.78 32.29
CG MSE B 13 20.16 15.97 31.87
SE MSE B 13 19.19 15.60 30.06
CE MSE B 13 20.63 14.76 29.08
N ARG B 14 23.43 13.31 33.78
CA ARG B 14 24.03 12.11 34.32
C ARG B 14 24.08 12.28 35.91
N LYS B 15 24.39 13.48 36.42
CA LYS B 15 24.42 13.82 37.84
C LYS B 15 23.05 13.54 38.47
N VAL B 16 21.97 13.93 37.77
CA VAL B 16 20.64 13.71 38.34
C VAL B 16 20.26 12.23 38.26
N VAL B 17 20.67 11.56 37.18
CA VAL B 17 20.53 10.12 37.16
C VAL B 17 21.17 9.47 38.45
N ASN B 18 22.32 9.90 38.84
CA ASN B 18 22.95 9.29 39.98
C ASN B 18 22.18 9.55 41.29
N ILE B 19 21.42 10.65 41.31
CA ILE B 19 20.57 10.95 42.42
C ILE B 19 19.43 9.97 42.45
N ILE B 20 18.82 9.78 41.29
CA ILE B 20 17.66 8.93 41.14
C ILE B 20 17.98 7.51 41.53
N ASN B 21 19.08 7.01 41.04
CA ASN B 21 19.56 5.72 41.35
C ASN B 21 19.77 5.54 42.84
N ALA B 22 20.36 6.51 43.53
CA ALA B 22 20.53 6.43 44.96
C ALA B 22 19.20 6.43 45.79
N MSE B 23 18.11 6.91 45.20
CA MSE B 23 16.84 6.92 45.82
C MSE B 23 16.10 5.63 45.69
O MSE B 23 15.09 5.43 46.33
CB MSE B 23 15.94 8.07 45.31
CG MSE B 23 16.64 9.39 45.51
SE MSE B 23 15.43 10.79 44.87
CE MSE B 23 16.06 12.52 45.94
N GLU B 24 16.60 4.79 44.81
CA GLU B 24 15.96 3.48 44.55
C GLU B 24 15.68 2.65 45.83
N PRO B 25 16.65 2.57 46.73
CA PRO B 25 16.36 1.84 47.96
C PRO B 25 15.20 2.34 48.81
N GLU B 26 15.06 3.68 48.91
CA GLU B 26 13.93 4.37 49.56
C GLU B 26 12.57 3.90 48.89
N MSE B 27 12.49 3.99 47.55
CA MSE B 27 11.27 3.62 46.82
C MSE B 27 10.98 2.11 46.98
O MSE B 27 9.84 1.70 47.20
CB MSE B 27 11.44 3.99 45.39
CG MSE B 27 11.71 5.42 45.10
SE MSE B 27 10.63 6.72 46.08
CE MSE B 27 12.14 8.12 46.74
N GLU B 28 12.02 1.31 47.01
CA GLU B 28 11.80 -0.10 47.17
C GLU B 28 11.10 -0.49 48.49
N LYS B 29 11.41 0.18 49.61
CA LYS B 29 10.99 -0.15 50.97
C LYS B 29 9.54 0.25 51.21
N LEU B 30 9.12 1.18 50.39
CA LEU B 30 7.81 1.76 50.31
C LEU B 30 6.73 0.76 49.87
N SER B 31 5.60 0.74 50.59
CA SER B 31 4.46 -0.12 50.26
C SER B 31 3.86 0.43 48.95
N ASP B 32 2.98 -0.35 48.32
CA ASP B 32 2.19 0.12 47.19
C ASP B 32 1.31 1.34 47.46
N GLU B 33 0.60 1.35 48.57
CA GLU B 33 -0.17 2.56 48.99
C GLU B 33 0.77 3.79 49.15
N GLU B 34 1.96 3.57 49.66
CA GLU B 34 2.94 4.69 49.97
C GLU B 34 3.40 5.22 48.72
N LEU B 35 3.79 4.30 47.83
CA LEU B 35 3.94 4.78 46.41
C LEU B 35 2.81 5.55 45.80
N LYS B 36 1.57 5.04 45.86
CA LYS B 36 0.40 5.84 45.30
C LYS B 36 0.37 7.25 45.98
N GLY B 37 0.75 7.29 47.27
CA GLY B 37 0.77 8.53 48.14
C GLY B 37 1.74 9.65 47.68
N LYS B 38 2.78 9.30 46.95
CA LYS B 38 3.75 10.29 46.50
C LYS B 38 3.13 11.37 45.63
N THR B 39 2.16 10.97 44.83
CA THR B 39 1.45 11.89 43.96
C THR B 39 0.80 13.02 44.69
N ALA B 40 -0.05 12.71 45.67
CA ALA B 40 -0.68 13.78 46.47
C ALA B 40 0.39 14.59 47.22
N GLU B 41 1.42 13.88 47.66
CA GLU B 41 2.52 14.53 48.35
C GLU B 41 3.34 15.51 47.47
N PHE B 42 3.64 15.15 46.20
CA PHE B 42 4.19 16.08 45.22
C PHE B 42 3.24 17.27 44.97
N ARG B 43 1.94 17.00 44.93
CA ARG B 43 0.95 18.04 44.68
C ARG B 43 0.81 19.04 45.79
N ALA B 44 0.93 18.56 46.99
CA ALA B 44 0.95 19.40 48.20
C ALA B 44 2.10 20.31 48.20
N ARG B 45 3.24 19.73 47.88
CA ARG B 45 4.43 20.54 47.67
C ARG B 45 4.33 21.57 46.55
N LEU B 46 3.79 21.17 45.41
CA LEU B 46 3.55 22.15 44.34
C LEU B 46 2.58 23.26 44.75
N GLU B 47 1.57 22.95 45.54
CA GLU B 47 0.60 23.94 46.06
C GLU B 47 1.23 24.94 47.00
N LYS B 48 2.18 24.44 47.78
CA LYS B 48 3.00 25.28 48.57
C LYS B 48 4.13 25.98 47.78
N GLY B 49 4.13 25.93 46.45
CA GLY B 49 5.12 26.71 45.63
C GLY B 49 6.45 26.04 45.27
N GLU B 50 6.58 24.75 45.50
CA GLU B 50 7.62 24.01 44.83
C GLU B 50 7.62 24.16 43.28
N VAL B 51 8.82 24.00 42.76
CA VAL B 51 9.15 24.15 41.36
C VAL B 51 9.19 22.72 40.87
N LEU B 52 8.48 22.46 39.77
CA LEU B 52 8.26 21.15 39.30
C LEU B 52 9.54 20.41 39.01
N GLU B 53 10.49 21.12 38.46
CA GLU B 53 11.81 20.54 38.19
C GLU B 53 12.54 20.03 39.37
N ASN B 54 12.31 20.64 40.54
CA ASN B 54 12.88 20.07 41.74
C ASN B 54 12.30 18.71 42.05
N LEU B 55 11.19 18.34 41.40
CA LEU B 55 10.55 17.06 41.71
C LEU B 55 11.12 15.90 40.90
N ILE B 56 12.01 16.20 39.93
CA ILE B 56 12.33 15.23 38.90
C ILE B 56 12.96 14.00 39.54
N PRO B 57 13.92 14.21 40.40
CA PRO B 57 14.57 12.92 40.89
C PRO B 57 13.63 11.96 41.64
N GLU B 58 12.83 12.52 42.53
CA GLU B 58 11.88 11.68 43.27
C GLU B 58 10.79 11.19 42.44
N ALA B 59 10.30 12.03 41.55
CA ALA B 59 9.20 11.55 40.72
C ALA B 59 9.61 10.46 39.80
N PHE B 60 10.80 10.56 39.22
CA PHE B 60 11.28 9.56 38.33
C PHE B 60 11.56 8.23 39.07
N ALA B 61 12.11 8.34 40.29
CA ALA B 61 12.37 7.25 41.15
C ALA B 61 11.06 6.52 41.52
N VAL B 62 10.03 7.33 41.70
CA VAL B 62 8.72 6.80 42.02
C VAL B 62 8.16 6.03 40.78
N VAL B 63 8.23 6.63 39.61
CA VAL B 63 7.68 6.01 38.39
C VAL B 63 8.49 4.75 38.04
N ARG B 64 9.80 4.85 38.13
CA ARG B 64 10.62 3.66 37.97
C ARG B 64 10.27 2.43 38.86
N GLU B 65 10.01 2.69 40.13
CA GLU B 65 9.63 1.63 41.06
C GLU B 65 8.20 1.09 40.73
N ALA B 66 7.24 1.98 40.54
CA ALA B 66 5.91 1.61 40.10
C ALA B 66 5.99 0.62 38.91
N SER B 67 6.86 0.94 37.92
CA SER B 67 6.94 0.17 36.70
C SER B 67 7.58 -1.20 36.97
N LYS B 68 8.56 -1.30 37.84
CA LYS B 68 9.06 -2.61 38.31
C LYS B 68 7.93 -3.45 38.78
N ARG B 69 7.05 -2.88 39.57
CA ARG B 69 5.96 -3.59 40.14
C ARG B 69 4.79 -3.81 39.18
N VAL B 70 4.39 -2.82 38.44
CA VAL B 70 3.25 -3.03 37.56
C VAL B 70 3.71 -3.74 36.26
N PHE B 71 4.79 -3.27 35.62
CA PHE B 71 5.20 -3.89 34.37
C PHE B 71 6.26 -4.93 34.43
N GLY B 72 6.92 -5.07 35.56
CA GLY B 72 8.01 -5.98 35.59
C GLY B 72 9.17 -5.30 34.87
N MSE B 73 9.23 -4.02 34.75
CA MSE B 73 10.32 -3.38 34.00
C MSE B 73 10.79 -2.12 34.67
O MSE B 73 9.94 -1.28 35.01
CB MSE B 73 9.81 -2.85 32.66
CG MSE B 73 9.57 -3.88 31.58
SE MSE B 73 8.68 -3.02 29.97
CE MSE B 73 7.06 -2.57 30.55
N ARG B 74 12.10 -1.89 34.61
CA ARG B 74 12.81 -0.86 35.34
C ARG B 74 13.53 0.01 34.34
N HIS B 75 13.06 1.23 34.21
CA HIS B 75 13.68 2.16 33.34
C HIS B 75 15.15 2.17 33.45
N PHE B 76 15.80 2.15 32.29
CA PHE B 76 17.27 2.21 32.18
C PHE B 76 17.73 3.70 32.42
N ASP B 77 18.98 3.93 32.77
CA ASP B 77 19.47 5.28 32.99
C ASP B 77 19.28 6.19 31.76
N VAL B 78 19.65 5.72 30.55
CA VAL B 78 19.36 6.47 29.28
C VAL B 78 17.83 6.86 29.15
N GLN B 79 16.96 6.05 29.71
CA GLN B 79 15.58 6.33 29.67
C GLN B 79 15.23 7.43 30.59
N LEU B 80 15.89 7.42 31.77
CA LEU B 80 15.78 8.55 32.72
C LEU B 80 16.28 9.78 31.98
N LEU B 81 17.39 9.71 31.25
CA LEU B 81 17.80 10.91 30.51
C LEU B 81 16.81 11.38 29.51
N GLY B 82 16.28 10.47 28.71
CA GLY B 82 15.32 10.77 27.69
C GLY B 82 14.14 11.45 28.38
N GLY B 83 13.65 10.91 29.50
CA GLY B 83 12.60 11.65 30.22
C GLY B 83 12.77 13.09 30.63
N MSE B 84 13.97 13.44 31.06
CA MSE B 84 14.32 14.78 31.42
C MSE B 84 14.43 15.62 30.24
O MSE B 84 13.98 16.78 30.24
CB MSE B 84 15.68 14.86 32.10
CG MSE B 84 15.72 14.20 33.35
SE MSE B 84 17.66 13.99 34.12
CE MSE B 84 17.18 12.11 34.86
N VAL B 85 14.94 15.07 29.17
CA VAL B 85 14.92 15.86 27.93
C VAL B 85 13.47 16.31 27.57
N LEU B 86 12.48 15.41 27.68
CA LEU B 86 11.12 15.65 27.27
C LEU B 86 10.31 16.50 28.24
N ASN B 87 10.83 16.80 29.44
CA ASN B 87 10.32 17.87 30.27
C ASN B 87 10.62 19.25 29.73
N GLU B 88 11.64 19.32 28.90
CA GLU B 88 11.94 20.61 28.22
C GLU B 88 11.33 20.74 26.83
N ARG B 89 11.49 21.86 26.21
CA ARG B 89 10.89 22.12 24.90
C ARG B 89 11.92 21.52 23.91
N CYS B 90 11.87 20.21 23.82
CA CYS B 90 12.82 19.38 23.17
C CYS B 90 12.29 18.10 22.57
N ILE B 91 13.04 17.61 21.61
CA ILE B 91 12.98 16.33 20.97
C ILE B 91 14.08 15.46 21.56
N ALA B 92 13.73 14.37 22.18
CA ALA B 92 14.73 13.30 22.51
C ALA B 92 14.91 12.42 21.29
N GLU B 93 16.12 12.30 20.71
CA GLU B 93 16.44 11.29 19.68
C GLU B 93 16.93 10.02 20.39
N MSE B 94 16.13 9.00 20.27
CA MSE B 94 16.40 7.75 20.84
C MSE B 94 16.28 6.76 19.76
O MSE B 94 15.24 6.64 19.07
CB MSE B 94 15.54 7.38 22.04
CG MSE B 94 15.43 8.44 22.92
SE MSE B 94 14.39 8.01 24.55
CE MSE B 94 12.70 8.64 23.69
N ARG B 95 17.41 6.08 19.63
CA ARG B 95 17.54 4.94 18.73
C ARG B 95 16.45 3.85 18.85
N THR B 96 16.02 3.37 17.70
CA THR B 96 15.05 2.30 17.57
C THR B 96 15.49 1.19 18.52
N GLY B 97 14.59 0.70 19.34
CA GLY B 97 14.98 -0.35 20.29
C GLY B 97 15.35 0.15 21.68
N GLU B 98 15.36 1.46 21.90
CA GLU B 98 15.85 2.05 23.16
C GLU B 98 14.78 2.17 24.15
N GLY B 99 13.54 1.86 23.75
CA GLY B 99 12.39 2.00 24.64
C GLY B 99 11.71 3.32 24.79
N LYS B 100 11.28 3.91 23.66
CA LYS B 100 10.54 5.20 23.68
C LYS B 100 9.29 5.14 24.46
N THR B 101 8.54 4.09 24.30
CA THR B 101 7.24 4.06 24.91
C THR B 101 7.29 4.00 26.46
N LEU B 102 8.17 3.15 27.04
CA LEU B 102 8.46 3.29 28.51
C LEU B 102 9.06 4.64 28.89
N THR B 103 9.93 5.14 28.07
CA THR B 103 10.52 6.45 28.43
C THR B 103 9.46 7.48 28.67
N ALA B 104 8.57 7.59 27.76
CA ALA B 104 7.48 8.51 27.82
C ALA B 104 6.60 8.47 29.07
N THR B 105 6.59 7.39 29.88
CA THR B 105 5.82 7.39 31.15
C THR B 105 6.33 8.42 32.18
N LEU B 106 7.58 8.76 32.03
CA LEU B 106 8.27 9.69 32.94
C LEU B 106 7.81 11.13 32.77
N PRO B 107 8.02 11.73 31.61
CA PRO B 107 7.54 13.11 31.49
C PRO B 107 6.01 13.24 31.60
N ALA B 108 5.27 12.19 31.23
CA ALA B 108 3.83 12.20 31.25
C ALA B 108 3.46 12.27 32.68
N TYR B 109 4.12 11.49 33.53
CA TYR B 109 3.80 11.55 34.93
C TYR B 109 4.12 12.90 35.54
N LEU B 110 5.37 13.33 35.33
CA LEU B 110 5.79 14.60 35.94
C LEU B 110 4.86 15.78 35.49
N ASN B 111 4.48 15.78 34.23
CA ASN B 111 3.72 16.90 33.73
C ASN B 111 2.22 16.89 33.88
N ALA B 112 1.80 15.86 34.57
CA ALA B 112 0.50 15.64 35.12
C ALA B 112 0.29 16.11 36.50
N LEU B 113 1.39 16.37 37.23
CA LEU B 113 1.34 16.74 38.68
C LEU B 113 0.59 18.03 38.96
N THR B 114 0.68 19.04 38.10
CA THR B 114 0.04 20.30 38.31
C THR B 114 -1.49 20.27 38.03
N GLY B 115 -2.06 19.13 37.65
CA GLY B 115 -3.46 18.99 37.37
C GLY B 115 -3.98 19.74 36.16
N LYS B 116 -3.13 19.91 35.13
CA LYS B 116 -3.46 20.77 33.96
C LYS B 116 -3.66 19.91 32.71
N GLY B 117 -3.46 18.61 32.86
CA GLY B 117 -3.51 17.72 31.74
C GLY B 117 -2.23 17.41 30.97
N VAL B 118 -2.23 16.24 30.38
CA VAL B 118 -1.15 15.85 29.41
C VAL B 118 -1.79 15.24 28.20
N HIS B 119 -1.37 15.70 27.03
CA HIS B 119 -1.71 15.13 25.77
C HIS B 119 -0.58 14.33 25.20
N VAL B 120 -0.75 12.99 25.32
CA VAL B 120 0.12 12.11 24.56
C VAL B 120 -0.45 11.92 23.15
N VAL B 121 0.39 12.18 22.18
CA VAL B 121 0.01 12.25 20.76
C VAL B 121 0.63 11.08 20.04
N THR B 122 -0.24 10.19 19.61
CA THR B 122 0.13 8.99 18.87
C THR B 122 -0.19 9.22 17.44
N VAL B 123 0.40 8.43 16.58
CA VAL B 123 0.14 8.47 15.15
C VAL B 123 -1.14 7.83 14.63
N ASN B 124 -1.73 6.95 15.38
CA ASN B 124 -2.99 6.31 14.97
C ASN B 124 -3.78 5.86 16.22
N ASP B 125 -5.03 5.52 15.98
CA ASP B 125 -5.92 5.12 17.07
C ASP B 125 -5.50 3.87 17.68
N TYR B 126 -4.96 2.95 16.95
CA TYR B 126 -4.59 1.70 17.57
C TYR B 126 -3.58 1.91 18.71
N LEU B 127 -2.55 2.75 18.46
CA LEU B 127 -1.55 2.97 19.47
C LEU B 127 -2.04 3.82 20.59
N ALA B 128 -2.94 4.78 20.29
CA ALA B 128 -3.51 5.53 21.32
C ALA B 128 -4.17 4.55 22.31
N GLN B 129 -5.02 3.69 21.78
CA GLN B 129 -5.78 2.82 22.58
C GLN B 129 -4.94 1.82 23.37
N ARG B 130 -4.02 1.17 22.67
CA ARG B 130 -3.03 0.28 23.20
C ARG B 130 -2.23 0.89 24.30
N ASP B 131 -1.72 2.11 24.07
CA ASP B 131 -0.89 2.78 25.07
C ASP B 131 -1.69 3.20 26.30
N ALA B 132 -2.83 3.85 26.10
CA ALA B 132 -3.71 4.18 27.18
C ALA B 132 -4.03 2.98 28.11
N GLU B 133 -4.38 1.84 27.51
CA GLU B 133 -4.72 0.67 28.25
C GLU B 133 -3.48 0.02 28.88
N ASN B 134 -2.34 0.01 28.19
CA ASN B 134 -1.12 -0.55 28.79
C ASN B 134 -0.73 0.32 29.94
N ASN B 135 -0.83 1.64 29.81
CA ASN B 135 -0.36 2.52 30.92
C ASN B 135 -1.34 2.79 32.01
N ARG B 136 -2.62 2.45 31.79
CA ARG B 136 -3.64 2.77 32.80
C ARG B 136 -3.27 2.19 34.20
N PRO B 137 -2.97 0.91 34.26
CA PRO B 137 -2.56 0.29 35.58
C PRO B 137 -1.27 0.85 36.19
N LEU B 138 -0.30 1.21 35.38
CA LEU B 138 0.80 2.02 35.89
C LEU B 138 0.35 3.35 36.56
N PHE B 139 -0.32 4.21 35.81
CA PHE B 139 -0.65 5.53 36.29
C PHE B 139 -1.72 5.44 37.37
N GLU B 140 -2.69 4.49 37.31
CA GLU B 140 -3.66 4.28 38.46
C GLU B 140 -2.97 3.85 39.77
N PHE B 141 -1.96 3.00 39.63
CA PHE B 141 -1.05 2.60 40.72
C PHE B 141 -0.49 3.85 41.39
N LEU B 142 -0.32 4.90 40.61
CA LEU B 142 0.23 6.12 41.07
C LEU B 142 -0.77 7.17 41.35
N GLY B 143 -2.04 6.81 41.48
CA GLY B 143 -3.18 7.76 41.72
C GLY B 143 -3.50 8.79 40.64
N LEU B 144 -3.19 8.47 39.37
CA LEU B 144 -3.56 9.32 38.23
C LEU B 144 -4.60 8.58 37.42
N THR B 145 -5.42 9.35 36.70
CA THR B 145 -6.33 8.73 35.73
C THR B 145 -5.74 8.85 34.36
N VAL B 146 -6.29 8.01 33.47
CA VAL B 146 -5.98 8.00 32.03
C VAL B 146 -7.21 8.16 31.13
N GLY B 147 -7.07 9.03 30.13
CA GLY B 147 -8.13 9.16 29.13
C GLY B 147 -7.71 8.72 27.71
N ILE B 148 -8.72 8.27 26.96
CA ILE B 148 -8.56 7.90 25.58
C ILE B 148 -9.60 8.74 24.78
N ASN B 149 -9.09 9.39 23.75
CA ASN B 149 -9.81 10.26 22.88
C ASN B 149 -9.77 9.65 21.50
N LEU B 150 -10.94 9.45 20.91
CA LEU B 150 -11.09 8.84 19.59
C LEU B 150 -12.11 9.54 18.76
N PRO B 151 -11.97 9.51 17.41
CA PRO B 151 -13.00 10.03 16.46
C PRO B 151 -14.39 9.37 16.65
N GLY B 152 -15.45 10.16 16.66
CA GLY B 152 -16.82 9.59 16.86
C GLY B 152 -17.22 9.49 18.34
N MSE B 153 -16.28 9.66 19.21
CA MSE B 153 -16.54 9.57 20.57
C MSE B 153 -17.49 10.71 20.96
O MSE B 153 -17.24 11.85 20.66
CB MSE B 153 -15.26 9.75 21.38
CG MSE B 153 -15.46 9.61 22.84
SE MSE B 153 -13.71 9.38 23.90
CE MSE B 153 -13.39 7.36 23.51
N PRO B 154 -18.52 10.40 21.74
CA PRO B 154 -19.40 11.52 22.16
C PRO B 154 -18.79 12.58 23.15
N ALA B 155 -19.36 13.76 23.17
CA ALA B 155 -18.77 14.89 23.78
C ALA B 155 -18.57 14.67 25.32
N PRO B 156 -19.57 14.12 26.01
CA PRO B 156 -19.37 13.83 27.43
C PRO B 156 -18.20 12.84 27.78
N ALA B 157 -18.09 11.76 26.98
CA ALA B 157 -16.89 10.91 26.99
C ALA B 157 -15.55 11.56 26.64
N LYS B 158 -15.53 12.32 25.58
CA LYS B 158 -14.44 13.21 25.36
C LYS B 158 -14.07 14.20 26.49
N ARG B 159 -15.03 14.84 27.10
CA ARG B 159 -14.80 15.69 28.22
C ARG B 159 -14.08 14.92 29.38
N GLU B 160 -14.61 13.77 29.77
CA GLU B 160 -13.88 12.95 30.69
C GLU B 160 -12.49 12.69 30.22
N ALA B 161 -12.27 12.29 28.98
CA ALA B 161 -10.89 11.88 28.54
C ALA B 161 -9.90 13.04 28.75
N TYR B 162 -10.39 14.26 28.50
CA TYR B 162 -9.56 15.43 28.62
C TYR B 162 -9.38 15.88 30.06
N ALA B 163 -10.35 15.52 30.91
CA ALA B 163 -10.31 15.82 32.32
C ALA B 163 -9.45 14.77 33.12
N ALA B 164 -9.07 13.66 32.53
CA ALA B 164 -8.13 12.71 33.15
C ALA B 164 -6.76 13.43 33.26
N ASP B 165 -6.02 12.97 34.20
CA ASP B 165 -4.61 13.39 34.38
C ASP B 165 -3.77 13.32 33.14
N ILE B 166 -3.93 12.25 32.38
CA ILE B 166 -3.17 12.00 31.19
C ILE B 166 -4.06 11.45 30.13
N THR B 167 -3.85 11.98 28.92
CA THR B 167 -4.73 11.67 27.77
C THR B 167 -3.87 11.08 26.65
N TYR B 168 -4.44 10.04 25.98
CA TYR B 168 -3.94 9.56 24.73
C TYR B 168 -4.88 9.78 23.56
N GLY B 169 -4.27 10.02 22.38
CA GLY B 169 -5.04 10.25 21.14
C GLY B 169 -4.16 10.74 20.00
N THR B 170 -4.70 10.73 18.79
CA THR B 170 -3.96 11.00 17.62
C THR B 170 -3.85 12.56 17.43
N ASN B 171 -2.86 13.05 16.69
CA ASN B 171 -2.80 14.47 16.42
C ASN B 171 -4.08 15.02 15.81
N ASN B 172 -4.64 14.28 14.85
CA ASN B 172 -5.78 14.77 14.17
C ASN B 172 -6.92 15.18 15.09
N GLU B 173 -7.18 14.30 16.00
CA GLU B 173 -8.39 14.39 16.73
C GLU B 173 -8.26 15.39 17.86
N TYR B 174 -7.04 15.60 18.32
CA TYR B 174 -6.76 16.72 19.15
C TYR B 174 -7.10 18.03 18.45
N GLY B 175 -6.56 18.19 17.28
CA GLY B 175 -6.84 19.35 16.44
C GLY B 175 -8.35 19.62 16.19
N PHE B 176 -9.05 18.58 15.74
CA PHE B 176 -10.41 18.63 15.43
C PHE B 176 -11.23 19.10 16.67
N ASP B 177 -10.92 18.62 17.82
CA ASP B 177 -11.55 19.02 19.12
C ASP B 177 -11.37 20.48 19.43
N TYR B 178 -10.21 20.95 19.06
CA TYR B 178 -9.85 22.34 19.25
C TYR B 178 -10.75 23.25 18.46
N LEU B 179 -10.85 22.90 17.22
CA LEU B 179 -11.70 23.63 16.28
C LEU B 179 -13.15 23.66 16.69
N ARG B 180 -13.72 22.48 16.98
CA ARG B 180 -15.10 22.38 17.40
C ARG B 180 -15.30 23.15 18.73
N ASP B 181 -14.37 23.09 19.69
CA ASP B 181 -14.36 24.04 20.85
C ASP B 181 -14.49 25.53 20.49
N ASN B 182 -13.83 25.94 19.43
CA ASN B 182 -13.94 27.29 18.84
C ASN B 182 -15.09 27.48 17.91
N MSE B 183 -15.97 26.51 17.93
CA MSE B 183 -17.24 26.72 17.32
C MSE B 183 -18.38 26.64 18.36
O MSE B 183 -19.49 26.78 18.00
CB MSE B 183 -17.43 25.68 16.26
CG MSE B 183 -16.70 26.00 14.96
SE MSE B 183 -16.65 24.32 13.92
CE MSE B 183 -18.52 24.68 13.22
N ALA B 184 -18.09 26.43 19.62
CA ALA B 184 -19.07 26.40 20.66
C ALA B 184 -19.74 27.73 20.97
N PHE B 185 -21.08 27.66 21.24
CA PHE B 185 -21.85 28.73 21.74
C PHE B 185 -21.99 28.87 23.29
N SER B 186 -21.39 27.96 24.03
CA SER B 186 -21.38 28.12 25.45
C SER B 186 -20.13 27.37 25.91
N PRO B 187 -19.44 27.88 26.95
CA PRO B 187 -18.19 27.32 27.36
C PRO B 187 -18.30 25.93 27.93
N GLU B 188 -19.49 25.60 28.36
CA GLU B 188 -19.73 24.17 28.94
C GLU B 188 -19.70 23.18 27.79
N GLU B 189 -19.88 23.62 26.54
CA GLU B 189 -19.76 22.75 25.40
C GLU B 189 -18.32 22.28 25.07
N ARG B 190 -17.28 23.04 25.48
CA ARG B 190 -15.87 22.63 25.27
C ARG B 190 -15.59 21.31 25.76
N VAL B 191 -14.79 20.55 25.01
CA VAL B 191 -14.30 19.24 25.52
C VAL B 191 -12.86 19.31 26.07
N GLN B 192 -12.11 20.26 25.54
CA GLN B 192 -10.74 20.31 25.96
C GLN B 192 -10.69 21.28 27.10
N ARG B 193 -9.60 21.18 27.83
CA ARG B 193 -9.12 22.21 28.71
C ARG B 193 -8.07 23.06 28.01
N LYS B 194 -7.57 24.03 28.72
CA LYS B 194 -6.37 24.80 28.23
C LYS B 194 -5.27 23.82 27.80
N LEU B 195 -4.59 24.19 26.76
CA LEU B 195 -3.67 23.26 26.11
C LEU B 195 -2.31 23.25 26.89
N HIS B 196 -2.04 22.21 27.73
CA HIS B 196 -0.96 22.35 28.65
C HIS B 196 0.39 21.77 28.08
N TYR B 197 0.39 20.46 27.83
CA TYR B 197 1.58 19.70 27.41
C TYR B 197 1.26 18.63 26.42
N ALA B 198 1.98 18.66 25.34
CA ALA B 198 1.87 17.77 24.23
C ALA B 198 3.21 17.08 24.15
N LEU B 199 3.10 15.78 24.23
CA LEU B 199 4.20 14.87 24.02
C LEU B 199 3.97 14.01 22.78
N VAL B 200 4.68 14.35 21.73
CA VAL B 200 4.46 13.81 20.42
C VAL B 200 5.32 12.59 20.19
N ASP B 201 4.69 11.48 19.91
CA ASP B 201 5.37 10.19 19.93
C ASP B 201 6.31 9.93 18.81
N GLU B 202 6.00 10.43 17.65
CA GLU B 202 6.89 10.31 16.51
C GLU B 202 6.87 11.63 15.72
N VAL B 203 7.80 12.51 16.08
CA VAL B 203 7.81 13.89 15.56
C VAL B 203 8.09 14.07 14.09
N ASP B 204 8.87 13.17 13.50
CA ASP B 204 9.08 13.30 12.05
C ASP B 204 7.83 13.37 11.19
N SER B 205 6.86 12.54 11.47
CA SER B 205 5.72 12.57 10.59
C SER B 205 4.73 13.59 11.18
N ILE B 206 4.64 13.59 12.47
CA ILE B 206 3.58 14.35 13.06
C ILE B 206 3.93 15.88 12.98
N LEU B 207 5.11 16.24 13.46
CA LEU B 207 5.53 17.64 13.46
C LEU B 207 6.13 18.08 12.19
N ILE B 208 6.87 17.26 11.48
CA ILE B 208 7.46 17.74 10.21
C ILE B 208 6.70 17.44 8.94
N ASP B 209 6.55 16.17 8.60
CA ASP B 209 5.97 15.86 7.30
C ASP B 209 4.56 16.43 7.22
N GLU B 210 3.89 16.49 8.32
CA GLU B 210 2.54 16.86 8.24
C GLU B 210 2.31 18.27 8.84
N ALA B 211 3.38 19.07 8.96
CA ALA B 211 3.33 20.47 9.51
C ALA B 211 2.25 21.41 8.91
N ARG B 212 2.12 21.33 7.61
CA ARG B 212 1.24 22.25 6.88
C ARG B 212 -0.12 21.74 6.43
N THR B 213 -0.36 20.49 6.73
CA THR B 213 -1.64 19.81 6.50
C THR B 213 -2.82 20.53 7.21
N PRO B 214 -3.76 21.15 6.46
CA PRO B 214 -4.85 21.77 7.22
C PRO B 214 -5.86 20.76 7.82
N LEU B 215 -6.20 20.95 9.08
CA LEU B 215 -7.44 20.36 9.63
C LEU B 215 -8.61 21.28 9.35
N ILE B 216 -9.67 20.76 8.73
CA ILE B 216 -10.77 21.62 8.22
C ILE B 216 -12.03 20.99 8.81
N ILE B 217 -12.92 21.79 9.37
CA ILE B 217 -14.30 21.40 9.59
C ILE B 217 -15.12 22.13 8.56
N SER B 218 -15.85 21.40 7.74
CA SER B 218 -16.86 22.04 6.85
C SER B 218 -18.30 21.69 7.25
N GLY B 219 -19.23 22.45 6.72
CA GLY B 219 -20.65 22.25 7.05
C GLY B 219 -21.44 22.89 5.96
N PRO B 220 -22.32 22.10 5.25
CA PRO B 220 -23.18 22.70 4.21
C PRO B 220 -24.00 23.86 4.80
N ALA B 221 -23.91 24.00 6.13
CA ALA B 221 -23.79 25.31 6.86
C ALA B 221 -23.13 26.46 6.06
N GLU B 222 -23.29 26.39 4.74
CA GLU B 222 -23.31 27.57 3.87
C GLU B 222 -24.47 28.52 4.27
N ASP B 223 -25.15 29.09 3.28
CA ASP B 223 -26.25 30.03 3.55
C ASP B 223 -26.98 30.47 2.28
N SER B 224 -26.24 31.03 1.32
CA SER B 224 -26.82 31.94 0.32
C SER B 224 -26.77 31.41 -1.12
N SER B 225 -27.71 31.90 -1.92
CA SER B 225 -27.98 31.40 -3.30
C SER B 225 -28.27 32.53 -4.33
N GLU B 226 -28.98 33.56 -3.88
CA GLU B 226 -29.22 34.86 -4.61
C GLU B 226 -28.16 35.37 -5.62
N MSE B 227 -26.89 35.24 -5.21
CA MSE B 227 -25.71 35.75 -5.95
C MSE B 227 -25.44 34.97 -7.24
O MSE B 227 -25.14 35.56 -8.28
CB MSE B 227 -24.44 35.68 -5.05
CG MSE B 227 -24.20 36.91 -4.13
SE MSE B 227 -23.68 38.68 -5.02
CE MSE B 227 -21.96 39.09 -3.80
N TYR B 228 -25.61 33.66 -7.17
CA TYR B 228 -25.37 32.78 -8.30
C TYR B 228 -26.49 32.91 -9.35
N LYS B 229 -27.62 33.54 -8.96
CA LYS B 229 -28.66 33.94 -9.94
C LYS B 229 -28.36 35.36 -10.45
N ARG B 230 -28.34 36.31 -9.51
CA ARG B 230 -27.94 37.69 -9.80
C ARG B 230 -26.79 37.72 -10.81
N VAL B 231 -25.67 37.14 -10.41
CA VAL B 231 -24.41 37.11 -11.19
C VAL B 231 -24.50 36.26 -12.48
N ASN B 232 -25.30 35.20 -12.45
CA ASN B 232 -25.61 34.46 -13.67
C ASN B 232 -26.36 35.37 -14.69
N LYS B 233 -27.39 36.07 -14.20
CA LYS B 233 -28.32 36.90 -15.00
C LYS B 233 -27.59 37.93 -15.89
N ILE B 234 -26.37 38.28 -15.48
CA ILE B 234 -25.49 39.20 -16.22
C ILE B 234 -24.73 38.50 -17.37
N ILE B 235 -24.62 37.17 -17.29
CA ILE B 235 -23.79 36.37 -18.22
C ILE B 235 -24.34 36.11 -19.66
N PRO B 236 -25.68 36.10 -19.87
CA PRO B 236 -26.17 35.95 -21.26
C PRO B 236 -26.18 37.29 -21.98
N HIS B 237 -25.17 38.10 -21.68
CA HIS B 237 -24.69 39.12 -22.60
C HIS B 237 -23.17 39.22 -22.40
N LEU B 238 -22.47 38.15 -22.76
CA LEU B 238 -21.01 38.09 -22.64
C LEU B 238 -20.43 37.27 -23.77
N ILE B 239 -19.82 37.98 -24.70
CA ILE B 239 -19.83 37.53 -26.07
C ILE B 239 -18.39 37.32 -26.62
N ARG B 240 -17.60 36.53 -25.89
CA ARG B 240 -16.31 35.98 -26.35
C ARG B 240 -15.13 36.92 -26.07
N VAL B 272 -9.09 45.03 -19.87
CA VAL B 272 -10.12 45.67 -20.67
C VAL B 272 -11.46 45.24 -20.15
N LEU B 273 -11.65 43.92 -20.14
CA LEU B 273 -12.95 43.26 -19.96
C LEU B 273 -13.56 43.37 -18.50
N ILE B 274 -12.71 43.82 -17.58
CA ILE B 274 -13.06 44.37 -16.26
C ILE B 274 -14.14 45.47 -16.28
N GLU B 275 -13.98 46.45 -17.18
CA GLU B 275 -14.85 47.64 -17.20
C GLU B 275 -16.25 47.25 -17.68
N GLU B 276 -16.26 46.51 -18.78
CA GLU B 276 -17.52 46.00 -19.27
C GLU B 276 -18.25 45.40 -18.04
N LEU B 277 -17.61 44.44 -17.33
CA LEU B 277 -18.18 43.82 -16.08
C LEU B 277 -18.60 44.79 -14.96
N LEU B 278 -17.71 45.72 -14.60
CA LEU B 278 -17.91 46.61 -13.44
C LEU B 278 -19.30 47.28 -13.36
N VAL B 279 -19.55 48.29 -14.20
CA VAL B 279 -20.49 49.40 -13.86
C VAL B 279 -22.00 49.05 -13.91
N LYS B 280 -22.41 48.05 -13.12
CA LYS B 280 -23.79 47.57 -13.18
C LYS B 280 -24.30 46.94 -11.88
N GLU B 281 -25.59 47.24 -11.62
CA GLU B 281 -26.45 46.55 -10.62
C GLU B 281 -26.59 47.31 -9.29
N GLY B 282 -27.33 46.70 -8.36
CA GLY B 282 -27.46 47.19 -6.98
C GLY B 282 -26.50 46.53 -6.01
N ILE B 283 -25.34 46.13 -6.53
CA ILE B 283 -24.19 45.72 -5.75
C ILE B 283 -22.93 46.15 -6.54
N MSE B 284 -22.18 47.08 -5.94
CA MSE B 284 -21.03 47.79 -6.54
C MSE B 284 -21.40 49.10 -7.31
O MSE B 284 -20.62 49.63 -8.09
CB MSE B 284 -20.17 46.86 -7.39
CG MSE B 284 -18.70 47.14 -7.23
SE MSE B 284 -17.55 46.32 -8.62
CE MSE B 284 -18.80 44.98 -9.56
N ASP B 285 -22.57 49.61 -7.05
CA ASP B 285 -22.98 50.85 -7.69
C ASP B 285 -21.89 51.95 -7.73
N GLU B 286 -21.26 52.23 -6.59
CA GLU B 286 -20.60 53.53 -6.32
C GLU B 286 -19.20 53.71 -6.98
N GLY B 287 -19.04 53.21 -8.21
CA GLY B 287 -17.79 53.37 -8.95
C GLY B 287 -16.65 52.68 -8.26
N GLU B 288 -16.91 51.46 -7.82
CA GLU B 288 -15.94 50.69 -7.07
C GLU B 288 -15.13 49.85 -8.05
N SER B 289 -14.22 49.05 -7.51
CA SER B 289 -13.30 48.22 -8.28
C SER B 289 -13.55 46.75 -7.97
N LEU B 290 -13.63 45.94 -9.00
CA LEU B 290 -13.89 44.53 -8.82
C LEU B 290 -12.62 43.67 -8.55
N TYR B 291 -11.49 44.12 -9.07
CA TYR B 291 -10.25 43.40 -8.91
C TYR B 291 -9.67 43.82 -7.58
N SER B 292 -10.51 44.38 -6.72
CA SER B 292 -10.08 44.77 -5.36
C SER B 292 -10.01 43.57 -4.42
N PRO B 293 -8.85 43.38 -3.77
CA PRO B 293 -8.79 42.35 -2.76
C PRO B 293 -9.61 42.85 -1.58
N ALA B 294 -10.91 42.58 -1.68
CA ALA B 294 -11.96 43.17 -0.86
C ALA B 294 -13.30 42.80 -1.45
N ASN B 295 -13.41 42.94 -2.77
CA ASN B 295 -14.58 42.49 -3.60
C ASN B 295 -14.38 41.04 -4.12
N ILE B 296 -13.56 40.31 -3.39
CA ILE B 296 -12.93 39.11 -3.91
C ILE B 296 -13.96 38.00 -4.09
N MSE B 297 -14.90 37.91 -3.16
CA MSE B 297 -15.97 36.92 -3.24
C MSE B 297 -16.81 37.17 -4.41
O MSE B 297 -17.17 36.26 -5.10
CB MSE B 297 -16.91 36.98 -2.03
CG MSE B 297 -16.31 36.47 -0.74
SE MSE B 297 -15.18 34.89 -0.98
CE MSE B 297 -16.55 33.60 -1.67
N LEU B 298 -17.12 38.43 -4.63
CA LEU B 298 -17.77 38.86 -5.90
C LEU B 298 -17.03 38.45 -7.20
N MSE B 299 -15.79 38.90 -7.34
CA MSE B 299 -14.93 38.54 -8.43
C MSE B 299 -14.92 37.01 -8.58
O MSE B 299 -14.87 36.51 -9.71
CB MSE B 299 -13.53 39.06 -8.11
CG MSE B 299 -12.47 38.67 -9.15
SE MSE B 299 -13.13 38.89 -11.06
CE MSE B 299 -11.87 37.44 -11.96
N HIS B 300 -14.93 36.27 -7.44
CA HIS B 300 -15.00 34.80 -7.47
C HIS B 300 -16.32 34.34 -8.06
N HIS B 301 -17.38 35.08 -7.74
CA HIS B 301 -18.74 34.85 -8.27
C HIS B 301 -18.83 35.01 -9.79
N VAL B 302 -18.33 36.15 -10.29
CA VAL B 302 -18.32 36.35 -11.74
C VAL B 302 -17.43 35.30 -12.44
N THR B 303 -16.29 34.96 -11.83
CA THR B 303 -15.33 34.07 -12.51
C THR B 303 -15.71 32.60 -12.36
N ALA B 304 -16.71 32.34 -11.53
CA ALA B 304 -17.36 31.03 -11.45
C ALA B 304 -18.49 30.98 -12.47
N ALA B 305 -19.20 32.10 -12.57
CA ALA B 305 -20.34 32.25 -13.47
C ALA B 305 -19.91 32.14 -14.93
N LEU B 306 -18.68 32.56 -15.21
CA LEU B 306 -18.08 32.50 -16.54
C LEU B 306 -17.45 31.14 -16.81
N ARG B 307 -16.78 30.60 -15.78
CA ARG B 307 -16.31 29.22 -15.79
C ARG B 307 -17.50 28.32 -15.97
N ALA B 308 -18.62 28.70 -15.37
CA ALA B 308 -19.84 27.91 -15.49
C ALA B 308 -20.43 27.99 -16.92
N HIS B 309 -19.96 27.11 -17.80
CA HIS B 309 -20.53 26.92 -19.15
C HIS B 309 -20.06 25.61 -19.79
N GLN B 358 -25.94 21.84 -4.84
CA GLN B 358 -27.16 22.25 -4.15
C GLN B 358 -26.89 23.34 -3.04
N ASN B 359 -25.77 23.17 -2.31
CA ASN B 359 -25.41 24.08 -1.18
C ASN B 359 -23.93 24.30 -0.87
N GLU B 360 -23.06 23.50 -1.46
CA GLU B 360 -21.64 23.59 -1.07
C GLU B 360 -21.38 23.76 0.46
N ASN B 361 -20.34 23.05 0.89
CA ASN B 361 -19.99 23.00 2.25
C ASN B 361 -18.64 23.73 2.48
N GLN B 362 -18.80 24.97 2.86
CA GLN B 362 -17.69 25.77 3.28
C GLN B 362 -16.92 25.32 4.57
N THR B 363 -15.74 25.91 4.71
CA THR B 363 -14.86 25.72 5.83
C THR B 363 -15.43 26.60 6.92
N LEU B 364 -15.65 25.95 8.06
CA LEU B 364 -16.13 26.57 9.23
C LEU B 364 -14.96 26.97 10.11
N ALA B 365 -13.87 26.27 9.97
CA ALA B 365 -12.75 26.37 10.92
C ALA B 365 -11.60 25.59 10.22
N SER B 366 -10.40 26.09 10.33
CA SER B 366 -9.20 25.42 9.88
C SER B 366 -8.06 25.68 10.86
N ILE B 367 -7.12 24.76 10.97
CA ILE B 367 -5.84 25.08 11.54
C ILE B 367 -4.84 24.08 10.94
N THR B 368 -3.62 24.50 10.76
CA THR B 368 -2.58 23.48 10.46
C THR B 368 -1.99 22.88 11.71
N PHE B 369 -1.42 21.71 11.54
CA PHE B 369 -0.83 21.08 12.69
C PHE B 369 0.24 21.79 13.34
N GLN B 370 1.04 22.47 12.53
CA GLN B 370 2.14 23.14 13.08
C GLN B 370 1.48 24.15 14.06
N ASN B 371 0.46 24.93 13.59
CA ASN B 371 -0.11 26.01 14.46
C ASN B 371 -0.96 25.48 15.68
N TYR B 372 -1.50 24.31 15.53
CA TYR B 372 -2.15 23.63 16.65
C TYR B 372 -1.07 23.31 17.76
N PHE B 373 0.06 22.77 17.35
CA PHE B 373 1.11 22.44 18.34
C PHE B 373 1.73 23.61 18.96
N ARG B 374 1.73 24.72 18.25
CA ARG B 374 2.29 25.91 18.78
C ARG B 374 1.43 26.56 19.85
N LEU B 375 0.20 26.09 20.04
CA LEU B 375 -0.63 26.58 21.10
C LEU B 375 -0.32 26.00 22.42
N TYR B 376 0.31 24.82 22.50
CA TYR B 376 0.56 24.19 23.86
C TYR B 376 1.51 25.09 24.58
N GLU B 377 1.32 25.22 25.91
CA GLU B 377 2.26 25.90 26.78
C GLU B 377 3.61 25.13 26.67
N LYS B 378 3.56 23.79 26.70
CA LYS B 378 4.75 23.01 26.60
C LYS B 378 4.56 21.96 25.50
N LEU B 379 5.62 21.76 24.71
CA LEU B 379 5.68 20.84 23.61
C LEU B 379 6.97 20.03 23.75
N ALA B 380 6.90 18.74 23.47
CA ALA B 380 8.08 17.85 23.46
C ALA B 380 7.80 16.69 22.51
N GLY B 381 8.86 15.96 22.16
CA GLY B 381 8.61 14.67 21.46
C GLY B 381 9.85 13.87 21.20
N MSE B 382 9.57 12.74 20.57
CA MSE B 382 10.56 11.70 20.34
C MSE B 382 10.67 11.32 18.91
O MSE B 382 9.69 11.30 18.16
CB MSE B 382 10.09 10.47 21.09
CG MSE B 382 10.29 10.66 22.52
SE MSE B 382 9.65 9.13 23.63
CE MSE B 382 7.92 9.05 22.75
N THR B 383 11.87 10.96 18.54
CA THR B 383 12.14 10.35 17.20
C THR B 383 13.40 9.48 17.32
N GLY B 384 13.67 8.64 16.32
CA GLY B 384 14.92 7.90 16.18
C GLY B 384 16.14 8.67 15.72
N THR B 385 17.28 7.99 15.88
CA THR B 385 18.67 8.64 15.77
C THR B 385 18.98 9.07 14.35
N ALA B 386 18.13 8.72 13.41
CA ALA B 386 18.30 8.98 11.97
C ALA B 386 18.35 10.50 11.41
N ASP B 387 18.82 11.43 12.24
CA ASP B 387 18.20 12.80 12.38
C ASP B 387 18.08 13.68 11.18
N THR B 388 19.04 14.62 11.09
CA THR B 388 19.20 15.55 10.00
C THR B 388 18.27 16.75 10.01
N GLU B 389 17.17 16.68 10.74
CA GLU B 389 16.16 17.77 10.75
C GLU B 389 16.09 18.64 12.01
N ALA B 390 17.14 18.59 12.81
CA ALA B 390 17.24 19.41 14.01
C ALA B 390 17.03 20.93 13.76
N PHE B 391 17.54 21.38 12.61
CA PHE B 391 17.43 22.80 12.15
C PHE B 391 15.96 23.17 11.88
N GLU B 392 15.21 22.29 11.32
CA GLU B 392 13.80 22.45 11.12
C GLU B 392 12.91 22.46 12.37
N PHE B 393 13.21 21.60 13.33
CA PHE B 393 12.44 21.60 14.54
C PHE B 393 12.66 22.88 15.28
N SER B 394 13.89 23.27 15.34
CA SER B 394 14.22 24.51 15.86
C SER B 394 13.48 25.70 15.20
N SER B 395 13.34 25.73 13.85
CA SER B 395 12.82 26.94 13.27
C SER B 395 11.36 26.91 13.18
N ILE B 396 10.71 25.79 13.01
CA ILE B 396 9.31 25.76 12.93
C ILE B 396 8.58 25.83 14.35
N TYR B 397 9.30 25.48 15.44
CA TYR B 397 8.65 25.01 16.69
C TYR B 397 9.37 25.41 17.92
N LYS B 398 10.59 25.88 17.73
CA LYS B 398 11.59 26.13 18.71
C LYS B 398 11.80 24.93 19.63
N LEU B 399 11.97 23.75 19.04
CA LEU B 399 12.21 22.54 19.75
C LEU B 399 13.67 22.42 19.57
N ASP B 400 14.39 22.40 20.70
CA ASP B 400 15.72 21.85 20.71
C ASP B 400 15.66 20.32 20.52
N THR B 401 16.80 19.77 20.30
CA THR B 401 16.97 18.33 20.15
C THR B 401 18.18 17.82 20.91
N VAL B 402 18.00 16.69 21.64
CA VAL B 402 19.01 16.07 22.43
C VAL B 402 19.16 14.68 21.92
N VAL B 403 20.40 14.36 21.58
CA VAL B 403 20.76 12.98 21.10
C VAL B 403 21.03 12.17 22.34
N VAL B 404 20.20 11.20 22.66
CA VAL B 404 20.32 10.47 23.94
C VAL B 404 21.25 9.28 23.69
N PRO B 405 22.19 9.01 24.58
CA PRO B 405 22.94 7.83 24.33
C PRO B 405 22.14 6.56 24.37
N THR B 406 22.67 5.55 23.72
CA THR B 406 22.07 4.25 23.74
C THR B 406 22.45 3.51 25.11
N ASN B 407 21.57 2.63 25.55
CA ASN B 407 21.83 1.92 26.83
C ASN B 407 23.11 1.07 26.75
N ARG B 408 23.34 0.37 25.69
CA ARG B 408 24.67 -0.26 25.45
C ARG B 408 25.46 0.47 24.39
N PRO B 409 26.81 0.33 24.39
CA PRO B 409 27.62 0.89 23.30
C PRO B 409 27.08 0.59 21.86
N MSE B 410 26.95 1.62 21.07
CA MSE B 410 26.53 1.46 19.72
C MSE B 410 27.80 1.20 18.90
O MSE B 410 28.62 2.08 18.66
CB MSE B 410 25.74 2.70 19.28
CG MSE B 410 24.52 2.35 18.45
SE MSE B 410 25.21 1.79 16.58
CE MSE B 410 26.32 3.54 16.00
N ILE B 411 27.96 -0.05 18.50
CA ILE B 411 29.26 -0.42 17.91
C ILE B 411 29.08 -0.70 16.42
N ARG B 412 27.91 -0.44 15.82
CA ARG B 412 27.81 -0.59 14.34
C ARG B 412 28.91 0.22 13.57
N LYS B 413 29.44 -0.41 12.56
CA LYS B 413 30.54 0.14 11.76
C LYS B 413 30.04 0.62 10.42
N ASP B 414 30.03 1.91 10.28
CA ASP B 414 29.48 2.53 9.13
C ASP B 414 30.66 2.88 8.24
N LEU B 415 30.83 2.10 7.22
CA LEU B 415 32.02 2.15 6.44
C LEU B 415 31.96 3.25 5.36
N PRO B 416 33.11 3.59 4.79
CA PRO B 416 33.13 4.66 3.76
C PRO B 416 32.24 4.29 2.55
N ASP B 417 31.43 5.25 2.08
CA ASP B 417 30.79 5.08 0.81
C ASP B 417 31.80 4.75 -0.27
N LEU B 418 31.38 3.88 -1.20
CA LEU B 418 32.09 3.46 -2.40
C LEU B 418 31.33 3.91 -3.68
N VAL B 419 32.09 4.16 -4.73
CA VAL B 419 31.70 4.96 -5.89
C VAL B 419 32.37 4.27 -7.04
N TYR B 420 31.55 3.97 -8.04
CA TYR B 420 31.95 3.18 -9.20
C TYR B 420 31.52 3.90 -10.43
N MSE B 421 32.12 3.55 -11.56
CA MSE B 421 31.77 4.17 -12.85
C MSE B 421 30.30 3.97 -13.26
O MSE B 421 29.54 4.95 -13.38
CB MSE B 421 32.64 3.58 -13.95
CG MSE B 421 34.14 3.92 -13.85
SE MSE B 421 34.39 5.90 -14.00
CE MSE B 421 35.01 5.95 -16.02
N THR B 422 29.98 2.67 -13.39
CA THR B 422 28.71 2.12 -13.92
C THR B 422 27.89 1.39 -12.86
N GLU B 423 26.58 1.25 -13.05
CA GLU B 423 25.78 0.25 -12.25
C GLU B 423 26.42 -1.15 -12.30
N ALA B 424 26.76 -1.61 -13.48
CA ALA B 424 27.20 -2.96 -13.62
C ALA B 424 28.40 -3.19 -12.74
N GLU B 425 29.23 -2.17 -12.61
CA GLU B 425 30.46 -2.35 -11.89
C GLU B 425 30.14 -2.32 -10.42
N LYS B 426 29.29 -1.40 -10.10
CA LYS B 426 28.75 -1.31 -8.76
C LYS B 426 28.16 -2.69 -8.21
N ILE B 427 27.21 -3.29 -9.00
CA ILE B 427 26.58 -4.56 -8.66
C ILE B 427 27.68 -5.58 -8.62
N GLN B 428 28.53 -5.64 -9.59
CA GLN B 428 29.51 -6.65 -9.46
C GLN B 428 30.22 -6.56 -8.09
N ALA B 429 30.43 -5.40 -7.51
CA ALA B 429 31.28 -5.34 -6.29
C ALA B 429 30.45 -5.48 -5.04
N ILE B 430 29.20 -4.99 -5.14
CA ILE B 430 28.11 -5.47 -4.26
C ILE B 430 28.01 -7.04 -4.11
N ILE B 431 27.96 -7.78 -5.24
CA ILE B 431 27.80 -9.23 -5.19
C ILE B 431 29.05 -9.80 -4.53
N GLU B 432 30.17 -9.15 -4.79
CA GLU B 432 31.41 -9.58 -4.22
C GLU B 432 31.34 -9.47 -2.70
N ASP B 433 30.76 -8.39 -2.23
CA ASP B 433 30.78 -8.08 -0.80
C ASP B 433 29.92 -9.13 -0.08
N ILE B 434 28.73 -9.30 -0.63
CA ILE B 434 27.85 -10.32 -0.16
C ILE B 434 28.40 -11.73 -0.23
N LYS B 435 28.99 -12.13 -1.34
CA LYS B 435 29.71 -13.39 -1.40
C LYS B 435 30.67 -13.59 -0.27
N GLU B 436 31.46 -12.57 -0.02
CA GLU B 436 32.55 -12.68 0.90
C GLU B 436 31.99 -12.80 2.35
N ARG B 437 30.94 -12.05 2.63
CA ARG B 437 30.32 -12.04 3.94
C ARG B 437 29.48 -13.28 4.32
N THR B 438 28.63 -13.72 3.39
CA THR B 438 27.77 -14.88 3.60
C THR B 438 28.60 -16.08 3.67
N ALA B 439 29.84 -16.04 3.23
CA ALA B 439 30.75 -17.20 3.36
C ALA B 439 31.42 -17.27 4.73
N LYS B 440 31.57 -16.15 5.41
CA LYS B 440 31.98 -16.15 6.76
C LYS B 440 30.78 -16.33 7.75
N GLY B 441 29.58 -16.63 7.27
CA GLY B 441 28.39 -16.74 8.11
C GLY B 441 27.61 -15.47 8.43
N GLN B 442 28.01 -14.31 7.87
CA GLN B 442 27.39 -13.02 8.22
C GLN B 442 26.17 -12.88 7.37
N PRO B 443 25.04 -12.48 7.98
CA PRO B 443 23.81 -12.13 7.24
C PRO B 443 23.85 -10.70 6.71
N VAL B 444 23.14 -10.50 5.57
CA VAL B 444 23.15 -9.24 4.87
C VAL B 444 21.78 -8.75 4.56
N LEU B 445 21.53 -7.44 4.70
CA LEU B 445 20.24 -6.88 4.30
C LEU B 445 20.66 -5.83 3.24
N VAL B 446 20.16 -6.06 2.02
CA VAL B 446 20.35 -5.15 0.82
C VAL B 446 19.12 -4.28 0.67
N GLY B 447 19.28 -2.95 0.90
CA GLY B 447 18.22 -1.95 0.64
C GLY B 447 18.37 -1.32 -0.78
N THR B 448 17.33 -1.37 -1.61
CA THR B 448 17.37 -0.78 -2.95
C THR B 448 16.40 0.37 -3.04
N ILE B 449 16.48 1.10 -4.14
CA ILE B 449 15.57 2.21 -4.34
C ILE B 449 14.45 1.84 -5.25
N SER B 450 14.49 0.70 -5.93
CA SER B 450 13.29 0.29 -6.65
C SER B 450 13.21 -1.23 -6.87
N ILE B 451 12.01 -1.65 -7.31
CA ILE B 451 11.72 -3.07 -7.48
C ILE B 451 12.63 -3.60 -8.56
N GLU B 452 12.88 -2.76 -9.57
CA GLU B 452 13.64 -3.13 -10.72
C GLU B 452 15.11 -3.19 -10.32
N LYS B 453 15.47 -2.29 -9.44
CA LYS B 453 16.78 -2.34 -8.78
C LYS B 453 16.94 -3.62 -7.89
N SER B 454 15.85 -4.03 -7.25
CA SER B 454 15.78 -5.31 -6.52
C SER B 454 15.95 -6.56 -7.33
N GLU B 455 15.19 -6.62 -8.43
CA GLU B 455 15.15 -7.73 -9.26
C GLU B 455 16.48 -7.90 -9.92
N LEU B 456 17.07 -6.74 -10.21
CA LEU B 456 18.43 -6.71 -10.77
C LEU B 456 19.48 -7.35 -9.85
N VAL B 457 19.64 -6.80 -8.66
CA VAL B 457 20.56 -7.35 -7.65
C VAL B 457 20.20 -8.79 -7.29
N SER B 458 18.93 -9.09 -7.14
CA SER B 458 18.53 -10.49 -7.09
C SER B 458 18.97 -11.44 -8.16
N ASN B 459 18.62 -11.09 -9.42
CA ASN B 459 19.00 -12.01 -10.42
C ASN B 459 20.49 -12.29 -10.48
N GLU B 460 21.28 -11.23 -10.23
CA GLU B 460 22.77 -11.38 -10.22
C GLU B 460 23.31 -12.28 -9.09
N LEU B 461 22.63 -12.22 -7.96
CA LEU B 461 22.87 -13.12 -6.86
C LEU B 461 22.58 -14.58 -7.19
N THR B 462 21.42 -14.78 -7.77
CA THR B 462 21.15 -16.10 -8.40
C THR B 462 22.20 -16.48 -9.43
N LYS B 463 22.67 -15.53 -10.26
CA LYS B 463 23.64 -15.88 -11.32
C LYS B 463 24.91 -16.32 -10.60
N ALA B 464 25.22 -15.70 -9.44
CA ALA B 464 26.43 -16.02 -8.73
C ALA B 464 26.22 -17.17 -7.69
N GLY B 465 24.99 -17.68 -7.58
CA GLY B 465 24.77 -18.89 -6.80
C GLY B 465 24.46 -18.55 -5.36
N ILE B 466 24.17 -17.30 -5.10
CA ILE B 466 23.88 -16.79 -3.74
C ILE B 466 22.38 -16.80 -3.43
N LYS B 467 22.04 -17.71 -2.50
CA LYS B 467 20.66 -17.83 -2.03
C LYS B 467 20.24 -16.69 -1.25
N HIS B 468 18.98 -16.37 -1.36
CA HIS B 468 18.58 -15.15 -0.73
C HIS B 468 17.12 -15.08 -0.90
N ASN B 469 16.50 -13.98 -0.52
CA ASN B 469 15.02 -13.81 -0.68
C ASN B 469 14.81 -12.31 -0.87
N VAL B 470 13.85 -11.91 -1.67
CA VAL B 470 13.48 -10.48 -1.89
C VAL B 470 12.25 -10.27 -0.99
N LEU B 471 12.09 -9.16 -0.34
CA LEU B 471 10.81 -8.82 0.23
C LEU B 471 9.97 -8.20 -0.84
N ASN B 472 8.95 -8.92 -1.21
CA ASN B 472 8.02 -8.55 -2.24
C ASN B 472 6.71 -8.01 -1.60
N ALA B 473 6.53 -6.68 -1.65
CA ALA B 473 5.35 -5.94 -1.12
C ALA B 473 3.97 -6.54 -1.38
N LYS B 474 3.85 -7.36 -2.42
CA LYS B 474 2.63 -8.08 -2.71
C LYS B 474 2.40 -9.31 -1.79
N PHE B 475 3.43 -9.77 -1.08
CA PHE B 475 3.33 -11.01 -0.27
C PHE B 475 3.88 -10.76 1.11
N HIS B 476 3.02 -10.08 1.87
CA HIS B 476 3.28 -9.50 3.17
C HIS B 476 3.56 -10.62 4.18
N ALA B 477 2.86 -11.74 4.00
CA ALA B 477 3.05 -12.93 4.78
C ALA B 477 4.44 -13.53 4.58
N ASN B 478 4.87 -13.58 3.33
CA ASN B 478 6.14 -14.19 3.00
C ASN B 478 7.23 -13.26 3.62
N GLU B 479 6.94 -11.96 3.49
CA GLU B 479 7.79 -10.86 3.98
C GLU B 479 8.08 -10.86 5.49
N ALA B 480 7.03 -11.15 6.30
CA ALA B 480 7.10 -11.34 7.76
C ALA B 480 7.90 -12.67 8.07
N ALA B 481 7.57 -13.74 7.42
CA ALA B 481 8.45 -14.95 7.55
C ALA B 481 9.92 -14.74 7.11
N ILE B 482 10.14 -13.90 6.08
CA ILE B 482 11.55 -13.69 5.61
C ILE B 482 12.34 -12.98 6.66
N VAL B 483 11.69 -11.93 7.12
CA VAL B 483 12.23 -10.95 8.04
C VAL B 483 12.65 -11.60 9.35
N ALA B 484 11.86 -12.58 9.77
CA ALA B 484 12.08 -13.40 10.94
C ALA B 484 13.42 -14.12 10.87
N GLN B 485 13.74 -14.79 9.77
CA GLN B 485 15.04 -15.51 9.65
C GLN B 485 16.16 -14.64 9.04
N ALA B 486 15.97 -13.33 8.97
CA ALA B 486 16.90 -12.46 8.25
C ALA B 486 18.27 -12.21 8.96
N GLY B 487 18.33 -12.55 10.24
CA GLY B 487 19.58 -12.55 11.03
C GLY B 487 20.24 -13.91 11.19
N TYR B 488 19.67 -14.89 10.49
CA TYR B 488 20.17 -16.22 10.46
C TYR B 488 21.50 -16.27 9.71
N PRO B 489 22.41 -17.12 10.15
CA PRO B 489 23.70 -17.15 9.47
C PRO B 489 23.53 -17.15 7.94
N ALA B 490 24.27 -16.25 7.31
CA ALA B 490 24.50 -16.16 5.86
C ALA B 490 23.20 -15.86 5.17
N ALA B 491 22.19 -15.35 5.88
CA ALA B 491 21.00 -14.98 5.25
C ALA B 491 21.25 -13.70 4.42
N VAL B 492 20.54 -13.64 3.27
CA VAL B 492 20.62 -12.45 2.35
C VAL B 492 19.23 -12.09 2.01
N THR B 493 18.86 -10.86 2.22
CA THR B 493 17.52 -10.39 2.04
C THR B 493 17.67 -9.03 1.26
N ILE B 494 16.90 -8.87 0.22
CA ILE B 494 16.81 -7.66 -0.52
C ILE B 494 15.46 -6.93 -0.29
N ALA B 495 15.53 -5.72 0.20
CA ALA B 495 14.35 -4.87 0.43
C ALA B 495 14.31 -3.58 -0.43
N THR B 496 13.10 -3.20 -0.92
CA THR B 496 12.89 -2.05 -1.86
C THR B 496 12.40 -0.84 -1.07
N ASN B 497 13.10 0.31 -1.20
CA ASN B 497 12.69 1.55 -0.53
C ASN B 497 12.07 1.21 0.80
N MSE B 498 12.94 0.74 1.68
CA MSE B 498 12.56 0.31 3.01
C MSE B 498 12.27 1.49 3.98
O MSE B 498 13.02 2.48 4.01
CB MSE B 498 13.64 -0.59 3.54
CG MSE B 498 13.06 -1.68 4.37
SE MSE B 498 14.46 -2.66 5.35
CE MSE B 498 13.25 -4.33 6.07
N ALA B 499 11.20 1.34 4.77
CA ALA B 499 10.52 2.47 5.47
C ALA B 499 11.23 3.18 6.68
N GLY B 500 10.65 3.08 7.87
CA GLY B 500 11.30 3.51 9.11
C GLY B 500 10.96 2.54 10.23
N ARG B 501 11.68 2.67 11.36
CA ARG B 501 11.64 1.70 12.47
C ARG B 501 11.72 0.23 11.92
N GLY B 502 10.59 -0.30 11.38
CA GLY B 502 10.44 -1.74 10.98
C GLY B 502 10.73 -2.86 12.02
N THR B 503 10.45 -4.10 11.64
CA THR B 503 10.66 -5.21 12.59
C THR B 503 12.14 -5.44 12.94
N ASP B 504 12.50 -5.39 14.24
CA ASP B 504 13.83 -5.80 14.71
C ASP B 504 14.20 -7.19 14.01
N ILE B 505 15.44 -7.29 13.57
CA ILE B 505 16.01 -8.46 13.00
C ILE B 505 16.93 -9.03 14.06
N VAL B 506 16.61 -10.23 14.54
CA VAL B 506 17.30 -10.87 15.61
C VAL B 506 18.40 -11.73 15.03
N LEU B 507 19.60 -11.49 15.51
CA LEU B 507 20.78 -12.21 15.11
C LEU B 507 20.77 -13.62 15.59
N GLY B 508 21.09 -14.54 14.69
CA GLY B 508 20.96 -15.95 14.92
C GLY B 508 19.63 -16.49 14.48
N GLY B 509 18.70 -15.62 14.12
CA GLY B 509 17.33 -16.02 13.88
C GLY B 509 16.58 -15.69 15.13
N SER B 510 15.26 -15.53 15.02
CA SER B 510 14.37 -15.41 16.20
C SER B 510 13.89 -16.75 16.87
N TRP B 511 14.16 -16.91 18.18
CA TRP B 511 13.99 -18.23 18.87
C TRP B 511 12.69 -18.30 19.57
N GLN B 512 11.79 -17.48 19.15
CA GLN B 512 10.54 -17.42 19.87
C GLN B 512 9.55 -17.68 18.74
N ALA B 513 9.71 -16.91 17.67
CA ALA B 513 9.31 -17.37 16.35
C ALA B 513 9.40 -18.90 16.15
N GLU B 514 10.18 -19.61 16.99
CA GLU B 514 10.42 -21.06 16.85
C GLU B 514 9.67 -21.87 17.86
N VAL B 515 9.51 -21.36 19.07
CA VAL B 515 8.66 -22.05 20.02
C VAL B 515 7.18 -21.58 19.86
N ALA B 516 7.00 -20.38 19.25
CA ALA B 516 5.69 -19.89 18.77
C ALA B 516 5.14 -20.81 17.70
N ALA B 517 5.98 -21.71 17.22
CA ALA B 517 5.55 -22.69 16.27
C ALA B 517 5.24 -24.06 16.92
N LEU B 518 5.30 -24.15 18.25
CA LEU B 518 5.23 -25.46 19.00
C LEU B 518 3.96 -25.63 19.82
N GLU B 519 3.10 -26.53 19.36
CA GLU B 519 1.70 -26.52 19.76
C GLU B 519 1.52 -27.26 21.07
N ASN B 520 2.60 -27.90 21.52
CA ASN B 520 2.81 -28.14 22.95
C ASN B 520 4.28 -28.44 23.19
N PRO B 521 4.99 -27.56 23.93
CA PRO B 521 6.42 -27.62 24.11
C PRO B 521 6.81 -28.21 25.46
N THR B 522 8.12 -28.39 25.66
CA THR B 522 8.68 -28.67 26.98
C THR B 522 9.99 -27.90 27.23
N ALA B 523 10.09 -27.39 28.47
CA ALA B 523 11.37 -27.18 29.21
C ALA B 523 12.67 -27.75 28.60
N GLU B 524 12.61 -28.98 28.10
CA GLU B 524 13.77 -29.55 27.43
C GLU B 524 13.65 -29.66 25.88
N GLN B 525 12.57 -29.09 25.31
CA GLN B 525 12.47 -28.81 23.87
C GLN B 525 12.88 -27.37 23.69
N ILE B 526 12.65 -26.63 24.76
CA ILE B 526 12.77 -25.21 24.81
C ILE B 526 14.23 -24.90 25.02
N GLU B 527 14.73 -25.43 26.13
CA GLU B 527 16.16 -25.64 26.36
C GLU B 527 16.86 -25.76 25.02
N LYS B 528 16.40 -26.71 24.21
CA LYS B 528 17.00 -27.10 22.95
C LYS B 528 17.02 -25.94 21.98
N ILE B 529 15.85 -25.38 21.73
CA ILE B 529 15.69 -24.39 20.72
C ILE B 529 16.60 -23.24 21.02
N LYS B 530 16.78 -23.00 22.31
CA LYS B 530 17.44 -21.83 22.80
C LYS B 530 18.96 -22.08 22.78
N ALA B 531 19.37 -23.27 23.18
CA ALA B 531 20.75 -23.63 23.11
C ALA B 531 21.26 -23.51 21.68
N ASP B 532 20.52 -24.13 20.77
CA ASP B 532 20.74 -24.10 19.36
C ASP B 532 20.89 -22.63 18.90
N TRP B 533 20.00 -21.79 19.36
CA TRP B 533 19.95 -20.44 19.01
C TRP B 533 21.09 -19.57 19.50
N GLN B 534 21.48 -19.74 20.77
CA GLN B 534 22.66 -19.05 21.34
C GLN B 534 23.91 -19.35 20.51
N VAL B 535 24.06 -20.59 20.10
CA VAL B 535 25.19 -20.96 19.24
C VAL B 535 25.07 -20.17 17.87
N ARG B 536 23.85 -20.04 17.31
CA ARG B 536 23.70 -19.30 16.04
C ARG B 536 23.95 -17.84 16.22
N HIS B 537 23.46 -17.33 17.33
CA HIS B 537 23.50 -15.94 17.64
C HIS B 537 24.93 -15.49 17.93
N ASP B 538 25.65 -16.28 18.71
CA ASP B 538 27.03 -15.96 18.99
C ASP B 538 27.94 -16.11 17.77
N ALA B 539 27.64 -17.07 16.92
CA ALA B 539 28.29 -17.11 15.61
C ALA B 539 27.96 -15.91 14.66
N VAL B 540 26.77 -15.32 14.72
CA VAL B 540 26.45 -14.17 13.84
C VAL B 540 27.09 -12.95 14.36
N LEU B 541 27.08 -12.77 15.66
CA LEU B 541 27.84 -11.69 16.31
C LEU B 541 29.32 -11.83 16.02
N GLU B 542 29.84 -12.99 16.16
CA GLU B 542 31.26 -13.17 15.92
C GLU B 542 31.61 -12.87 14.40
N ALA B 543 30.73 -13.23 13.47
CA ALA B 543 30.90 -12.90 12.06
C ALA B 543 30.57 -11.46 11.76
N GLY B 544 30.29 -10.61 12.73
CA GLY B 544 30.14 -9.17 12.45
C GLY B 544 28.75 -8.56 12.45
N GLY B 545 27.77 -9.34 12.83
CA GLY B 545 26.45 -8.81 12.98
C GLY B 545 25.77 -8.70 11.65
N LEU B 546 24.66 -7.94 11.60
CA LEU B 546 23.93 -7.74 10.37
C LEU B 546 24.78 -6.76 9.57
N HIS B 547 25.06 -7.08 8.30
CA HIS B 547 25.65 -6.10 7.36
C HIS B 547 24.53 -5.56 6.55
N ILE B 548 24.35 -4.23 6.59
CA ILE B 548 23.51 -3.51 5.67
C ILE B 548 24.23 -3.03 4.40
N ILE B 549 23.60 -3.29 3.23
CA ILE B 549 24.08 -2.74 1.98
C ILE B 549 23.04 -1.79 1.44
N GLY B 550 23.36 -0.47 1.26
CA GLY B 550 22.54 0.47 0.50
C GLY B 550 23.06 0.45 -0.96
N THR B 551 22.29 -0.15 -1.87
CA THR B 551 22.72 -0.22 -3.29
C THR B 551 22.70 1.14 -3.97
N GLU B 552 21.91 2.05 -3.42
CA GLU B 552 21.96 3.47 -3.80
C GLU B 552 21.65 4.24 -2.60
N ARG B 553 22.04 5.52 -2.55
CA ARG B 553 21.49 6.37 -1.49
C ARG B 553 20.20 7.09 -1.96
N HIS B 554 19.34 7.49 -1.01
CA HIS B 554 18.21 8.41 -1.22
C HIS B 554 18.67 9.86 -1.18
N GLU B 555 17.94 10.75 -1.84
CA GLU B 555 18.13 12.22 -1.62
C GLU B 555 18.10 12.52 -0.14
N SER B 556 17.09 11.94 0.53
CA SER B 556 16.96 12.06 1.99
C SER B 556 17.88 11.10 2.82
N ARG B 557 18.81 11.69 3.56
CA ARG B 557 19.70 10.91 4.37
C ARG B 557 18.98 10.24 5.52
N ARG B 558 17.97 10.90 6.10
CA ARG B 558 17.06 10.31 7.12
C ARG B 558 16.71 8.86 6.76
N ILE B 559 16.43 8.68 5.50
CA ILE B 559 16.06 7.37 5.03
C ILE B 559 17.24 6.43 4.93
N ASP B 560 18.39 6.90 4.44
CA ASP B 560 19.54 6.02 4.41
C ASP B 560 19.79 5.55 5.87
N ASN B 561 19.62 6.47 6.78
CA ASN B 561 20.01 6.32 8.17
C ASN B 561 19.13 5.28 8.88
N GLN B 562 17.85 5.25 8.49
CA GLN B 562 16.87 4.26 8.91
C GLN B 562 17.24 2.92 8.35
N LEU B 563 17.59 2.85 7.08
CA LEU B 563 18.12 1.56 6.60
C LEU B 563 19.33 0.96 7.43
N ARG B 564 20.37 1.81 7.57
CA ARG B 564 21.56 1.43 8.32
C ARG B 564 21.28 1.10 9.82
N GLY B 565 20.41 1.89 10.39
CA GLY B 565 19.85 1.70 11.72
C GLY B 565 19.14 0.38 12.04
N ARG B 566 18.84 -0.41 11.04
CA ARG B 566 18.38 -1.77 11.31
C ARG B 566 19.45 -2.70 11.78
N SER B 567 20.71 -2.34 11.65
CA SER B 567 21.85 -3.09 12.13
C SER B 567 22.42 -2.45 13.44
N GLY B 568 23.02 -3.26 14.31
CA GLY B 568 23.70 -2.80 15.53
C GLY B 568 22.79 -2.37 16.61
N ARG B 569 21.60 -2.97 16.63
CA ARG B 569 20.64 -2.62 17.68
C ARG B 569 21.03 -3.29 18.99
N GLN B 570 20.81 -2.53 20.05
CA GLN B 570 21.17 -2.94 21.45
C GLN B 570 22.47 -3.56 21.64
N GLY B 571 23.42 -2.84 21.08
CA GLY B 571 24.82 -3.05 21.32
C GLY B 571 25.44 -4.12 20.43
N ASP B 572 24.64 -4.83 19.65
CA ASP B 572 25.02 -5.84 18.64
C ASP B 572 26.07 -5.28 17.62
N ALA B 573 27.02 -6.14 17.30
CA ALA B 573 27.93 -5.88 16.20
C ALA B 573 27.06 -5.70 14.97
N GLY B 574 27.47 -4.82 14.07
CA GLY B 574 26.94 -4.81 12.76
C GLY B 574 27.75 -3.85 11.95
N SER B 575 27.43 -3.76 10.68
CA SER B 575 28.12 -2.79 9.80
C SER B 575 27.19 -2.37 8.72
N SER B 576 27.60 -1.32 8.01
CA SER B 576 26.84 -0.85 6.82
C SER B 576 27.78 -0.23 5.74
N ARG B 577 27.30 -0.24 4.51
CA ARG B 577 28.02 0.33 3.35
C ARG B 577 27.03 0.72 2.27
N PHE B 578 27.15 1.97 1.83
CA PHE B 578 26.49 2.52 0.66
C PHE B 578 27.43 2.51 -0.58
N TYR B 579 26.75 2.24 -1.71
CA TYR B 579 27.31 2.11 -3.03
C TYR B 579 26.61 3.21 -3.77
N LEU B 580 27.37 3.80 -4.68
CA LEU B 580 26.89 4.82 -5.59
C LEU B 580 27.66 4.56 -6.87
N SER B 581 27.15 4.99 -7.99
CA SER B 581 27.87 4.98 -9.23
C SER B 581 27.61 6.32 -9.92
N MSE B 582 28.45 6.59 -10.91
CA MSE B 582 28.38 7.81 -11.70
C MSE B 582 27.15 7.84 -12.53
O MSE B 582 26.65 8.90 -12.84
CB MSE B 582 29.61 7.99 -12.60
CG MSE B 582 30.99 8.10 -11.85
SE MSE B 582 30.97 9.50 -10.38
CE MSE B 582 30.86 11.09 -11.65
N GLU B 583 26.63 6.66 -12.87
CA GLU B 583 25.34 6.53 -13.59
C GLU B 583 24.15 6.86 -12.71
N ASP B 584 24.28 6.81 -11.38
CA ASP B 584 23.13 6.87 -10.45
C ASP B 584 22.44 8.20 -10.45
N ALA B 585 21.09 8.18 -10.48
CA ALA B 585 20.26 9.38 -10.23
C ALA B 585 20.87 10.44 -9.32
N LEU B 586 21.06 10.12 -8.05
CA LEU B 586 21.65 11.04 -7.03
C LEU B 586 22.87 11.84 -7.47
N MSE B 587 23.52 11.44 -8.55
CA MSE B 587 24.61 12.26 -9.08
C MSE B 587 24.17 13.66 -9.40
O MSE B 587 25.00 14.54 -9.44
CB MSE B 587 25.26 11.60 -10.31
CG MSE B 587 26.18 10.39 -9.93
SE MSE B 587 27.37 10.69 -8.28
CE MSE B 587 28.31 12.31 -8.91
N ARG B 588 22.88 13.84 -9.61
CA ARG B 588 22.28 15.10 -9.99
C ARG B 588 22.24 16.13 -8.83
N ILE B 589 22.22 15.64 -7.59
CA ILE B 589 22.12 16.55 -6.44
C ILE B 589 23.24 17.59 -6.32
N PHE B 590 24.40 17.36 -6.96
CA PHE B 590 25.58 18.30 -6.98
C PHE B 590 25.37 19.54 -7.82
N ALA B 591 24.42 19.49 -8.77
CA ALA B 591 24.06 20.65 -9.62
C ALA B 591 25.17 21.20 -10.50
N SER B 592 26.32 20.52 -10.56
CA SER B 592 27.15 20.66 -11.73
C SER B 592 27.50 19.33 -12.30
N ASP B 593 27.12 19.16 -13.55
CA ASP B 593 27.25 17.89 -14.20
C ASP B 593 28.71 17.49 -14.45
N ARG B 594 29.55 18.48 -14.75
CA ARG B 594 30.98 18.23 -15.00
C ARG B 594 31.83 18.14 -13.69
N VAL B 595 31.45 19.00 -12.71
CA VAL B 595 32.03 19.00 -11.33
C VAL B 595 31.87 17.62 -10.70
N SER B 596 30.73 17.01 -11.01
CA SER B 596 30.42 15.60 -10.73
C SER B 596 31.34 14.64 -11.49
N GLY B 597 31.52 14.87 -12.79
CA GLY B 597 32.23 13.94 -13.69
C GLY B 597 33.76 13.95 -13.58
N MSE B 598 34.24 14.47 -12.45
CA MSE B 598 35.66 14.57 -12.14
C MSE B 598 36.15 13.35 -11.34
O MSE B 598 37.34 12.99 -11.34
CB MSE B 598 35.91 15.90 -11.36
CG MSE B 598 37.32 16.55 -11.53
SE MSE B 598 38.35 16.21 -13.21
CE MSE B 598 37.93 17.80 -14.48
N MSE B 599 35.22 12.67 -10.70
CA MSE B 599 35.54 11.43 -9.99
C MSE B 599 35.70 10.31 -11.01
O MSE B 599 36.48 9.39 -10.87
CB MSE B 599 34.47 11.12 -8.92
CG MSE B 599 34.50 12.03 -7.67
SE MSE B 599 32.64 12.32 -7.19
CE MSE B 599 32.39 12.78 -5.08
N ARG B 600 34.94 10.43 -12.07
CA ARG B 600 35.26 9.78 -13.30
C ARG B 600 36.76 9.64 -13.57
N LYS B 601 37.54 10.65 -13.16
CA LYS B 601 38.95 10.74 -13.52
C LYS B 601 39.84 9.96 -12.54
N LEU B 602 39.21 9.50 -11.47
CA LEU B 602 39.69 8.35 -10.68
C LEU B 602 39.15 6.95 -11.25
N GLY B 603 39.12 6.77 -12.60
CA GLY B 603 38.54 5.60 -13.31
C GLY B 603 38.46 4.22 -12.61
N MSE B 604 37.98 4.25 -11.34
CA MSE B 604 37.64 3.09 -10.46
C MSE B 604 37.95 1.64 -10.90
O MSE B 604 37.09 0.78 -10.91
CB MSE B 604 36.12 3.14 -10.16
CG MSE B 604 35.71 4.30 -9.24
SE MSE B 604 34.80 5.90 -10.07
CE MSE B 604 34.79 7.28 -8.39
N LYS B 605 39.21 1.37 -11.22
CA LYS B 605 39.57 0.19 -12.01
C LYS B 605 38.86 -1.10 -11.53
N PRO B 606 38.25 -1.86 -12.51
CA PRO B 606 37.57 -3.17 -12.39
C PRO B 606 37.83 -4.01 -11.11
N GLY B 607 39.07 -4.49 -10.93
CA GLY B 607 39.39 -5.47 -9.87
C GLY B 607 39.46 -4.83 -8.50
N GLU B 608 40.00 -3.60 -8.51
CA GLU B 608 40.59 -2.87 -7.38
C GLU B 608 39.55 -1.93 -6.72
N ALA B 609 40.05 -0.96 -5.93
CA ALA B 609 39.23 -0.14 -4.97
C ALA B 609 40.14 0.60 -4.00
N ILE B 610 39.64 1.71 -3.46
CA ILE B 610 40.51 2.58 -2.58
C ILE B 610 39.88 3.14 -1.27
N GLU B 611 38.72 3.75 -1.40
CA GLU B 611 38.15 4.52 -0.28
C GLU B 611 38.76 5.91 -0.13
N HIS B 612 37.90 6.94 -0.15
CA HIS B 612 38.32 8.33 0.21
C HIS B 612 37.34 8.96 1.16
N PRO B 613 37.84 9.32 2.34
CA PRO B 613 36.95 9.82 3.38
C PRO B 613 36.20 11.12 2.92
N TRP B 614 36.85 11.95 2.09
CA TRP B 614 36.21 13.18 1.65
C TRP B 614 34.98 12.94 0.77
N VAL B 615 34.93 11.82 0.05
CA VAL B 615 33.73 11.51 -0.77
C VAL B 615 32.48 11.27 0.01
N THR B 616 32.64 10.53 1.08
CA THR B 616 31.55 10.26 1.94
C THR B 616 31.02 11.58 2.49
N LYS B 617 31.93 12.49 2.89
CA LYS B 617 31.46 13.74 3.49
C LYS B 617 30.88 14.67 2.38
N ALA B 618 31.50 14.69 1.18
CA ALA B 618 30.88 15.39 0.02
C ALA B 618 29.43 15.01 -0.19
N ILE B 619 29.17 13.72 -0.18
CA ILE B 619 27.87 13.23 -0.56
C ILE B 619 26.83 13.66 0.49
N ALA B 620 27.18 13.40 1.75
CA ALA B 620 26.42 13.73 2.91
C ALA B 620 26.18 15.23 2.92
N ASN B 621 27.22 16.02 2.71
CA ASN B 621 27.08 17.47 2.57
C ASN B 621 26.11 17.79 1.46
N ALA B 622 26.16 17.09 0.38
CA ALA B 622 25.24 17.49 -0.71
C ALA B 622 23.81 17.14 -0.34
N GLN B 623 23.63 16.08 0.47
CA GLN B 623 22.29 15.64 0.84
C GLN B 623 21.74 16.72 1.79
N ARG B 624 22.59 17.19 2.63
CA ARG B 624 22.25 18.24 3.49
C ARG B 624 21.84 19.52 2.78
N LYS B 625 22.55 19.88 1.73
CA LYS B 625 22.23 21.09 1.02
C LYS B 625 20.86 20.96 0.29
N VAL B 626 20.58 19.89 -0.37
CA VAL B 626 19.24 19.64 -0.92
C VAL B 626 18.09 19.72 0.18
N GLU B 627 18.28 19.03 1.27
CA GLU B 627 17.41 19.22 2.38
C GLU B 627 17.26 20.70 2.79
N SER B 628 18.37 21.39 2.92
CA SER B 628 18.31 22.75 3.35
C SER B 628 17.56 23.61 2.40
N ARG B 629 17.80 23.44 1.09
CA ARG B 629 17.08 24.25 0.09
C ARG B 629 15.63 23.84 0.04
N ASN B 630 15.29 22.57 0.29
CA ASN B 630 13.89 22.21 0.36
C ASN B 630 13.18 22.93 1.56
N PHE B 631 13.90 23.12 2.68
CA PHE B 631 13.35 23.73 3.77
C PHE B 631 13.21 25.26 3.63
N ASP B 632 14.17 25.90 2.98
CA ASP B 632 13.95 27.26 2.52
C ASP B 632 12.61 27.42 1.76
N ILE B 633 12.30 26.47 0.89
CA ILE B 633 11.09 26.57 0.04
C ILE B 633 9.83 26.49 0.91
N ARG B 634 9.93 25.59 1.83
CA ARG B 634 8.97 25.43 2.79
C ARG B 634 8.80 26.57 3.87
N LYS B 635 9.89 27.24 4.25
CA LYS B 635 9.87 28.41 5.10
C LYS B 635 9.08 29.48 4.43
N GLN B 636 9.22 29.68 3.13
CA GLN B 636 8.39 30.66 2.46
C GLN B 636 6.85 30.33 2.55
N LEU B 637 6.50 29.06 2.34
CA LEU B 637 5.15 28.60 2.60
C LEU B 637 4.67 28.87 4.01
N LEU B 638 5.52 28.62 4.99
CA LEU B 638 5.11 28.82 6.37
C LEU B 638 4.97 30.31 6.68
N GLU B 639 5.74 31.17 6.04
CA GLU B 639 5.44 32.58 6.21
C GLU B 639 4.00 32.99 5.77
N TYR B 640 3.45 32.31 4.75
CA TYR B 640 2.11 32.68 4.24
C TYR B 640 1.21 32.24 5.32
N ASP B 641 1.52 31.09 5.85
CA ASP B 641 0.79 30.52 6.93
C ASP B 641 0.72 31.32 8.26
N ASP B 642 1.79 32.09 8.52
CA ASP B 642 1.91 32.82 9.77
C ASP B 642 0.90 33.99 9.77
N VAL B 643 0.54 34.50 8.60
CA VAL B 643 -0.48 35.50 8.38
C VAL B 643 -1.84 35.04 8.87
N ALA B 644 -2.22 33.84 8.42
CA ALA B 644 -3.46 33.21 8.86
C ALA B 644 -3.38 32.79 10.33
N ASN B 645 -2.28 32.28 10.77
CA ASN B 645 -2.16 31.90 12.19
C ASN B 645 -2.39 33.17 13.07
N ASP B 646 -1.79 34.29 12.69
CA ASP B 646 -1.77 35.49 13.55
C ASP B 646 -3.23 35.96 13.63
N GLN B 647 -3.94 35.92 12.47
CA GLN B 647 -5.36 36.33 12.44
C GLN B 647 -6.29 35.38 13.15
N ARG B 648 -6.04 34.08 13.07
CA ARG B 648 -6.85 33.07 13.74
C ARG B 648 -6.65 33.09 15.26
N ARG B 649 -5.39 33.20 15.71
CA ARG B 649 -5.17 33.41 17.08
C ARG B 649 -5.89 34.62 17.68
N ALA B 650 -5.84 35.74 17.02
CA ALA B 650 -6.44 36.95 17.51
C ALA B 650 -7.97 36.75 17.54
N ILE B 651 -8.51 36.23 16.48
CA ILE B 651 -9.96 36.20 16.42
C ILE B 651 -10.52 35.12 17.46
N TYR B 652 -9.78 34.10 17.68
CA TYR B 652 -10.29 32.97 18.52
C TYR B 652 -10.16 33.47 19.95
N SER B 653 -9.14 34.28 20.18
CA SER B 653 -8.89 34.90 21.46
C SER B 653 -10.03 35.84 21.91
N GLN B 654 -10.48 36.71 20.99
CA GLN B 654 -11.67 37.43 21.10
C GLN B 654 -12.89 36.57 21.26
N ARG B 655 -13.02 35.40 20.59
CA ARG B 655 -14.21 34.59 20.62
C ARG B 655 -14.35 33.91 21.99
N ASN B 656 -13.24 33.51 22.52
CA ASN B 656 -13.14 32.87 23.81
C ASN B 656 -13.29 33.79 24.97
N GLU B 657 -12.96 35.10 24.81
CA GLU B 657 -13.26 36.12 25.83
C GLU B 657 -14.78 36.24 25.95
N LEU B 658 -15.42 36.42 24.82
CA LEU B 658 -16.81 36.45 24.78
C LEU B 658 -17.46 35.21 25.31
N LEU B 659 -17.04 34.07 24.81
CA LEU B 659 -17.66 32.85 25.27
C LEU B 659 -17.55 32.77 26.81
N ASP B 660 -16.45 33.22 27.39
CA ASP B 660 -16.29 32.94 28.83
C ASP B 660 -17.11 33.84 29.79
N VAL B 661 -17.64 34.91 29.22
CA VAL B 661 -18.48 35.92 29.88
C VAL B 661 -20.03 35.55 29.65
N SER B 662 -20.78 35.40 30.76
CA SER B 662 -22.24 35.19 30.73
C SER B 662 -22.89 36.47 30.34
N ASP B 663 -22.18 37.58 30.61
CA ASP B 663 -22.76 38.95 30.40
C ASP B 663 -21.83 39.77 29.54
N VAL B 664 -22.29 40.09 28.34
CA VAL B 664 -21.46 40.72 27.29
C VAL B 664 -21.80 42.22 27.26
N SER B 665 -22.61 42.63 28.22
CA SER B 665 -23.31 43.93 28.15
C SER B 665 -22.45 45.19 28.07
N GLU B 666 -21.40 45.24 28.87
CA GLU B 666 -20.53 46.42 28.90
C GLU B 666 -19.68 46.53 27.61
N THR B 667 -19.30 45.36 27.06
CA THR B 667 -18.66 45.24 25.74
C THR B 667 -19.62 45.78 24.71
N ILE B 668 -20.85 45.28 24.73
CA ILE B 668 -21.90 45.91 23.89
C ILE B 668 -22.03 47.46 24.01
N ASN B 669 -21.97 47.96 25.25
CA ASN B 669 -22.13 49.39 25.49
C ASN B 669 -20.93 50.02 24.82
N SER B 670 -19.74 49.45 24.99
CA SER B 670 -18.62 50.15 24.41
C SER B 670 -18.65 50.16 22.85
N ILE B 671 -18.85 48.99 22.24
CA ILE B 671 -18.99 48.99 20.77
C ILE B 671 -20.04 49.83 20.22
N ARG B 672 -21.19 49.93 20.89
CA ARG B 672 -22.24 50.81 20.39
C ARG B 672 -21.72 52.24 20.31
N GLU B 673 -20.97 52.59 21.32
CA GLU B 673 -20.38 53.97 21.37
C GLU B 673 -19.39 54.15 20.23
N ASP B 674 -18.49 53.16 20.07
CA ASP B 674 -17.53 53.16 18.97
C ASP B 674 -18.24 53.34 17.60
N VAL B 675 -19.25 52.50 17.41
CA VAL B 675 -19.97 52.42 16.18
C VAL B 675 -20.74 53.71 16.02
N PHE B 676 -21.36 54.22 17.07
CA PHE B 676 -22.18 55.47 16.91
C PHE B 676 -21.34 56.75 16.72
N LYS B 677 -20.14 56.78 17.32
CA LYS B 677 -19.17 57.90 17.12
C LYS B 677 -18.65 57.93 15.67
N ALA B 678 -18.03 56.84 15.27
CA ALA B 678 -17.50 56.78 13.93
C ALA B 678 -18.65 57.05 12.93
N THR B 679 -19.82 56.48 13.20
CA THR B 679 -20.92 56.50 12.23
C THR B 679 -21.36 57.94 11.94
N ILE B 680 -21.36 58.80 12.97
CA ILE B 680 -21.73 60.22 12.89
C ILE B 680 -20.60 61.13 12.40
N ASP B 681 -19.40 60.85 12.92
CA ASP B 681 -18.14 61.39 12.37
C ASP B 681 -18.17 61.48 10.82
N ALA B 682 -18.57 60.40 10.13
CA ALA B 682 -18.68 60.34 8.67
C ALA B 682 -19.80 61.20 8.02
N TYR B 683 -20.22 62.28 8.70
CA TYR B 683 -21.38 63.12 8.32
C TYR B 683 -21.33 64.45 9.09
N ILE B 684 -21.06 64.35 10.40
CA ILE B 684 -20.66 65.48 11.26
C ILE B 684 -19.13 65.39 11.56
N PRO B 685 -18.35 66.44 11.15
CA PRO B 685 -16.90 66.46 11.49
C PRO B 685 -16.67 66.94 12.94
N PRO B 686 -15.92 66.17 13.76
CA PRO B 686 -15.72 66.66 15.16
C PRO B 686 -15.38 68.17 15.34
N GLN B 687 -16.05 68.78 16.33
CA GLN B 687 -15.81 70.18 16.71
C GLN B 687 -16.13 71.14 15.55
N SER B 688 -17.05 70.66 14.69
CA SER B 688 -17.42 71.31 13.43
C SER B 688 -18.68 72.14 13.55
N LEU B 689 -18.87 72.97 12.50
CA LEU B 689 -19.94 73.94 12.35
C LEU B 689 -21.25 73.28 11.82
N GLU B 690 -22.43 73.69 12.33
CA GLU B 690 -23.74 73.18 11.82
C GLU B 690 -23.85 73.41 10.31
N GLU B 691 -23.25 74.50 9.87
CA GLU B 691 -22.90 74.73 8.47
C GLU B 691 -22.37 73.43 7.77
N MSE B 692 -21.60 72.63 8.50
CA MSE B 692 -20.87 71.47 7.92
C MSE B 692 -21.46 70.06 8.13
O MSE B 692 -20.81 69.05 7.79
CB MSE B 692 -19.43 71.48 8.45
CG MSE B 692 -18.56 72.62 7.93
SE MSE B 692 -18.19 72.48 5.99
CE MSE B 692 -17.53 70.36 5.93
N TRP B 693 -22.69 70.00 8.66
CA TRP B 693 -23.33 68.71 8.99
C TRP B 693 -24.35 68.28 7.89
N ASP B 694 -24.57 66.95 7.72
CA ASP B 694 -25.49 66.42 6.67
C ASP B 694 -26.42 65.25 7.10
N ILE B 695 -27.61 65.21 6.47
CA ILE B 695 -28.62 64.12 6.69
C ILE B 695 -29.08 63.20 5.48
N PRO B 696 -29.19 63.71 4.20
CA PRO B 696 -29.63 62.83 3.08
C PRO B 696 -29.12 61.42 3.12
N GLY B 697 -27.86 61.24 3.54
CA GLY B 697 -27.29 59.89 3.85
C GLY B 697 -27.26 59.41 5.31
N LEU B 698 -27.16 60.36 6.28
CA LEU B 698 -27.18 60.17 7.77
C LEU B 698 -28.48 59.65 8.43
N GLN B 699 -29.43 60.58 8.58
CA GLN B 699 -30.87 60.34 8.67
C GLN B 699 -31.26 58.95 8.14
N GLU B 700 -31.05 58.72 6.84
CA GLU B 700 -31.16 57.37 6.23
C GLU B 700 -30.27 56.29 6.86
N ARG B 701 -28.95 56.54 6.98
CA ARG B 701 -27.99 55.54 7.58
C ARG B 701 -28.52 55.06 8.94
N LEU B 702 -28.91 55.98 9.79
CA LEU B 702 -29.55 55.63 11.06
C LEU B 702 -30.88 54.81 10.90
N LYS B 703 -31.78 55.19 10.00
CA LYS B 703 -32.95 54.34 9.75
C LYS B 703 -32.52 53.06 9.08
N ASN B 704 -31.54 53.17 8.19
CA ASN B 704 -31.19 52.02 7.32
C ASN B 704 -30.53 50.84 8.03
N ASP B 705 -29.60 51.19 8.92
CA ASP B 705 -28.79 50.23 9.65
C ASP B 705 -29.19 50.04 11.07
N PHE B 706 -30.05 50.90 11.56
CA PHE B 706 -30.37 50.86 12.96
C PHE B 706 -31.87 50.91 13.29
N ASP B 707 -32.70 50.91 12.25
CA ASP B 707 -34.13 51.09 12.44
C ASP B 707 -34.31 52.22 13.43
N LEU B 708 -33.51 53.27 13.29
CA LEU B 708 -33.59 54.37 14.25
C LEU B 708 -33.92 55.62 13.46
N ASP B 709 -35.20 56.04 13.55
CA ASP B 709 -35.73 57.08 12.73
C ASP B 709 -35.87 58.36 13.56
N LEU B 710 -34.85 59.23 13.48
CA LEU B 710 -34.87 60.52 14.18
C LEU B 710 -34.97 61.68 13.15
N PRO B 711 -36.16 62.03 12.67
CA PRO B 711 -36.14 63.10 11.64
C PRO B 711 -35.44 64.40 12.16
N ILE B 712 -34.10 64.34 12.14
CA ILE B 712 -33.23 65.06 13.10
C ILE B 712 -32.94 66.51 12.76
N ALA B 713 -33.10 66.89 11.48
CA ALA B 713 -32.94 68.29 11.03
C ALA B 713 -33.48 69.30 12.04
N GLU B 714 -34.70 69.00 12.51
CA GLU B 714 -35.55 69.93 13.28
C GLU B 714 -35.21 69.99 14.77
N TRP B 715 -34.85 68.83 15.35
CA TRP B 715 -34.31 68.79 16.70
C TRP B 715 -33.61 70.14 16.92
N LEU B 716 -32.67 70.50 16.01
CA LEU B 716 -31.75 71.65 16.18
C LEU B 716 -32.22 73.03 15.66
N ASP B 717 -33.21 73.04 14.77
CA ASP B 717 -33.82 74.30 14.31
C ASP B 717 -35.08 74.66 15.16
N LYS B 718 -35.52 73.69 15.97
CA LYS B 718 -36.64 73.82 16.92
C LYS B 718 -36.13 74.02 18.36
N GLU B 719 -35.01 73.38 18.71
CA GLU B 719 -34.35 73.61 20.00
C GLU B 719 -32.93 74.16 19.77
N PRO B 720 -32.81 75.49 19.46
CA PRO B 720 -31.54 76.10 19.01
C PRO B 720 -30.58 76.61 20.14
N GLU B 721 -29.65 75.73 20.55
CA GLU B 721 -28.81 75.90 21.77
C GLU B 721 -28.07 74.60 22.20
N LEU B 722 -28.80 73.48 22.31
CA LEU B 722 -28.28 72.19 22.85
C LEU B 722 -26.73 71.95 22.70
N HIS B 723 -26.33 71.22 21.64
CA HIS B 723 -25.11 71.41 20.83
C HIS B 723 -24.63 70.06 20.25
N GLU B 724 -23.61 70.07 19.39
CA GLU B 724 -23.07 68.84 18.71
C GLU B 724 -22.87 67.69 19.70
N GLU B 725 -22.38 68.02 20.90
CA GLU B 725 -21.99 67.01 21.91
C GLU B 725 -23.13 66.56 22.80
N THR B 726 -24.07 67.44 23.08
CA THR B 726 -25.26 67.06 23.81
C THR B 726 -26.19 66.26 22.87
N LEU B 727 -26.01 66.40 21.54
CA LEU B 727 -26.82 65.60 20.54
C LEU B 727 -26.14 64.26 20.16
N ARG B 728 -24.82 64.29 20.03
CA ARG B 728 -24.07 63.09 19.78
C ARG B 728 -24.62 62.10 20.80
N GLU B 729 -24.36 62.43 22.08
CA GLU B 729 -24.96 61.81 23.29
C GLU B 729 -26.43 61.34 23.14
N ARG B 730 -27.24 62.21 22.53
CA ARG B 730 -28.69 62.03 22.50
C ARG B 730 -29.11 60.86 21.59
N ILE B 731 -28.37 60.63 20.52
CA ILE B 731 -28.70 59.57 19.54
C ILE B 731 -28.41 58.16 20.06
N LEU B 732 -27.20 58.02 20.61
CA LEU B 732 -26.79 56.94 21.51
C LEU B 732 -27.86 56.58 22.56
N ALA B 733 -28.35 57.61 23.24
CA ALA B 733 -29.46 57.54 24.25
C ALA B 733 -30.73 56.95 23.71
N GLN B 734 -31.18 57.46 22.57
CA GLN B 734 -32.33 56.92 21.85
C GLN B 734 -32.19 55.43 21.69
N SER B 735 -30.99 55.07 21.21
CA SER B 735 -30.78 53.81 20.58
C SER B 735 -30.97 52.88 21.75
N ILE B 736 -30.31 53.26 22.84
CA ILE B 736 -30.39 52.57 24.12
C ILE B 736 -31.83 52.40 24.64
N GLU B 737 -32.66 53.43 24.41
CA GLU B 737 -34.03 53.47 24.89
C GLU B 737 -34.87 52.49 24.12
N VAL B 738 -34.70 52.39 22.79
CA VAL B 738 -35.40 51.38 22.00
C VAL B 738 -34.98 49.96 22.46
N TYR B 739 -33.76 49.88 22.95
CA TYR B 739 -33.17 48.61 23.32
C TYR B 739 -33.65 48.11 24.69
N GLN B 740 -33.59 49.00 25.69
CA GLN B 740 -34.23 48.80 27.02
C GLN B 740 -35.71 48.41 26.87
N ARG B 741 -36.37 49.14 25.99
CA ARG B 741 -37.75 48.83 25.65
C ARG B 741 -37.89 47.37 25.19
N LYS B 742 -37.03 46.93 24.28
CA LYS B 742 -37.16 45.54 23.77
C LYS B 742 -36.85 44.51 24.86
N GLU B 743 -36.12 44.93 25.87
CA GLU B 743 -35.57 44.03 26.86
C GLU B 743 -36.52 43.78 28.02
N GLU B 744 -37.23 44.82 28.47
CA GLU B 744 -38.29 44.61 29.46
C GLU B 744 -39.30 43.61 28.86
N VAL B 745 -39.39 43.59 27.53
CA VAL B 745 -40.28 42.69 26.79
C VAL B 745 -39.80 41.23 26.70
N VAL B 746 -38.50 41.06 26.71
CA VAL B 746 -37.88 39.77 26.43
C VAL B 746 -37.30 39.06 27.68
N GLY B 747 -36.79 39.84 28.63
CA GLY B 747 -36.06 39.33 29.78
C GLY B 747 -34.59 39.66 29.75
N ALA B 748 -34.12 40.27 30.82
CA ALA B 748 -32.69 40.57 31.00
C ALA B 748 -31.75 39.44 30.52
N GLU B 749 -31.91 38.28 31.10
CA GLU B 749 -31.06 37.17 30.78
C GLU B 749 -31.21 36.86 29.31
N MSE B 750 -32.42 36.55 28.89
CA MSE B 750 -32.72 36.22 27.52
C MSE B 750 -31.97 37.13 26.59
O MSE B 750 -31.40 36.68 25.60
CB MSE B 750 -34.19 36.37 27.28
CG MSE B 750 -34.65 35.68 26.03
SE MSE B 750 -34.20 33.70 26.02
CE MSE B 750 -34.60 33.35 27.70
N MSE B 751 -31.94 38.41 26.94
CA MSE B 751 -31.24 39.40 26.18
C MSE B 751 -29.76 39.35 26.19
O MSE B 751 -29.09 39.52 25.17
CB MSE B 751 -31.58 40.78 26.69
CG MSE B 751 -31.12 41.83 25.76
SE MSE B 751 -32.16 41.82 24.06
CE MSE B 751 -32.76 39.80 23.65
N ARG B 752 -29.23 39.31 27.39
CA ARG B 752 -27.83 39.17 27.55
C ARG B 752 -27.41 38.00 26.66
N HIS B 753 -28.10 36.87 26.81
CA HIS B 753 -27.72 35.67 26.10
C HIS B 753 -27.85 35.73 24.57
N PHE B 754 -28.84 36.43 24.11
CA PHE B 754 -28.96 36.79 22.71
C PHE B 754 -27.84 37.63 22.20
N GLU B 755 -27.41 38.62 22.98
CA GLU B 755 -26.36 39.48 22.48
C GLU B 755 -25.07 38.71 22.27
N LYS B 756 -24.79 37.85 23.24
CA LYS B 756 -23.65 37.02 23.24
C LYS B 756 -23.75 36.16 22.01
N GLY B 757 -24.87 35.45 21.83
CA GLY B 757 -25.13 34.69 20.64
C GLY B 757 -24.93 35.43 19.33
N VAL B 758 -25.41 36.66 19.28
CA VAL B 758 -25.19 37.50 18.10
C VAL B 758 -23.75 37.83 17.87
N MSE B 759 -23.02 38.11 18.91
CA MSE B 759 -21.63 38.44 18.74
C MSE B 759 -20.84 37.21 18.30
O MSE B 759 -19.93 37.32 17.50
CB MSE B 759 -21.09 39.00 20.01
CG MSE B 759 -21.50 40.47 20.32
SE MSE B 759 -20.31 41.16 21.83
CE MSE B 759 -18.67 41.72 20.65
N LEU B 760 -21.23 36.01 18.75
CA LEU B 760 -20.49 34.81 18.33
C LEU B 760 -20.85 34.41 16.91
N GLN B 761 -22.13 34.31 16.66
CA GLN B 761 -22.64 34.06 15.32
C GLN B 761 -22.06 35.01 14.17
N THR B 762 -21.94 36.29 14.46
CA THR B 762 -21.43 37.32 13.55
C THR B 762 -19.91 37.24 13.36
N LEU B 763 -19.20 36.95 14.44
CA LEU B 763 -17.76 36.76 14.37
C LEU B 763 -17.50 35.57 13.50
N ASP B 764 -18.22 34.49 13.76
CA ASP B 764 -18.22 33.25 12.93
C ASP B 764 -18.49 33.42 11.46
N SER B 765 -19.57 34.07 11.16
CA SER B 765 -19.90 34.46 9.75
C SER B 765 -18.75 35.22 9.02
N LEU B 766 -18.34 36.30 9.64
CA LEU B 766 -17.29 37.09 9.09
C LEU B 766 -16.02 36.34 8.87
N TRP B 767 -15.61 35.58 9.88
CA TRP B 767 -14.42 34.89 9.87
C TRP B 767 -14.38 33.81 8.72
N LYS B 768 -15.51 33.17 8.52
CA LYS B 768 -15.60 32.12 7.52
C LYS B 768 -15.57 32.81 6.17
N GLU B 769 -16.25 33.96 6.05
CA GLU B 769 -16.19 34.77 4.84
C GLU B 769 -14.70 35.06 4.57
N HIS B 770 -14.00 35.45 5.64
CA HIS B 770 -12.63 35.87 5.57
C HIS B 770 -11.65 34.80 5.08
N LEU B 771 -11.72 33.67 5.74
CA LEU B 771 -11.07 32.45 5.32
C LEU B 771 -11.27 32.05 3.83
N ALA B 772 -12.52 32.04 3.38
CA ALA B 772 -12.79 31.81 1.97
C ALA B 772 -12.10 32.81 1.02
N ALA B 773 -12.03 34.07 1.44
CA ALA B 773 -11.50 35.11 0.63
C ALA B 773 -9.96 35.04 0.56
N MSE B 774 -9.37 34.73 1.68
CA MSE B 774 -7.95 34.50 1.74
C MSE B 774 -7.47 33.30 0.91
O MSE B 774 -6.37 33.24 0.38
CB MSE B 774 -7.54 34.25 3.21
CG MSE B 774 -7.55 35.49 4.06
SE MSE B 774 -7.08 37.06 2.98
CE MSE B 774 -8.88 38.09 2.62
N ASP B 775 -8.30 32.30 0.88
CA ASP B 775 -7.96 31.11 0.17
C ASP B 775 -7.94 31.55 -1.29
N TYR B 776 -8.89 32.35 -1.67
CA TYR B 776 -8.92 32.83 -3.04
C TYR B 776 -7.74 33.69 -3.45
N LEU B 777 -7.53 34.84 -2.83
CA LEU B 777 -6.27 35.58 -2.98
C LEU B 777 -5.06 34.70 -3.09
N ARG B 778 -4.92 33.83 -2.14
CA ARG B 778 -3.74 33.02 -2.06
C ARG B 778 -3.53 32.14 -3.30
N GLN B 779 -4.62 31.72 -3.91
CA GLN B 779 -4.52 30.99 -5.16
C GLN B 779 -4.64 31.87 -6.36
N GLY B 780 -5.45 32.92 -6.29
CA GLY B 780 -5.45 33.96 -7.33
C GLY B 780 -4.11 34.67 -7.37
N ILE B 781 -3.20 34.17 -6.53
CA ILE B 781 -1.78 34.59 -6.31
C ILE B 781 -0.85 33.32 -6.11
N HIS B 782 -0.92 32.38 -7.08
CA HIS B 782 0.28 31.64 -7.56
C HIS B 782 0.68 32.36 -8.89
N LEU B 783 -0.35 32.87 -9.60
CA LEU B 783 -0.18 33.85 -10.69
C LEU B 783 -1.33 34.88 -10.79
N ARG B 784 -1.19 36.01 -10.06
CA ARG B 784 -1.93 37.28 -10.32
C ARG B 784 -1.06 38.21 -11.20
N GLY B 785 0.26 38.04 -11.06
CA GLY B 785 1.24 38.78 -11.89
C GLY B 785 2.71 38.63 -11.47
N TYR B 786 3.59 38.79 -12.48
CA TYR B 786 5.02 39.19 -12.33
C TYR B 786 6.02 38.23 -11.58
N ALA B 787 7.10 37.89 -12.31
CA ALA B 787 8.34 37.38 -11.70
C ALA B 787 8.87 38.48 -10.75
N GLN B 788 9.08 39.68 -11.33
CA GLN B 788 9.41 40.96 -10.64
C GLN B 788 8.85 41.22 -9.18
N LYS B 789 8.07 42.31 -8.96
CA LYS B 789 7.67 42.79 -7.57
C LYS B 789 7.48 41.67 -6.53
N ASP B 790 7.02 42.01 -5.31
CA ASP B 790 6.78 40.96 -4.30
C ASP B 790 5.31 40.59 -3.99
N PRO B 791 4.88 39.42 -4.58
CA PRO B 791 3.63 38.69 -4.42
C PRO B 791 3.24 38.45 -2.96
N LYS B 792 4.05 37.72 -2.22
CA LYS B 792 3.84 37.73 -0.81
C LYS B 792 4.33 39.06 -0.37
N GLN B 793 3.98 39.51 0.78
CA GLN B 793 4.23 40.96 1.08
C GLN B 793 3.00 41.65 0.67
N GLU B 794 2.76 41.85 -0.63
CA GLU B 794 1.50 42.41 -1.02
C GLU B 794 0.31 41.57 -0.50
N TYR B 795 0.45 40.28 -0.53
CA TYR B 795 -0.50 39.43 0.02
C TYR B 795 -0.61 39.63 1.56
N LYS B 796 0.51 39.76 2.29
CA LYS B 796 0.38 39.90 3.76
C LYS B 796 -0.35 41.20 4.04
N ARG B 797 -0.07 42.23 3.29
CA ARG B 797 -0.68 43.48 3.52
C ARG B 797 -2.14 43.43 3.21
N GLU B 798 -2.51 42.99 2.01
CA GLU B 798 -3.93 42.88 1.68
C GLU B 798 -4.64 42.09 2.76
N SER B 799 -4.12 40.99 3.14
CA SER B 799 -4.81 40.11 4.05
C SER B 799 -4.96 40.66 5.48
N PHE B 800 -3.85 41.26 6.02
CA PHE B 800 -3.92 41.97 7.37
C PHE B 800 -4.91 43.14 7.27
N SER B 801 -4.94 43.74 6.14
CA SER B 801 -5.82 44.85 5.93
C SER B 801 -7.26 44.44 6.00
N MSE B 802 -7.61 43.40 5.30
CA MSE B 802 -9.00 42.92 5.39
C MSE B 802 -9.39 42.36 6.72
O MSE B 802 -10.52 42.47 7.15
CB MSE B 802 -9.27 41.90 4.36
CG MSE B 802 -9.61 42.56 2.99
SE MSE B 802 -9.27 40.99 1.77
CE MSE B 802 -7.26 40.70 1.77
N PHE B 803 -8.44 41.73 7.39
CA PHE B 803 -8.67 41.37 8.79
C PHE B 803 -9.00 42.65 9.72
N ALA B 804 -8.29 43.77 9.57
CA ALA B 804 -8.68 44.94 10.34
C ALA B 804 -10.04 45.52 9.95
N ALA B 805 -10.37 45.52 8.65
CA ALA B 805 -11.68 45.92 8.22
C ALA B 805 -12.77 45.01 8.85
N MSE B 806 -12.46 43.73 8.95
CA MSE B 806 -13.42 42.73 9.45
C MSE B 806 -13.69 43.04 10.93
O MSE B 806 -14.78 42.88 11.38
CB MSE B 806 -12.79 41.31 9.30
CG MSE B 806 -13.72 40.17 9.74
SE MSE B 806 -12.77 38.46 9.99
CE MSE B 806 -11.76 38.94 11.80
N LEU B 807 -12.64 43.40 11.67
CA LEU B 807 -12.72 43.74 13.06
C LEU B 807 -13.72 44.91 13.34
N GLU B 808 -13.71 45.93 12.53
CA GLU B 808 -14.61 47.01 12.66
C GLU B 808 -16.03 46.64 12.14
N SER B 809 -16.07 45.76 11.14
CA SER B 809 -17.32 45.37 10.44
C SER B 809 -18.05 44.46 11.44
N LEU B 810 -17.27 43.75 12.24
CA LEU B 810 -17.86 42.98 13.33
C LEU B 810 -18.59 43.85 14.39
N LYS B 811 -17.93 44.93 14.84
CA LYS B 811 -18.54 45.89 15.78
C LYS B 811 -19.84 46.43 15.17
N TYR B 812 -19.72 46.91 13.96
CA TYR B 812 -20.86 47.52 13.34
C TYR B 812 -22.00 46.53 13.01
N GLU B 813 -21.69 45.35 12.51
CA GLU B 813 -22.75 44.33 12.20
C GLU B 813 -23.51 43.77 13.47
N VAL B 814 -22.78 43.66 14.59
CA VAL B 814 -23.40 43.32 15.87
C VAL B 814 -24.42 44.44 16.30
N ILE B 815 -23.98 45.70 16.23
CA ILE B 815 -24.83 46.83 16.66
C ILE B 815 -25.98 46.93 15.76
N SER B 816 -25.80 46.91 14.46
CA SER B 816 -27.00 46.88 13.57
C SER B 816 -28.02 45.83 14.08
N THR B 817 -27.54 44.60 14.22
CA THR B 817 -28.45 43.45 14.51
C THR B 817 -29.29 43.74 15.72
N LEU B 818 -28.65 44.18 16.78
CA LEU B 818 -29.34 44.46 18.02
C LEU B 818 -30.34 45.58 17.93
N SER B 819 -29.94 46.67 17.29
CA SER B 819 -30.89 47.72 16.82
C SER B 819 -32.16 47.27 16.11
N LYS B 820 -32.03 46.40 15.12
CA LYS B 820 -33.14 46.12 14.20
C LYS B 820 -34.00 44.90 14.59
N VAL B 821 -33.61 44.25 15.69
CA VAL B 821 -34.21 42.95 16.05
C VAL B 821 -35.71 43.14 16.32
N GLN B 822 -36.54 42.33 15.63
CA GLN B 822 -38.00 42.32 15.81
C GLN B 822 -38.42 41.56 17.08
N VAL B 823 -39.36 42.17 17.83
CA VAL B 823 -40.04 41.56 19.00
C VAL B 823 -41.49 42.12 19.13
N ARG B 824 -42.51 41.24 19.12
CA ARG B 824 -43.93 41.72 19.28
C ARG B 824 -44.16 42.46 20.61
N MSE B 825 -44.35 43.77 20.52
CA MSE B 825 -44.20 44.72 21.64
C MSE B 825 -45.48 44.79 22.50
O MSE B 825 -46.50 44.18 22.13
CB MSE B 825 -43.93 46.12 21.02
CG MSE B 825 -42.88 47.03 21.67
SE MSE B 825 -41.11 46.21 21.66
CE MSE B 825 -40.27 47.18 20.03
N PRO B 826 -45.46 45.54 23.65
CA PRO B 826 -46.69 46.04 24.28
C PRO B 826 -47.97 46.03 23.40
PG ATP C . -2.10 -22.42 0.99
O1G ATP C . -1.10 -22.92 -0.05
O2G ATP C . -1.59 -21.43 2.07
O3G ATP C . -3.36 -21.81 0.43
PB ATP C . -3.62 -23.88 2.91
O1B ATP C . -4.38 -22.59 3.14
O2B ATP C . -4.45 -25.07 2.91
O3B ATP C . -2.52 -23.85 1.71
PA ATP C . -1.26 -24.89 4.33
O1A ATP C . -0.09 -23.93 4.57
O2A ATP C . -1.11 -25.99 3.31
O3A ATP C . -2.52 -23.91 4.10
O5' ATP C . -2.04 -25.57 5.59
C5' ATP C . -2.66 -25.08 6.80
C4' ATP C . -1.85 -25.68 7.94
O4' ATP C . -2.14 -27.06 8.21
C3' ATP C . -0.32 -25.68 7.71
O3' ATP C . 0.29 -24.94 8.80
C2' ATP C . 0.09 -27.15 7.59
O2' ATP C . 1.41 -27.53 8.03
C1' ATP C . -0.95 -27.84 8.42
N9 ATP C . -1.30 -29.23 8.02
C8 ATP C . -1.76 -29.64 6.81
N7 ATP C . -2.03 -30.97 6.83
C5 ATP C . -1.73 -31.45 8.04
C6 ATP C . -1.73 -32.77 8.69
N6 ATP C . -2.14 -33.79 7.95
N1 ATP C . -1.31 -32.87 9.98
C2 ATP C . -0.89 -31.79 10.68
N3 ATP C . -0.87 -30.55 10.13
C4 ATP C . -1.23 -30.30 8.84
PG ATP D . 8.76 2.84 19.16
O1G ATP D . 8.35 4.28 18.82
O2G ATP D . 8.34 2.32 20.58
O3G ATP D . 8.45 1.83 18.01
PB ATP D . 11.24 1.88 20.36
O1B ATP D . 11.86 1.03 19.28
O2B ATP D . 12.23 2.54 21.23
O3B ATP D . 10.38 2.96 19.52
PA ATP D . 9.31 0.24 22.00
O1A ATP D . 7.83 -0.27 21.63
O2A ATP D . 9.47 1.03 23.22
O3A ATP D . 9.73 1.34 20.85
O5' ATP D . 10.70 -0.75 21.70
C5' ATP D . 11.66 -1.54 22.43
C4' ATP D . 11.25 -2.74 23.41
O4' ATP D . 11.96 -2.86 24.68
C3' ATP D . 9.81 -2.97 23.91
O3' ATP D . 9.61 -4.38 23.88
C2' ATP D . 9.70 -2.72 25.38
O2' ATP D . 8.64 -3.38 26.07
C1' ATP D . 11.05 -3.17 25.81
N9 ATP D . 11.59 -2.35 26.93
C8 ATP D . 11.72 -1.03 26.87
N7 ATP D . 12.32 -0.50 27.95
C5 ATP D . 12.54 -1.53 28.75
C6 ATP D . 13.18 -1.66 30.10
N6 ATP D . 13.57 -0.59 30.76
N1 ATP D . 13.30 -2.85 30.58
C2 ATP D . 12.80 -3.95 30.00
N3 ATP D . 12.23 -3.96 28.77
C4 ATP D . 12.10 -2.76 28.10
#